data_5L02
#
_entry.id   5L02
#
_cell.length_a   100.502
_cell.length_b   114.630
_cell.length_c   174.925
_cell.angle_alpha   90.000
_cell.angle_beta   90.000
_cell.angle_gamma   90.000
#
_symmetry.space_group_name_H-M   'P 21 21 21'
#
loop_
_entity.id
_entity.type
_entity.pdbx_description
1 polymer Catalase-peroxidase
2 non-polymer 'PROTOPORPHYRIN IX CONTAINING FE'
3 non-polymer 'SODIUM ION'
4 non-polymer 'PHOSPHATE ION'
5 non-polymer (4S)-2-METHYL-2,4-PENTANEDIOL
6 water water
#
_entity_poly.entity_id   1
_entity_poly.type   'polypeptide(L)'
_entity_poly.pdbx_seq_one_letter_code
;MSNEAKCPFHQAAGNGTSNRDWWPNQLDLSILHRHSSLSDPMGKDFNYAQAFEKLDLAAVKRDLHALMTTSQDWWPADFG
HYGGLFIRMA(TOX)HSAGTYRTADGRGGAGEGQQRFAPLNSWPDNANLDKARRLLWPIKQKYGRAISWADLLILTGNVA
LESMGFKTFGFAGGRADTWEPEDVYWGSEKIWLELSGGPNSRYSGDRQLENPLAAVQMGLIYVNPEGPDGNPDPVAAARD
IRDTFARMAMNDEETVALIAGGHTFGKTHGAGPASNVGAEPEAAGIEAQGLGWKSAYRTGKGADAITTGLEVTWTTTPTQ
WSHNFFENLFGYEWELTKSPAGAHQWVAKGADAVIPDAFDPSKKHRPTMLTTDLSLRFDPAYEKISRRFHENPEQFADAF
ARAWFKLTHRDMGPRARYLGPEVPAEVLLWQDPIPAVDHPLIDAADAAELKAKVLASGLTVSQLVSTAWAAASTFRGSDK
RGGANGARIRLAPQKDWEANQPEQLAAVLETLEAIRTAFNGAQRGGKQVSLADLIVLAGCAGVEQAAKNAGHAVTVPFAP
GRADASQEQTDVESMAVLEPVADGFRNYLKGKYRVPAEVLLVDKAQLLTLSAPEMTVLLGGLRVLGANVGQSRHGVFTAR
EQALTNDFFVNLLDMGTEWKPTAADADVFEGRDRATGELKWTGTRVDLVFGSHSQLRALAEVYGSADAQEKFVRDFVAVW
NKVMNLDRFDLA
;
_entity_poly.pdbx_strand_id   A,B
#
loop_
_chem_comp.id
_chem_comp.type
_chem_comp.name
_chem_comp.formula
HEM non-polymer 'PROTOPORPHYRIN IX CONTAINING FE' 'C34 H32 Fe N4 O4'
MPD non-polymer (4S)-2-METHYL-2,4-PENTANEDIOL 'C6 H14 O2'
NA non-polymer 'SODIUM ION' 'Na 1'
PO4 non-polymer 'PHOSPHATE ION' 'O4 P -3'
#
# COMPACT_ATOMS: atom_id res chain seq x y z
N GLY A 16 -16.91 1.99 -2.46
CA GLY A 16 -16.63 0.64 -1.91
C GLY A 16 -16.34 0.79 -0.45
N THR A 17 -16.97 0.02 0.43
CA THR A 17 -16.64 0.15 1.88
C THR A 17 -15.39 -0.65 2.09
N SER A 18 -14.48 -0.15 2.90
CA SER A 18 -13.14 -0.73 3.09
C SER A 18 -12.93 -1.10 4.58
N ASN A 19 -11.79 -1.77 4.87
CA ASN A 19 -11.50 -2.15 6.24
C ASN A 19 -11.41 -0.95 7.19
N ARG A 20 -10.74 0.13 6.71
CA ARG A 20 -10.67 1.46 7.40
C ARG A 20 -12.07 2.01 7.78
N ASP A 21 -13.08 1.86 6.88
CA ASP A 21 -14.43 2.21 7.20
C ASP A 21 -14.98 1.35 8.37
N TRP A 22 -14.90 0.01 8.25
CA TRP A 22 -15.48 -0.86 9.24
C TRP A 22 -14.77 -0.76 10.60
N TRP A 23 -13.48 -0.60 10.61
CA TRP A 23 -12.62 -0.69 11.82
C TRP A 23 -11.66 0.49 11.79
N PRO A 24 -12.19 1.72 12.08
CA PRO A 24 -11.38 2.89 11.84
C PRO A 24 -10.26 3.05 12.85
N ASN A 25 -10.28 2.37 14.01
CA ASN A 25 -9.11 2.55 14.90
C ASN A 25 -8.14 1.37 14.90
N GLN A 26 -8.18 0.50 13.91
CA GLN A 26 -7.30 -0.70 13.81
C GLN A 26 -6.03 -0.11 13.28
N LEU A 27 -4.93 -0.79 13.51
CA LEU A 27 -3.60 -0.25 13.27
C LEU A 27 -3.39 -0.26 11.77
N ASP A 28 -2.68 0.70 11.20
CA ASP A 28 -2.39 0.64 9.75
C ASP A 28 -0.97 0.27 9.31
N LEU A 29 -0.79 -0.98 8.88
CA LEU A 29 0.49 -1.51 8.55
C LEU A 29 0.94 -1.07 7.15
N SER A 30 0.03 -0.52 6.34
N SER A 30 0.03 -0.54 6.32
CA SER A 30 0.43 -0.20 4.93
CA SER A 30 0.42 -0.17 4.93
C SER A 30 1.52 0.92 4.93
C SER A 30 1.51 0.92 4.93
N ILE A 31 1.59 1.73 6.00
CA ILE A 31 2.63 2.70 6.10
C ILE A 31 4.05 2.10 6.14
N LEU A 32 4.21 0.83 6.53
CA LEU A 32 5.47 0.16 6.48
C LEU A 32 5.79 -0.43 5.12
N HIS A 33 4.84 -0.50 4.22
CA HIS A 33 5.05 -1.15 2.93
C HIS A 33 4.94 -0.18 1.72
N ARG A 34 5.14 1.08 1.96
CA ARG A 34 5.31 2.09 0.85
C ARG A 34 6.65 1.96 0.19
N HIS A 35 6.76 2.54 -0.97
CA HIS A 35 8.04 2.81 -1.57
C HIS A 35 8.56 1.47 -2.00
N SER A 36 7.70 0.50 -2.41
CA SER A 36 8.16 -0.81 -2.95
C SER A 36 8.71 -0.68 -4.35
N SER A 37 9.39 -1.71 -4.77
CA SER A 37 9.95 -1.70 -6.09
C SER A 37 8.79 -1.73 -7.10
N LEU A 38 7.58 -2.10 -6.71
CA LEU A 38 6.45 -2.18 -7.63
C LEU A 38 6.04 -0.76 -8.10
N SER A 39 6.02 0.21 -7.20
CA SER A 39 5.54 1.50 -7.47
C SER A 39 6.61 2.40 -8.18
N ASP A 40 7.84 1.98 -8.22
CA ASP A 40 8.96 2.78 -8.66
C ASP A 40 9.18 2.54 -10.11
N PRO A 41 9.16 3.57 -10.98
CA PRO A 41 9.36 3.34 -12.39
C PRO A 41 10.82 3.14 -12.77
N MET A 42 11.75 3.47 -11.91
CA MET A 42 13.15 3.31 -12.27
C MET A 42 13.52 1.84 -12.02
N GLY A 43 14.49 1.39 -12.72
CA GLY A 43 14.87 -0.04 -12.46
C GLY A 43 15.33 -0.30 -11.01
N LYS A 44 15.52 -1.61 -10.68
CA LYS A 44 15.95 -1.90 -9.36
C LYS A 44 17.40 -1.46 -9.18
N ASP A 45 18.17 -1.38 -10.25
CA ASP A 45 19.54 -0.91 -10.04
C ASP A 45 19.78 0.63 -10.17
N PHE A 46 18.72 1.41 -10.35
CA PHE A 46 18.87 2.84 -10.50
C PHE A 46 19.48 3.43 -9.26
N ASN A 47 20.51 4.15 -9.46
CA ASN A 47 21.19 4.86 -8.39
C ASN A 47 21.13 6.39 -8.72
N TYR A 48 20.37 7.13 -7.91
CA TYR A 48 20.23 8.59 -8.21
C TYR A 48 21.54 9.29 -8.12
N ALA A 49 22.28 9.03 -7.04
CA ALA A 49 23.60 9.69 -6.94
C ALA A 49 24.51 9.54 -8.14
N GLN A 50 24.54 8.36 -8.71
CA GLN A 50 25.37 8.13 -9.92
C GLN A 50 24.85 8.98 -11.13
N ALA A 51 23.53 9.13 -11.27
CA ALA A 51 22.92 9.92 -12.37
C ALA A 51 23.23 11.34 -12.13
N PHE A 52 23.04 11.81 -10.87
CA PHE A 52 23.28 13.22 -10.62
C PHE A 52 24.74 13.61 -10.82
N GLU A 53 25.66 12.73 -10.47
CA GLU A 53 27.09 13.14 -10.45
C GLU A 53 27.54 13.42 -11.90
N LYS A 54 26.88 12.88 -12.88
CA LYS A 54 27.14 13.28 -14.24
C LYS A 54 26.24 14.43 -14.86
N LEU A 55 25.29 14.95 -14.14
CA LEU A 55 24.49 16.09 -14.54
C LEU A 55 25.43 17.25 -14.79
N ASP A 56 25.20 18.00 -15.88
CA ASP A 56 25.94 19.27 -16.02
C ASP A 56 25.15 20.36 -15.23
N LEU A 57 25.45 20.54 -13.98
CA LEU A 57 24.73 21.37 -13.12
C LEU A 57 24.75 22.86 -13.62
N ALA A 58 25.92 23.30 -14.09
CA ALA A 58 26.03 24.68 -14.62
C ALA A 58 25.04 24.90 -15.79
N ALA A 59 24.86 23.87 -16.67
CA ALA A 59 23.94 23.98 -17.76
C ALA A 59 22.49 24.05 -17.28
N VAL A 60 22.16 23.27 -16.22
CA VAL A 60 20.84 23.37 -15.66
C VAL A 60 20.56 24.77 -15.13
N LYS A 61 21.57 25.31 -14.43
CA LYS A 61 21.40 26.65 -13.85
C LYS A 61 21.29 27.70 -14.94
N ARG A 62 21.96 27.57 -16.07
CA ARG A 62 21.79 28.54 -17.16
C ARG A 62 20.37 28.49 -17.72
N ASP A 63 19.81 27.27 -17.85
CA ASP A 63 18.40 27.13 -18.31
C ASP A 63 17.40 27.74 -17.33
N LEU A 64 17.65 27.53 -16.04
CA LEU A 64 16.82 28.14 -15.00
C LEU A 64 16.90 29.63 -14.98
N HIS A 65 18.09 30.15 -15.19
CA HIS A 65 18.32 31.62 -15.27
C HIS A 65 17.53 32.22 -16.45
N ALA A 66 17.54 31.61 -17.59
CA ALA A 66 16.70 32.02 -18.70
C ALA A 66 15.20 31.97 -18.47
N LEU A 67 14.76 30.89 -17.81
CA LEU A 67 13.40 30.75 -17.50
C LEU A 67 12.82 31.90 -16.63
N MET A 68 13.63 32.40 -15.72
CA MET A 68 13.17 33.38 -14.81
C MET A 68 12.50 34.62 -15.49
N THR A 69 12.98 35.02 -16.63
CA THR A 69 12.37 36.11 -17.37
C THR A 69 11.70 35.72 -18.67
N THR A 70 11.31 34.48 -18.83
CA THR A 70 10.58 34.08 -20.04
C THR A 70 9.15 33.74 -19.67
N SER A 71 8.26 34.73 -19.76
CA SER A 71 6.93 34.64 -19.22
C SER A 71 6.09 33.72 -20.12
N GLN A 72 5.33 32.82 -19.53
CA GLN A 72 4.31 32.07 -20.25
C GLN A 72 2.94 32.71 -20.08
N ASP A 73 2.17 32.75 -21.16
CA ASP A 73 0.86 33.45 -21.14
C ASP A 73 -0.22 32.79 -20.34
N TRP A 74 -0.09 31.48 -20.09
CA TRP A 74 -1.01 30.79 -19.19
C TRP A 74 -0.77 31.13 -17.69
N TRP A 75 0.37 31.72 -17.34
CA TRP A 75 0.64 32.21 -15.96
C TRP A 75 1.74 33.30 -16.05
N PRO A 76 1.36 34.50 -16.57
CA PRO A 76 2.30 35.56 -16.75
C PRO A 76 3.09 35.94 -15.53
N ALA A 77 4.35 36.19 -15.74
CA ALA A 77 5.29 36.52 -14.68
C ALA A 77 5.10 37.92 -14.12
N ASP A 78 4.84 38.04 -12.84
CA ASP A 78 4.84 39.33 -12.16
C ASP A 78 6.13 40.07 -12.42
N PHE A 79 6.08 41.38 -12.79
CA PHE A 79 7.22 42.15 -13.05
C PHE A 79 8.13 41.61 -14.12
N GLY A 80 7.63 40.75 -14.96
CA GLY A 80 8.48 40.00 -15.94
C GLY A 80 9.44 39.01 -15.34
N HIS A 81 9.27 38.59 -14.05
CA HIS A 81 10.30 37.76 -13.38
C HIS A 81 9.62 36.76 -12.43
N TYR A 82 9.82 35.47 -12.77
CA TYR A 82 9.27 34.38 -11.91
C TYR A 82 10.00 34.10 -10.56
N GLY A 83 10.95 34.92 -10.22
CA GLY A 83 11.90 34.71 -9.11
C GLY A 83 11.14 34.54 -7.81
N GLY A 84 10.30 35.52 -7.52
CA GLY A 84 9.50 35.56 -6.32
C GLY A 84 8.68 34.26 -6.18
N LEU A 85 8.02 33.89 -7.26
CA LEU A 85 7.21 32.71 -7.24
C LEU A 85 8.04 31.43 -6.92
N PHE A 86 9.21 31.29 -7.55
CA PHE A 86 10.06 30.13 -7.31
C PHE A 86 10.67 30.11 -5.93
N ILE A 87 10.98 31.28 -5.35
CA ILE A 87 11.46 31.31 -3.95
C ILE A 87 10.38 30.77 -3.03
N ARG A 88 9.16 31.27 -3.19
CA ARG A 88 8.04 30.77 -2.36
C ARG A 88 7.86 29.25 -2.57
N MET A 89 7.92 28.80 -3.83
CA MET A 89 7.86 27.38 -4.15
C MET A 89 8.89 26.55 -3.37
N ALA A 90 10.15 26.97 -3.37
CA ALA A 90 11.21 26.27 -2.75
C ALA A 90 11.02 26.40 -1.23
N TOX A 91 10.62 27.56 -0.64
CA TOX A 91 10.40 27.73 0.78
CB TOX A 91 10.23 29.19 1.12
CG TOX A 91 9.20 29.57 2.14
CD1 TOX A 91 8.01 30.27 1.95
NE1 TOX A 91 7.31 30.30 3.13
CE2 TOX A 91 7.90 29.64 4.10
CD2 TOX A 91 9.11 29.06 3.51
CE3 TOX A 91 9.97 28.35 4.29
CZ3 TOX A 91 9.70 28.13 5.64
CH2 TOX A 91 8.44 28.53 6.19
CZ2 TOX A 91 7.61 29.34 5.39
C TOX A 91 9.25 26.77 1.21
O TOX A 91 9.40 26.05 2.34
O2 TOX A 91 5.52 31.68 2.32
O1 TOX A 91 6.06 30.87 3.34
N HIS A 92 8.07 26.73 0.35
CA HIS A 92 7.01 25.77 0.83
C HIS A 92 7.45 24.31 0.76
N SER A 93 8.25 23.94 -0.24
CA SER A 93 8.82 22.62 -0.32
C SER A 93 9.54 22.24 0.98
N ALA A 94 10.38 23.09 1.48
CA ALA A 94 11.08 22.84 2.72
C ALA A 94 10.30 23.08 3.98
N GLY A 95 9.31 23.95 3.89
CA GLY A 95 8.63 24.50 5.08
C GLY A 95 7.60 23.56 5.79
N THR A 96 7.38 22.34 5.27
CA THR A 96 6.55 21.35 5.91
C THR A 96 7.24 20.58 7.05
N TYR A 97 8.54 20.74 7.15
CA TYR A 97 9.40 20.02 8.04
C TYR A 97 9.02 20.22 9.53
N ARG A 98 9.01 19.13 10.31
CA ARG A 98 8.75 19.25 11.75
C ARG A 98 9.93 18.54 12.45
N THR A 99 10.56 19.18 13.40
N THR A 99 10.54 19.21 13.41
CA THR A 99 11.66 18.59 14.11
CA THR A 99 11.67 18.63 14.11
C THR A 99 11.20 17.41 14.95
C THR A 99 11.22 17.44 14.97
N ALA A 100 9.95 17.43 15.41
CA ALA A 100 9.45 16.38 16.36
C ALA A 100 9.60 14.94 15.79
N ASP A 101 9.29 14.73 14.52
CA ASP A 101 9.51 13.47 13.85
C ASP A 101 10.39 13.46 12.65
N GLY A 102 10.84 14.66 12.23
CA GLY A 102 11.66 14.77 10.98
C GLY A 102 10.89 14.66 9.67
N ARG A 103 9.57 14.47 9.79
CA ARG A 103 8.75 14.29 8.63
C ARG A 103 8.47 15.63 7.98
N GLY A 104 7.99 15.58 6.76
CA GLY A 104 7.91 16.76 5.91
C GLY A 104 9.35 17.24 5.49
N GLY A 105 9.41 18.45 4.91
CA GLY A 105 10.62 18.99 4.29
C GLY A 105 10.68 18.70 2.78
N ALA A 106 11.75 19.21 2.16
CA ALA A 106 11.96 19.17 0.74
C ALA A 106 12.60 17.95 0.19
N GLY A 107 13.11 17.09 1.09
CA GLY A 107 13.99 16.04 0.72
C GLY A 107 13.42 14.92 -0.08
N GLU A 108 12.11 14.80 -0.23
CA GLU A 108 11.51 13.79 -1.11
C GLU A 108 10.68 14.31 -2.24
N GLY A 109 10.67 15.65 -2.43
CA GLY A 109 9.81 16.23 -3.46
C GLY A 109 8.33 16.01 -3.32
N GLN A 110 7.88 15.88 -2.11
CA GLN A 110 6.46 15.54 -1.82
C GLN A 110 5.43 16.62 -2.16
N GLN A 111 5.87 17.85 -2.47
CA GLN A 111 5.00 18.94 -2.87
C GLN A 111 4.24 18.56 -4.13
N ARG A 112 4.76 17.66 -4.97
CA ARG A 112 4.07 17.33 -6.22
C ARG A 112 2.98 16.22 -6.06
N PHE A 113 2.84 15.71 -4.84
CA PHE A 113 1.87 14.64 -4.53
C PHE A 113 0.79 15.21 -3.56
N ALA A 114 -0.30 14.46 -3.39
CA ALA A 114 -1.27 14.72 -2.36
C ALA A 114 -0.74 14.40 -0.98
N PRO A 115 -1.09 15.14 0.05
CA PRO A 115 -2.02 16.27 0.02
C PRO A 115 -1.35 17.61 -0.30
N LEU A 116 -0.02 17.67 -0.20
CA LEU A 116 0.65 18.96 -0.25
C LEU A 116 0.47 19.69 -1.54
N ASN A 117 0.29 18.98 -2.66
CA ASN A 117 0.05 19.65 -3.90
C ASN A 117 -1.23 20.47 -3.92
N SER A 118 -2.11 20.22 -2.95
CA SER A 118 -3.43 20.87 -2.92
C SER A 118 -3.72 21.51 -1.60
N TRP A 119 -2.71 21.73 -0.79
CA TRP A 119 -2.92 22.51 0.37
C TRP A 119 -3.25 23.92 -0.04
N PRO A 120 -4.15 24.61 0.71
CA PRO A 120 -4.43 26.03 0.36
C PRO A 120 -3.20 26.93 0.36
N ASP A 121 -2.30 26.71 1.30
CA ASP A 121 -1.01 27.47 1.30
C ASP A 121 -0.10 27.25 0.12
N ASN A 122 -0.31 26.15 -0.64
CA ASN A 122 0.41 25.89 -1.86
C ASN A 122 -0.30 26.23 -3.05
N ALA A 123 -1.36 27.03 -2.93
CA ALA A 123 -2.07 27.51 -4.12
C ALA A 123 -1.16 28.22 -5.13
N ASN A 124 -1.40 27.91 -6.39
CA ASN A 124 -0.60 28.35 -7.50
C ASN A 124 0.80 27.89 -7.63
N LEU A 125 1.25 27.10 -6.67
CA LEU A 125 2.64 26.48 -6.86
C LEU A 125 2.56 25.36 -7.84
N ASP A 126 1.36 24.82 -8.11
CA ASP A 126 1.15 24.03 -9.27
C ASP A 126 1.65 24.68 -10.57
N LYS A 127 1.39 25.99 -10.72
CA LYS A 127 1.80 26.68 -11.95
C LYS A 127 3.35 26.74 -11.96
N ALA A 128 3.94 27.06 -10.82
CA ALA A 128 5.40 27.13 -10.71
C ALA A 128 6.08 25.79 -11.11
N ARG A 129 5.53 24.68 -10.61
CA ARG A 129 6.09 23.36 -10.97
C ARG A 129 5.91 23.11 -12.44
N ARG A 130 4.73 23.45 -13.01
CA ARG A 130 4.53 23.21 -14.44
C ARG A 130 5.50 24.01 -15.31
N LEU A 131 5.88 25.19 -14.85
CA LEU A 131 6.89 26.02 -15.59
C LEU A 131 8.22 25.34 -15.69
N LEU A 132 8.50 24.47 -14.71
CA LEU A 132 9.80 23.72 -14.67
C LEU A 132 9.79 22.40 -15.49
N TRP A 133 8.64 22.00 -15.98
CA TRP A 133 8.57 20.74 -16.78
C TRP A 133 9.53 20.69 -17.93
N PRO A 134 9.67 21.75 -18.75
CA PRO A 134 10.56 21.64 -19.87
C PRO A 134 12.01 21.37 -19.43
N ILE A 135 12.44 21.98 -18.33
CA ILE A 135 13.82 21.71 -17.86
C ILE A 135 13.94 20.26 -17.26
N LYS A 136 12.94 19.86 -16.46
CA LYS A 136 12.89 18.47 -15.91
C LYS A 136 12.94 17.49 -17.06
N GLN A 137 12.17 17.76 -18.12
CA GLN A 137 12.10 16.91 -19.26
C GLN A 137 13.46 16.79 -20.01
N LYS A 138 14.15 17.94 -20.15
CA LYS A 138 15.45 17.98 -20.81
C LYS A 138 16.50 17.13 -20.09
N TYR A 139 16.55 17.21 -18.76
CA TYR A 139 17.61 16.63 -18.01
C TYR A 139 17.26 15.23 -17.47
N GLY A 140 15.96 14.90 -17.42
CA GLY A 140 15.52 13.54 -17.12
C GLY A 140 15.93 13.06 -15.76
N ARG A 141 16.38 11.82 -15.68
N ARG A 141 16.38 11.82 -15.68
CA ARG A 141 16.63 11.20 -14.40
CA ARG A 141 16.63 11.21 -14.38
C ARG A 141 17.88 11.75 -13.71
C ARG A 141 17.88 11.75 -13.71
N ALA A 142 18.67 12.56 -14.41
CA ALA A 142 19.87 13.15 -13.79
C ALA A 142 19.60 14.26 -12.80
N ILE A 143 18.39 14.83 -12.79
CA ILE A 143 18.01 15.74 -11.70
C ILE A 143 16.63 15.43 -11.23
N SER A 144 16.49 15.16 -9.93
CA SER A 144 15.22 14.83 -9.35
C SER A 144 14.31 16.10 -9.23
N TRP A 145 12.99 15.91 -9.21
CA TRP A 145 12.12 16.97 -8.87
C TRP A 145 12.52 17.58 -7.51
N ALA A 146 12.84 16.72 -6.56
CA ALA A 146 13.13 17.19 -5.23
C ALA A 146 14.31 18.17 -5.27
N ASP A 147 15.38 17.79 -5.98
CA ASP A 147 16.53 18.68 -6.09
C ASP A 147 16.20 19.95 -6.93
N LEU A 148 15.46 19.79 -8.00
CA LEU A 148 15.13 20.86 -8.91
C LEU A 148 14.37 21.96 -8.21
N LEU A 149 13.41 21.61 -7.38
CA LEU A 149 12.70 22.60 -6.60
C LEU A 149 13.56 23.53 -5.81
N ILE A 150 14.55 22.96 -5.13
CA ILE A 150 15.45 23.72 -4.38
C ILE A 150 16.42 24.47 -5.23
N LEU A 151 16.95 23.84 -6.23
CA LEU A 151 17.88 24.51 -7.11
C LEU A 151 17.23 25.75 -7.76
N THR A 152 15.99 25.62 -8.21
CA THR A 152 15.31 26.71 -8.83
C THR A 152 15.19 27.90 -7.87
N GLY A 153 14.87 27.65 -6.61
CA GLY A 153 14.85 28.76 -5.61
C GLY A 153 16.23 29.37 -5.43
N ASN A 154 17.34 28.58 -5.42
CA ASN A 154 18.69 29.16 -5.44
C ASN A 154 18.98 30.03 -6.70
N VAL A 155 18.58 29.56 -7.85
CA VAL A 155 18.85 30.27 -9.04
C VAL A 155 18.00 31.56 -9.10
N ALA A 156 16.80 31.53 -8.59
CA ALA A 156 16.01 32.70 -8.48
C ALA A 156 16.73 33.79 -7.66
N LEU A 157 17.13 33.40 -6.46
CA LEU A 157 17.92 34.29 -5.62
C LEU A 157 19.15 34.83 -6.34
N GLU A 158 19.95 33.96 -6.94
CA GLU A 158 21.15 34.39 -7.67
C GLU A 158 20.82 35.33 -8.80
N SER A 159 19.78 35.07 -9.55
CA SER A 159 19.44 35.87 -10.71
C SER A 159 19.06 37.28 -10.24
N MET A 160 18.57 37.41 -9.01
CA MET A 160 18.17 38.68 -8.49
C MET A 160 19.21 39.32 -7.60
N GLY A 161 20.46 38.88 -7.67
CA GLY A 161 21.58 39.52 -6.98
C GLY A 161 21.92 39.03 -5.60
N PHE A 162 21.35 37.89 -5.17
CA PHE A 162 21.70 37.37 -3.86
C PHE A 162 22.62 36.15 -3.99
N LYS A 163 23.68 36.20 -3.25
CA LYS A 163 24.72 35.19 -3.25
C LYS A 163 24.29 34.13 -2.19
N THR A 164 24.06 32.95 -2.66
CA THR A 164 23.63 31.87 -1.79
C THR A 164 24.85 31.24 -1.12
N PHE A 165 24.59 30.48 -0.06
CA PHE A 165 25.61 29.80 0.72
C PHE A 165 26.11 28.53 0.06
N GLY A 166 25.38 28.04 -0.94
CA GLY A 166 25.70 26.78 -1.60
C GLY A 166 24.45 25.92 -1.82
N PHE A 167 24.70 24.73 -2.36
CA PHE A 167 23.61 23.82 -2.75
C PHE A 167 24.21 22.39 -2.80
N ALA A 168 23.49 21.41 -2.26
CA ALA A 168 23.80 20.01 -2.45
C ALA A 168 22.65 19.32 -3.15
N GLY A 169 22.98 18.51 -4.14
CA GLY A 169 22.02 17.63 -4.76
C GLY A 169 22.08 16.28 -3.94
N GLY A 170 21.24 15.38 -4.40
CA GLY A 170 21.10 14.05 -3.81
C GLY A 170 19.77 13.69 -3.25
N ARG A 171 18.74 14.57 -3.36
CA ARG A 171 17.37 14.21 -2.90
C ARG A 171 16.75 13.28 -3.96
N ALA A 172 16.71 11.96 -3.73
CA ALA A 172 16.08 11.03 -4.71
C ALA A 172 14.61 11.30 -4.76
N ASP A 173 14.05 11.22 -5.95
CA ASP A 173 12.56 11.36 -6.04
C ASP A 173 11.83 10.14 -5.44
N THR A 174 10.62 10.38 -4.98
CA THR A 174 9.68 9.33 -4.44
C THR A 174 8.51 9.33 -5.38
N TRP A 175 7.63 8.34 -5.25
CA TRP A 175 6.65 8.03 -6.27
C TRP A 175 5.23 7.87 -5.74
N GLU A 176 5.07 8.08 -4.47
CA GLU A 176 3.78 8.14 -3.88
C GLU A 176 3.77 9.01 -2.63
N PRO A 177 2.62 9.38 -2.15
CA PRO A 177 2.56 10.21 -0.94
C PRO A 177 3.16 9.57 0.30
N GLU A 178 3.90 10.36 1.10
N GLU A 178 3.97 10.29 1.09
CA GLU A 178 4.49 9.98 2.39
CA GLU A 178 4.52 9.67 2.30
C GLU A 178 3.29 9.89 3.32
C GLU A 178 3.38 9.87 3.33
N ASP A 179 3.32 8.99 4.32
CA ASP A 179 2.24 8.96 5.35
C ASP A 179 2.67 9.84 6.48
N VAL A 180 1.99 10.95 6.62
CA VAL A 180 2.33 11.88 7.68
C VAL A 180 1.06 12.24 8.45
N TYR A 181 1.15 12.38 9.76
CA TYR A 181 0.05 12.91 10.54
C TYR A 181 0.13 14.42 10.40
N TRP A 182 -0.78 15.02 9.65
CA TRP A 182 -0.82 16.52 9.50
C TRP A 182 -1.83 17.19 10.41
N GLY A 183 -2.53 16.40 11.21
CA GLY A 183 -3.61 16.92 12.07
C GLY A 183 -4.90 16.12 11.86
N SER A 184 -5.88 16.39 12.70
CA SER A 184 -7.15 15.59 12.71
C SER A 184 -8.36 16.36 12.21
N GLU A 185 -8.17 17.59 11.78
CA GLU A 185 -9.29 18.42 11.33
C GLU A 185 -9.79 17.86 10.01
N LYS A 186 -11.10 17.98 9.81
CA LYS A 186 -11.78 17.51 8.60
C LYS A 186 -12.18 18.60 7.69
N ILE A 187 -11.77 19.82 7.99
CA ILE A 187 -12.05 21.00 7.22
C ILE A 187 -10.75 21.81 7.02
N TRP A 188 -10.48 22.17 5.77
CA TRP A 188 -9.26 22.93 5.42
C TRP A 188 -9.28 24.22 6.21
N LEU A 189 -8.14 24.53 6.83
CA LEU A 189 -7.89 25.80 7.49
C LEU A 189 -8.78 26.06 8.72
N GLU A 190 -9.40 25.01 9.25
CA GLU A 190 -10.24 25.17 10.40
C GLU A 190 -9.51 25.96 11.51
N LEU A 191 -10.25 26.96 12.01
CA LEU A 191 -9.81 27.75 13.18
C LEU A 191 -9.74 26.96 14.43
N SER A 192 -8.81 27.36 15.33
CA SER A 192 -8.57 26.59 16.53
C SER A 192 -9.84 26.44 17.43
N GLY A 193 -9.85 25.44 18.31
CA GLY A 193 -10.96 25.25 19.26
C GLY A 193 -12.12 24.42 18.71
N GLY A 194 -12.01 23.84 17.51
CA GLY A 194 -13.05 22.89 17.01
C GLY A 194 -13.02 21.53 17.66
N PRO A 195 -13.90 20.60 17.23
CA PRO A 195 -13.86 19.17 17.73
C PRO A 195 -12.55 18.48 17.47
N ASN A 196 -11.79 18.93 16.45
CA ASN A 196 -10.46 18.35 16.26
C ASN A 196 -9.26 19.29 16.51
N SER A 197 -9.40 20.18 17.48
CA SER A 197 -8.49 21.25 17.72
C SER A 197 -7.09 20.73 17.87
N ARG A 198 -6.15 21.34 17.13
CA ARG A 198 -4.77 21.04 17.35
C ARG A 198 -4.16 21.80 18.52
N TYR A 199 -4.93 22.67 19.13
CA TYR A 199 -4.50 23.50 20.30
C TYR A 199 -5.29 23.07 21.57
N SER A 200 -4.60 23.09 22.70
CA SER A 200 -5.18 22.89 24.03
C SER A 200 -4.44 23.78 25.03
N GLY A 201 -4.95 23.89 26.23
CA GLY A 201 -4.33 24.69 27.30
C GLY A 201 -4.15 26.15 26.89
N ASP A 202 -3.00 26.73 27.19
CA ASP A 202 -2.66 28.10 26.78
C ASP A 202 -1.93 28.12 25.40
N ARG A 203 -2.73 28.00 24.35
CA ARG A 203 -2.25 27.95 22.98
C ARG A 203 -1.03 26.97 22.77
N GLN A 204 -1.16 25.75 23.25
CA GLN A 204 -0.14 24.74 23.15
C GLN A 204 -0.51 23.93 21.92
N LEU A 205 0.41 23.85 20.96
CA LEU A 205 0.17 23.17 19.67
C LEU A 205 0.52 21.70 19.87
N GLU A 206 -0.31 20.75 19.47
CA GLU A 206 0.01 19.33 19.79
C GLU A 206 1.24 18.85 18.92
N ASN A 207 2.15 18.14 19.57
CA ASN A 207 3.18 17.42 18.88
C ASN A 207 2.58 16.29 18.08
N PRO A 208 3.06 15.98 16.88
CA PRO A 208 4.24 16.53 16.28
C PRO A 208 3.99 17.71 15.29
N LEU A 209 2.87 18.42 15.39
CA LEU A 209 2.46 19.45 14.39
C LEU A 209 3.31 20.67 14.48
N ALA A 210 3.45 21.32 13.34
CA ALA A 210 4.26 22.53 13.28
C ALA A 210 3.67 23.63 12.51
N ALA A 211 2.35 23.60 12.38
CA ALA A 211 1.62 24.66 11.71
C ALA A 211 0.29 24.90 12.53
N VAL A 212 -0.21 26.11 12.41
CA VAL A 212 -1.33 26.59 13.27
C VAL A 212 -2.74 26.16 12.78
N GLN A 213 -2.84 25.81 11.49
CA GLN A 213 -4.12 25.39 10.85
C GLN A 213 -3.83 24.38 9.75
N MET A 214 -4.74 23.48 9.56
CA MET A 214 -4.63 22.43 8.62
C MET A 214 -4.49 23.00 7.20
N GLY A 215 -3.36 22.71 6.55
CA GLY A 215 -3.17 23.21 5.18
C GLY A 215 -2.34 24.52 5.03
N LEU A 216 -1.84 25.00 6.15
CA LEU A 216 -0.90 26.09 6.21
C LEU A 216 0.58 25.52 6.45
N ILE A 217 1.58 26.26 6.00
CA ILE A 217 3.01 25.93 6.10
C ILE A 217 3.41 26.22 7.53
N TYR A 218 3.21 27.45 8.00
CA TYR A 218 3.49 27.80 9.39
C TYR A 218 2.31 28.52 10.11
N VAL A 219 2.09 29.78 9.83
CA VAL A 219 1.15 30.60 10.47
C VAL A 219 0.21 31.27 9.47
N ASN A 220 -0.81 31.94 10.06
CA ASN A 220 -1.85 32.58 9.32
C ASN A 220 -1.32 33.99 9.06
N PRO A 221 -1.26 34.41 7.79
CA PRO A 221 -0.70 35.71 7.51
C PRO A 221 -1.57 36.92 7.94
N GLU A 222 -2.85 36.67 8.27
CA GLU A 222 -3.69 37.73 8.86
C GLU A 222 -3.44 37.90 10.34
N GLY A 223 -2.97 36.83 11.03
CA GLY A 223 -2.88 36.79 12.46
C GLY A 223 -3.50 35.55 13.01
N PRO A 224 -3.31 35.32 14.33
CA PRO A 224 -3.76 34.04 14.91
C PRO A 224 -5.31 33.88 14.74
N ASP A 225 -5.73 32.76 14.12
CA ASP A 225 -7.12 32.46 13.74
C ASP A 225 -7.72 33.68 13.11
N GLY A 226 -6.91 34.42 12.35
CA GLY A 226 -7.43 35.54 11.58
C GLY A 226 -7.44 36.89 12.32
N ASN A 227 -6.99 36.95 13.54
CA ASN A 227 -7.03 38.19 14.31
C ASN A 227 -5.75 39.02 14.09
N PRO A 228 -5.87 40.21 13.53
CA PRO A 228 -4.66 40.90 13.04
C PRO A 228 -3.90 41.69 14.05
N ASP A 229 -3.31 40.97 14.99
CA ASP A 229 -2.47 41.57 16.01
C ASP A 229 -1.00 41.03 15.81
N PRO A 230 -0.07 41.89 15.46
CA PRO A 230 1.28 41.47 15.19
C PRO A 230 1.97 40.91 16.39
N VAL A 231 1.59 41.33 17.61
CA VAL A 231 2.21 40.78 18.81
C VAL A 231 1.88 39.29 19.06
N ALA A 232 0.58 38.99 18.93
CA ALA A 232 0.07 37.65 19.07
C ALA A 232 0.59 36.77 17.88
N ALA A 233 0.70 37.37 16.70
CA ALA A 233 1.14 36.62 15.54
C ALA A 233 2.61 36.22 15.80
N ALA A 234 3.36 37.11 16.45
CA ALA A 234 4.74 36.81 16.78
C ALA A 234 4.89 35.54 17.62
N ARG A 235 3.95 35.34 18.55
CA ARG A 235 4.02 34.12 19.35
C ARG A 235 3.87 32.86 18.53
N ASP A 236 2.94 32.88 17.58
CA ASP A 236 2.74 31.72 16.71
C ASP A 236 3.96 31.52 15.80
N ILE A 237 4.58 32.61 15.35
CA ILE A 237 5.71 32.54 14.44
C ILE A 237 6.85 31.89 15.20
N ARG A 238 7.10 32.35 16.40
CA ARG A 238 8.17 31.83 17.17
C ARG A 238 7.99 30.30 17.47
N ASP A 239 6.74 29.94 17.78
CA ASP A 239 6.46 28.56 18.19
C ASP A 239 6.59 27.66 16.93
N THR A 240 5.97 28.02 15.84
CA THR A 240 6.03 27.18 14.69
C THR A 240 7.43 27.04 14.08
N PHE A 241 8.14 28.18 13.96
CA PHE A 241 9.54 28.13 13.46
C PHE A 241 10.42 27.29 14.36
N ALA A 242 10.24 27.39 15.68
CA ALA A 242 11.03 26.54 16.61
C ALA A 242 10.76 25.05 16.35
N ARG A 243 9.53 24.77 16.02
CA ARG A 243 9.15 23.41 15.62
C ARG A 243 9.58 22.96 14.27
N MET A 244 10.16 23.88 13.51
CA MET A 244 10.87 23.55 12.28
C MET A 244 12.43 23.71 12.46
N ALA A 245 12.86 23.80 13.74
CA ALA A 245 14.25 23.95 14.16
C ALA A 245 14.92 25.27 13.82
N MET A 246 14.17 26.38 13.75
CA MET A 246 14.75 27.66 13.47
C MET A 246 14.61 28.52 14.75
N ASN A 247 15.69 29.19 15.13
CA ASN A 247 15.67 30.17 16.26
C ASN A 247 15.27 31.60 15.80
N ASP A 248 15.27 32.57 16.72
CA ASP A 248 14.83 33.89 16.41
C ASP A 248 15.61 34.57 15.26
N GLU A 249 16.90 34.49 15.29
CA GLU A 249 17.72 35.10 14.27
C GLU A 249 17.45 34.54 12.90
N GLU A 250 17.36 33.24 12.85
CA GLU A 250 17.15 32.57 11.59
C GLU A 250 15.76 32.91 11.06
N THR A 251 14.77 32.96 12.00
CA THR A 251 13.37 33.29 11.62
C THR A 251 13.20 34.67 11.01
N VAL A 252 13.78 35.68 11.67
CA VAL A 252 13.77 37.03 11.13
C VAL A 252 14.48 37.07 9.79
N ALA A 253 15.66 36.41 9.70
CA ALA A 253 16.38 36.45 8.43
C ALA A 253 15.60 35.85 7.33
N LEU A 254 14.93 34.73 7.59
CA LEU A 254 14.15 34.01 6.54
C LEU A 254 12.92 34.83 6.04
N ILE A 255 12.14 35.40 6.97
CA ILE A 255 10.92 36.03 6.61
C ILE A 255 11.23 37.34 5.89
N ALA A 256 12.13 38.12 6.47
CA ALA A 256 12.52 39.40 5.82
C ALA A 256 13.27 39.17 4.50
N GLY A 257 14.07 38.08 4.43
CA GLY A 257 14.74 37.76 3.23
C GLY A 257 13.81 37.36 2.13
N GLY A 258 12.89 36.49 2.44
CA GLY A 258 11.86 36.05 1.45
C GLY A 258 11.04 37.21 0.93
N HIS A 259 10.58 38.02 1.90
CA HIS A 259 9.68 39.15 1.54
C HIS A 259 10.44 40.37 1.00
N THR A 260 11.76 40.23 0.77
CA THR A 260 12.43 41.15 -0.06
C THR A 260 11.98 41.01 -1.49
N PHE A 261 11.43 39.86 -1.85
CA PHE A 261 11.12 39.62 -3.27
C PHE A 261 9.62 39.46 -3.54
N GLY A 262 9.18 39.85 -4.72
CA GLY A 262 7.93 39.41 -5.22
C GLY A 262 6.69 40.11 -4.55
N LYS A 263 5.57 39.40 -4.55
CA LYS A 263 4.29 39.90 -4.09
C LYS A 263 3.36 38.78 -3.75
N THR A 264 2.30 39.13 -3.01
CA THR A 264 1.16 38.31 -2.83
C THR A 264 0.09 38.52 -3.91
N HIS A 265 -0.95 37.68 -3.94
CA HIS A 265 -1.99 37.76 -4.95
C HIS A 265 -3.41 37.66 -4.37
N GLY A 266 -4.13 38.76 -4.56
CA GLY A 266 -5.53 38.85 -4.02
C GLY A 266 -6.34 39.90 -4.81
N ALA A 267 -6.40 39.77 -6.12
CA ALA A 267 -6.89 40.91 -6.95
C ALA A 267 -8.44 41.00 -6.90
N GLY A 268 -9.08 39.98 -6.40
CA GLY A 268 -10.51 39.86 -6.34
C GLY A 268 -10.96 38.82 -5.31
N PRO A 269 -12.30 38.68 -5.16
CA PRO A 269 -12.81 37.83 -4.12
C PRO A 269 -12.41 36.38 -4.31
N ALA A 270 -12.14 35.70 -3.18
CA ALA A 270 -11.71 34.32 -3.18
C ALA A 270 -12.75 33.37 -3.68
N SER A 271 -14.04 33.79 -3.73
CA SER A 271 -15.04 32.84 -4.18
C SER A 271 -14.93 32.65 -5.65
N ASN A 272 -14.22 33.49 -6.35
CA ASN A 272 -13.85 33.24 -7.73
C ASN A 272 -12.96 31.99 -8.04
N VAL A 273 -12.32 31.47 -7.01
CA VAL A 273 -11.26 30.46 -7.19
C VAL A 273 -11.88 29.07 -7.09
N GLY A 274 -11.68 28.21 -8.10
CA GLY A 274 -12.22 26.83 -8.09
C GLY A 274 -11.32 25.81 -7.34
N ALA A 275 -11.62 24.56 -7.61
CA ALA A 275 -11.14 23.39 -6.94
C ALA A 275 -9.57 23.26 -6.95
N GLU A 276 -9.03 22.97 -5.80
CA GLU A 276 -7.66 22.61 -5.66
C GLU A 276 -7.33 21.40 -6.61
N PRO A 277 -6.04 21.19 -6.95
CA PRO A 277 -5.70 20.18 -7.98
C PRO A 277 -6.26 18.79 -7.76
N GLU A 278 -6.20 18.26 -6.56
CA GLU A 278 -6.72 16.87 -6.34
C GLU A 278 -8.24 16.76 -6.55
N ALA A 279 -8.94 17.87 -6.55
CA ALA A 279 -10.41 17.91 -6.71
C ALA A 279 -10.77 18.40 -8.06
N ALA A 280 -9.89 18.98 -8.84
CA ALA A 280 -10.24 19.60 -10.13
C ALA A 280 -10.60 18.58 -11.17
N GLY A 281 -11.21 18.98 -12.24
CA GLY A 281 -11.52 18.00 -13.25
C GLY A 281 -10.27 17.51 -14.01
N ILE A 282 -10.48 16.39 -14.70
CA ILE A 282 -9.41 15.69 -15.41
C ILE A 282 -8.81 16.62 -16.49
N GLU A 283 -9.61 17.48 -17.09
CA GLU A 283 -9.12 18.39 -18.10
C GLU A 283 -8.10 19.42 -17.64
N ALA A 284 -8.10 19.70 -16.34
CA ALA A 284 -7.17 20.68 -15.77
C ALA A 284 -5.73 20.10 -15.77
N GLN A 285 -5.57 18.81 -15.98
CA GLN A 285 -4.21 18.18 -16.17
C GLN A 285 -3.27 18.55 -15.07
N GLY A 286 -3.73 18.33 -13.87
CA GLY A 286 -2.92 18.45 -12.68
C GLY A 286 -2.83 19.78 -12.08
N LEU A 287 -3.46 20.78 -12.73
CA LEU A 287 -3.47 22.08 -12.17
C LEU A 287 -4.79 22.31 -11.43
N GLY A 288 -4.81 23.38 -10.68
CA GLY A 288 -5.98 23.74 -9.84
C GLY A 288 -6.20 25.26 -9.64
N TRP A 289 -7.12 25.58 -8.72
CA TRP A 289 -7.44 26.95 -8.34
C TRP A 289 -7.72 27.83 -9.53
N LYS A 290 -8.40 27.24 -10.50
CA LYS A 290 -8.75 27.99 -11.68
C LYS A 290 -9.73 29.13 -11.20
N SER A 291 -9.48 30.32 -11.64
CA SER A 291 -10.18 31.53 -11.15
C SER A 291 -11.08 32.16 -12.29
N ALA A 292 -12.32 32.42 -11.91
CA ALA A 292 -13.25 33.15 -12.83
C ALA A 292 -13.11 34.63 -12.66
N TYR A 293 -12.18 35.12 -11.83
CA TYR A 293 -11.97 36.58 -11.72
C TYR A 293 -11.20 37.18 -12.93
N ARG A 294 -11.92 37.97 -13.74
CA ARG A 294 -11.34 38.61 -14.90
C ARG A 294 -10.52 37.63 -15.73
N THR A 295 -9.25 37.89 -16.05
CA THR A 295 -8.43 36.90 -16.87
C THR A 295 -8.00 35.64 -16.07
N GLY A 296 -8.14 35.65 -14.76
CA GLY A 296 -7.82 34.48 -13.94
C GLY A 296 -6.35 34.29 -13.57
N LYS A 297 -5.52 35.28 -13.91
CA LYS A 297 -4.05 35.20 -13.89
C LYS A 297 -3.39 36.54 -14.02
N GLY A 298 -2.03 36.59 -13.85
CA GLY A 298 -1.29 37.82 -14.06
C GLY A 298 -1.79 38.97 -13.15
N ALA A 299 -2.21 40.11 -13.76
CA ALA A 299 -2.75 41.24 -12.96
C ALA A 299 -3.99 40.87 -12.18
N ASP A 300 -4.71 39.82 -12.59
CA ASP A 300 -5.90 39.42 -11.90
C ASP A 300 -5.70 38.21 -10.98
N ALA A 301 -4.46 37.76 -10.77
CA ALA A 301 -4.20 36.62 -9.94
C ALA A 301 -4.77 36.67 -8.53
N ILE A 302 -5.34 35.56 -8.10
CA ILE A 302 -5.76 35.37 -6.68
C ILE A 302 -5.13 34.02 -6.17
N THR A 303 -4.35 34.14 -5.12
CA THR A 303 -3.65 32.99 -4.54
C THR A 303 -4.09 32.83 -3.08
N THR A 304 -3.66 33.77 -2.26
CA THR A 304 -4.10 33.77 -0.90
C THR A 304 -5.29 34.75 -0.63
N GLY A 305 -5.52 35.75 -1.50
CA GLY A 305 -6.41 36.78 -1.17
C GLY A 305 -5.77 38.02 -0.55
N LEU A 306 -4.50 37.98 -0.15
CA LEU A 306 -3.76 39.16 0.23
C LEU A 306 -3.22 39.88 -0.99
N GLU A 307 -3.05 41.21 -0.90
CA GLU A 307 -2.52 41.99 -2.00
C GLU A 307 -1.49 42.98 -1.47
N VAL A 308 -0.28 42.47 -1.24
CA VAL A 308 0.86 43.15 -0.65
C VAL A 308 2.07 42.97 -1.58
N THR A 309 2.80 44.02 -1.85
CA THR A 309 4.05 44.02 -2.51
C THR A 309 4.99 44.76 -1.59
N TRP A 310 6.05 44.07 -1.10
CA TRP A 310 6.86 44.63 -0.02
C TRP A 310 7.91 45.70 -0.38
N THR A 311 8.58 45.64 -1.52
CA THR A 311 9.69 46.49 -1.71
C THR A 311 9.53 47.27 -3.05
N THR A 312 10.36 48.30 -3.20
CA THR A 312 10.38 49.12 -4.49
C THR A 312 11.09 48.43 -5.61
N THR A 313 11.79 47.32 -5.35
CA THR A 313 12.45 46.56 -6.44
C THR A 313 12.19 45.01 -6.15
N PRO A 314 10.98 44.57 -6.40
CA PRO A 314 10.65 43.23 -6.07
C PRO A 314 11.48 42.17 -6.81
N THR A 315 12.21 42.53 -7.89
CA THR A 315 13.02 41.54 -8.57
C THR A 315 14.51 41.75 -8.32
N GLN A 316 14.88 42.41 -7.23
CA GLN A 316 16.24 42.62 -6.86
C GLN A 316 16.48 42.57 -5.41
N TRP A 317 17.61 41.93 -5.00
CA TRP A 317 17.98 41.92 -3.62
C TRP A 317 18.23 43.35 -3.12
N SER A 318 17.80 43.70 -1.91
CA SER A 318 17.91 45.06 -1.43
C SER A 318 17.81 44.97 0.09
N HIS A 319 17.90 46.12 0.77
CA HIS A 319 17.54 46.14 2.19
C HIS A 319 16.30 47.05 2.38
N ASN A 320 15.42 47.05 1.37
CA ASN A 320 14.24 47.90 1.35
C ASN A 320 13.12 47.29 2.24
N PHE A 321 13.14 45.96 2.58
CA PHE A 321 12.07 45.45 3.44
C PHE A 321 12.19 46.09 4.79
N PHE A 322 13.39 46.12 5.37
CA PHE A 322 13.53 46.73 6.67
C PHE A 322 13.46 48.32 6.60
N GLU A 323 13.91 48.93 5.52
CA GLU A 323 13.71 50.41 5.37
C GLU A 323 12.22 50.73 5.46
N ASN A 324 11.37 49.95 4.76
CA ASN A 324 9.99 50.20 4.78
C ASN A 324 9.38 49.83 6.15
N LEU A 325 9.75 48.67 6.72
CA LEU A 325 9.17 48.25 7.96
C LEU A 325 9.34 49.32 9.09
N PHE A 326 10.55 49.82 9.22
CA PHE A 326 10.95 50.78 10.23
C PHE A 326 10.67 52.28 9.79
N GLY A 327 10.64 52.55 8.50
CA GLY A 327 10.48 53.94 7.98
C GLY A 327 9.03 54.45 7.96
N TYR A 328 8.03 53.59 8.10
CA TYR A 328 6.64 54.04 8.06
C TYR A 328 5.87 53.54 9.27
N GLU A 329 4.70 54.18 9.54
CA GLU A 329 3.72 53.70 10.48
C GLU A 329 2.64 53.02 9.64
N TRP A 330 1.96 52.01 10.19
CA TRP A 330 1.18 51.09 9.38
C TRP A 330 -0.33 51.13 9.79
N GLU A 331 -1.26 51.05 8.82
CA GLU A 331 -2.66 51.07 9.07
C GLU A 331 -3.38 49.85 8.62
N LEU A 332 -4.29 49.31 9.47
CA LEU A 332 -5.03 48.11 9.15
C LEU A 332 -6.02 48.33 8.05
N THR A 333 -6.01 47.49 7.03
CA THR A 333 -6.75 47.70 5.81
C THR A 333 -7.22 46.36 5.30
N LYS A 334 -7.85 46.35 4.16
CA LYS A 334 -8.36 45.12 3.57
C LYS A 334 -7.98 45.03 2.12
N SER A 335 -7.66 43.82 1.67
CA SER A 335 -7.35 43.65 0.28
C SER A 335 -8.69 43.60 -0.54
N PRO A 336 -8.61 43.52 -1.84
CA PRO A 336 -9.83 43.30 -2.62
C PRO A 336 -10.59 42.03 -2.38
N ALA A 337 -10.00 41.01 -1.75
CA ALA A 337 -10.70 39.83 -1.38
C ALA A 337 -11.18 39.88 0.06
N GLY A 338 -10.94 40.98 0.75
CA GLY A 338 -11.40 41.07 2.12
C GLY A 338 -10.42 40.64 3.18
N ALA A 339 -9.16 40.32 2.82
CA ALA A 339 -8.23 39.87 3.86
C ALA A 339 -7.63 41.06 4.63
N HIS A 340 -7.34 40.88 5.91
CA HIS A 340 -6.62 41.92 6.64
C HIS A 340 -5.15 41.99 6.21
N GLN A 341 -4.67 43.24 6.07
CA GLN A 341 -3.34 43.57 5.70
C GLN A 341 -3.05 45.00 6.05
N TRP A 342 -1.86 45.52 5.78
CA TRP A 342 -1.43 46.81 6.36
C TRP A 342 -0.84 47.66 5.27
N VAL A 343 -1.09 48.99 5.35
CA VAL A 343 -0.61 49.93 4.34
C VAL A 343 0.08 51.08 5.07
N ALA A 344 1.10 51.64 4.44
CA ALA A 344 1.94 52.65 5.02
C ALA A 344 1.14 53.97 5.04
N LYS A 345 1.05 54.52 6.25
CA LYS A 345 0.32 55.75 6.54
C LYS A 345 1.00 56.90 5.85
N GLY A 346 0.24 57.66 5.02
CA GLY A 346 0.80 58.85 4.39
C GLY A 346 1.87 58.65 3.33
N ALA A 347 2.03 57.47 2.79
CA ALA A 347 3.22 57.23 1.96
C ALA A 347 2.93 57.65 0.54
N ASP A 348 3.95 57.92 -0.23
CA ASP A 348 3.87 58.01 -1.66
C ASP A 348 3.73 56.64 -2.33
N ALA A 349 3.26 56.67 -3.57
CA ALA A 349 3.14 55.53 -4.43
C ALA A 349 4.52 55.23 -5.05
N VAL A 350 5.30 54.43 -4.34
CA VAL A 350 6.69 54.13 -4.73
C VAL A 350 6.90 52.64 -5.13
N ILE A 351 5.90 51.76 -4.98
CA ILE A 351 6.08 50.35 -5.23
C ILE A 351 5.59 50.09 -6.65
N PRO A 352 6.39 49.43 -7.48
CA PRO A 352 5.88 49.24 -8.85
C PRO A 352 4.74 48.23 -8.94
N ASP A 353 3.94 48.42 -9.95
CA ASP A 353 2.85 47.53 -10.28
C ASP A 353 3.46 46.34 -11.02
N ALA A 354 2.84 45.17 -10.89
CA ALA A 354 3.44 43.97 -11.47
C ALA A 354 3.26 43.90 -13.01
N PHE A 355 2.26 44.63 -13.56
CA PHE A 355 2.04 44.61 -15.03
C PHE A 355 1.94 45.96 -15.80
N ASP A 356 1.61 47.00 -15.08
CA ASP A 356 1.37 48.33 -15.73
C ASP A 356 2.48 49.26 -15.33
N PRO A 357 3.42 49.55 -16.25
CA PRO A 357 4.53 50.48 -15.91
C PRO A 357 4.06 51.91 -15.50
N SER A 358 2.86 52.30 -15.74
CA SER A 358 2.46 53.66 -15.40
C SER A 358 1.80 53.72 -14.03
N LYS A 359 1.68 52.60 -13.31
CA LYS A 359 1.00 52.61 -12.04
C LYS A 359 1.94 52.26 -10.91
N LYS A 360 1.76 52.93 -9.77
CA LYS A 360 2.54 52.70 -8.59
C LYS A 360 1.68 52.59 -7.42
N HIS A 361 2.22 52.05 -6.30
CA HIS A 361 1.37 51.72 -5.12
C HIS A 361 2.08 52.09 -3.86
N ARG A 362 1.28 52.24 -2.79
CA ARG A 362 1.91 52.55 -1.49
C ARG A 362 2.56 51.20 -0.94
N PRO A 363 3.58 51.31 -0.11
CA PRO A 363 4.06 50.12 0.72
C PRO A 363 3.00 49.45 1.54
N THR A 364 3.03 48.13 1.53
CA THR A 364 2.14 47.26 2.23
C THR A 364 2.89 46.17 3.00
N MET A 365 2.24 45.58 4.01
CA MET A 365 2.82 44.59 4.87
C MET A 365 1.75 43.63 5.34
N LEU A 366 2.18 42.39 5.69
CA LEU A 366 1.33 41.47 6.35
C LEU A 366 1.39 41.75 7.86
N THR A 367 0.34 41.32 8.57
CA THR A 367 0.40 41.31 10.02
C THR A 367 1.75 40.66 10.54
N THR A 368 2.08 39.50 9.94
CA THR A 368 3.23 38.70 10.30
C THR A 368 4.57 39.34 9.99
N ASP A 369 4.60 40.26 8.97
CA ASP A 369 5.76 41.11 8.74
C ASP A 369 5.94 42.06 9.88
N LEU A 370 4.84 42.67 10.37
CA LEU A 370 4.95 43.69 11.42
C LEU A 370 5.35 43.03 12.73
N SER A 371 5.08 41.72 12.91
CA SER A 371 5.61 40.96 14.06
C SER A 371 7.09 41.20 14.21
N LEU A 372 7.80 41.34 13.09
CA LEU A 372 9.26 41.50 13.15
C LEU A 372 9.72 42.81 13.81
N ARG A 373 8.82 43.78 13.79
CA ARG A 373 9.04 45.07 14.45
C ARG A 373 8.41 45.19 15.84
N PHE A 374 7.26 44.56 16.04
CA PHE A 374 6.48 44.78 17.29
C PHE A 374 6.68 43.75 18.37
N ASP A 375 7.30 42.60 18.07
CA ASP A 375 7.71 41.68 19.12
C ASP A 375 9.01 42.20 19.60
N PRO A 376 9.22 42.31 20.92
CA PRO A 376 10.46 42.99 21.35
C PRO A 376 11.74 42.23 21.07
N ALA A 377 11.74 40.90 21.11
CA ALA A 377 12.97 40.18 20.76
C ALA A 377 13.26 40.22 19.24
N TYR A 378 12.21 40.08 18.42
CA TYR A 378 12.41 40.22 16.98
C TYR A 378 12.91 41.61 16.61
N GLU A 379 12.34 42.62 17.27
CA GLU A 379 12.69 43.97 16.96
C GLU A 379 14.19 44.24 17.10
N LYS A 380 14.84 43.70 18.07
CA LYS A 380 16.26 43.94 18.20
C LYS A 380 17.07 43.33 17.08
N ILE A 381 16.67 42.11 16.67
CA ILE A 381 17.36 41.45 15.54
C ILE A 381 17.08 42.25 14.23
N SER A 382 15.81 42.54 13.99
CA SER A 382 15.44 43.32 12.82
C SER A 382 16.18 44.63 12.76
N ARG A 383 16.35 45.30 13.90
N ARG A 383 16.34 45.29 13.89
CA ARG A 383 17.09 46.56 13.91
CA ARG A 383 17.08 46.55 13.91
C ARG A 383 18.54 46.39 13.54
C ARG A 383 18.54 46.40 13.55
N ARG A 384 19.18 45.38 14.11
CA ARG A 384 20.56 45.05 13.77
C ARG A 384 20.69 44.75 12.26
N PHE A 385 19.76 43.97 11.70
CA PHE A 385 19.78 43.64 10.26
C PHE A 385 19.53 44.88 9.42
N HIS A 386 18.63 45.75 9.88
CA HIS A 386 18.38 47.04 9.18
C HIS A 386 19.63 47.93 9.10
N GLU A 387 20.30 48.07 10.23
CA GLU A 387 21.49 48.86 10.31
C GLU A 387 22.70 48.22 9.62
N ASN A 388 22.69 46.91 9.52
CA ASN A 388 23.85 46.15 8.99
C ASN A 388 23.40 45.13 7.95
N PRO A 389 23.00 45.56 6.79
CA PRO A 389 22.40 44.65 5.84
C PRO A 389 23.33 43.55 5.38
N GLU A 390 24.64 43.71 5.51
CA GLU A 390 25.60 42.61 5.25
C GLU A 390 25.40 41.42 6.25
N GLN A 391 25.03 41.72 7.47
CA GLN A 391 24.73 40.72 8.43
C GLN A 391 23.42 40.07 8.10
N PHE A 392 22.46 40.81 7.63
CA PHE A 392 21.20 40.29 7.20
C PHE A 392 21.47 39.31 6.05
N ALA A 393 22.23 39.73 5.05
CA ALA A 393 22.48 38.86 3.87
C ALA A 393 23.14 37.54 4.29
N ASP A 394 24.11 37.60 5.21
CA ASP A 394 24.80 36.41 5.60
C ASP A 394 23.89 35.46 6.38
N ALA A 395 23.11 36.03 7.32
CA ALA A 395 22.10 35.27 8.12
C ALA A 395 21.11 34.60 7.24
N PHE A 396 20.60 35.33 6.28
CA PHE A 396 19.61 34.81 5.35
C PHE A 396 20.23 33.70 4.54
N ALA A 397 21.46 33.89 4.04
CA ALA A 397 22.08 32.84 3.18
C ALA A 397 22.22 31.49 3.98
N ARG A 398 22.69 31.62 5.20
CA ARG A 398 22.87 30.52 6.07
C ARG A 398 21.62 29.84 6.41
N ALA A 399 20.63 30.66 6.75
CA ALA A 399 19.29 30.12 7.02
C ALA A 399 18.59 29.48 5.87
N TRP A 400 18.77 29.99 4.74
CA TRP A 400 18.17 29.44 3.52
C TRP A 400 18.83 28.10 3.23
N PHE A 401 20.14 28.02 3.43
CA PHE A 401 20.78 26.69 3.24
C PHE A 401 20.21 25.65 4.27
N LYS A 402 20.21 26.01 5.54
CA LYS A 402 19.68 25.19 6.56
C LYS A 402 18.22 24.74 6.28
N LEU A 403 17.38 25.69 5.96
CA LEU A 403 16.02 25.42 5.66
C LEU A 403 15.85 24.30 4.55
N THR A 404 16.64 24.47 3.49
CA THR A 404 16.50 23.65 2.33
C THR A 404 17.29 22.36 2.41
N HIS A 405 18.16 22.21 3.40
CA HIS A 405 18.97 21.00 3.55
C HIS A 405 18.75 20.26 4.91
N ARG A 406 17.86 20.79 5.77
CA ARG A 406 17.75 20.31 7.10
CA ARG A 406 17.70 20.31 7.12
C ARG A 406 17.33 18.83 7.19
N ASP A 407 16.68 18.32 6.19
CA ASP A 407 16.19 16.94 6.17
C ASP A 407 16.98 16.06 5.26
N MET A 408 18.11 16.48 4.78
CA MET A 408 18.89 15.68 3.87
C MET A 408 19.79 14.64 4.53
N GLY A 409 20.08 14.81 5.78
CA GLY A 409 20.93 13.91 6.44
C GLY A 409 22.37 14.27 6.52
N PRO A 410 23.19 13.29 6.83
CA PRO A 410 24.61 13.54 6.93
C PRO A 410 25.25 14.13 5.68
N ARG A 411 26.37 14.89 5.90
CA ARG A 411 27.10 15.57 4.79
C ARG A 411 27.58 14.58 3.74
N ALA A 412 27.75 13.32 4.11
CA ALA A 412 28.10 12.29 3.11
C ALA A 412 27.10 12.11 2.04
N ARG A 413 25.83 12.49 2.25
CA ARG A 413 24.86 12.35 1.17
C ARG A 413 24.92 13.55 0.17
N TYR A 414 25.66 14.60 0.49
CA TYR A 414 25.62 15.87 -0.30
C TYR A 414 26.38 15.72 -1.57
N LEU A 415 25.74 16.00 -2.70
CA LEU A 415 26.34 15.86 -4.01
C LEU A 415 26.60 17.12 -4.76
N GLY A 416 27.61 17.11 -5.63
CA GLY A 416 27.80 18.11 -6.66
C GLY A 416 28.90 19.12 -6.32
N PRO A 417 29.13 20.09 -7.16
CA PRO A 417 30.17 21.03 -6.98
C PRO A 417 29.87 22.25 -6.14
N GLU A 418 28.69 22.44 -5.58
CA GLU A 418 28.42 23.65 -4.82
C GLU A 418 28.21 23.39 -3.38
N VAL A 419 28.66 22.25 -2.91
CA VAL A 419 28.41 21.94 -1.51
C VAL A 419 29.26 22.81 -0.63
N PRO A 420 28.72 23.47 0.38
CA PRO A 420 29.60 24.33 1.13
C PRO A 420 30.58 23.51 1.97
N ALA A 421 31.80 23.99 2.05
CA ALA A 421 32.84 23.34 2.87
C ALA A 421 32.71 23.57 4.32
N GLU A 422 32.01 24.61 4.78
CA GLU A 422 31.88 24.82 6.22
C GLU A 422 30.93 23.78 6.81
N VAL A 423 31.35 23.23 7.94
CA VAL A 423 30.64 22.24 8.65
C VAL A 423 29.83 22.92 9.69
N LEU A 424 28.51 22.70 9.69
CA LEU A 424 27.58 23.43 10.57
C LEU A 424 27.08 22.55 11.66
N LEU A 425 26.96 23.11 12.81
CA LEU A 425 26.60 22.38 13.98
C LEU A 425 25.28 21.61 13.83
N TRP A 426 24.30 22.17 13.12
CA TRP A 426 23.00 21.48 12.95
C TRP A 426 23.11 20.23 12.12
N GLN A 427 24.16 20.07 11.36
CA GLN A 427 24.36 18.87 10.56
C GLN A 427 24.78 17.59 11.40
N ASP A 428 24.93 17.77 12.72
CA ASP A 428 25.39 16.69 13.66
C ASP A 428 26.65 16.04 13.11
N PRO A 429 27.67 16.87 12.90
CA PRO A 429 28.74 16.41 12.06
C PRO A 429 29.55 15.25 12.68
N ILE A 430 30.12 14.46 11.82
CA ILE A 430 30.92 13.31 12.16
C ILE A 430 32.34 13.58 11.62
N PRO A 431 33.39 13.49 12.48
CA PRO A 431 34.78 13.77 11.92
C PRO A 431 35.19 12.74 10.85
N ALA A 432 36.10 13.16 10.01
CA ALA A 432 36.72 12.31 9.03
C ALA A 432 37.54 11.25 9.72
N VAL A 433 37.64 10.14 9.06
CA VAL A 433 38.47 9.07 9.51
C VAL A 433 39.78 9.21 8.70
N ASP A 434 40.84 9.27 9.42
CA ASP A 434 42.18 9.54 8.89
C ASP A 434 43.15 8.34 9.09
N HIS A 435 42.68 7.15 9.48
CA HIS A 435 43.53 6.02 9.83
C HIS A 435 42.95 4.69 9.23
N PRO A 436 43.80 3.67 9.09
CA PRO A 436 43.37 2.36 8.62
C PRO A 436 42.29 1.81 9.53
N LEU A 437 41.33 1.10 8.90
CA LEU A 437 40.27 0.49 9.62
C LEU A 437 40.63 -0.93 10.05
N ILE A 438 39.99 -1.38 11.08
CA ILE A 438 40.10 -2.78 11.49
C ILE A 438 39.62 -3.74 10.36
N ASP A 439 40.26 -4.93 10.31
CA ASP A 439 39.90 -5.94 9.33
C ASP A 439 39.12 -7.01 10.03
N ALA A 440 38.81 -8.10 9.32
CA ALA A 440 37.93 -9.11 9.83
C ALA A 440 38.57 -9.85 11.00
N ALA A 441 39.86 -10.12 10.91
CA ALA A 441 40.59 -10.76 11.97
C ALA A 441 40.59 -9.88 13.28
N ASP A 442 40.71 -8.57 13.13
CA ASP A 442 40.69 -7.63 14.25
C ASP A 442 39.30 -7.61 14.88
N ALA A 443 38.26 -7.62 14.05
CA ALA A 443 36.88 -7.65 14.51
C ALA A 443 36.62 -8.91 15.35
N ALA A 444 37.09 -10.04 14.89
CA ALA A 444 36.94 -11.31 15.65
C ALA A 444 37.70 -11.25 17.01
N GLU A 445 38.85 -10.62 17.01
CA GLU A 445 39.61 -10.48 18.26
C GLU A 445 38.87 -9.55 19.20
N LEU A 446 38.35 -8.43 18.71
CA LEU A 446 37.59 -7.50 19.59
C LEU A 446 36.29 -8.10 20.14
N LYS A 447 35.59 -8.88 19.30
CA LYS A 447 34.37 -9.57 19.78
C LYS A 447 34.75 -10.56 20.91
N ALA A 448 35.86 -11.23 20.77
CA ALA A 448 36.23 -12.24 21.82
C ALA A 448 36.62 -11.49 23.11
N LYS A 449 37.33 -10.36 23.00
CA LYS A 449 37.67 -9.55 24.16
C LYS A 449 36.44 -8.98 24.83
N VAL A 450 35.42 -8.59 24.02
CA VAL A 450 34.21 -8.06 24.62
C VAL A 450 33.53 -9.13 25.44
N LEU A 451 33.38 -10.31 24.87
CA LEU A 451 32.70 -11.41 25.55
C LEU A 451 33.55 -11.89 26.81
N ALA A 452 34.87 -11.85 26.71
CA ALA A 452 35.71 -12.23 27.84
C ALA A 452 35.65 -11.19 28.96
N SER A 453 35.09 -9.98 28.76
CA SER A 453 35.13 -8.98 29.78
C SER A 453 34.09 -9.28 30.81
N GLY A 454 33.14 -10.17 30.56
CA GLY A 454 31.97 -10.30 31.41
C GLY A 454 30.70 -9.50 31.12
N LEU A 455 30.75 -8.58 30.17
CA LEU A 455 29.50 -7.95 29.69
C LEU A 455 28.53 -9.01 29.17
N THR A 456 27.29 -8.90 29.52
CA THR A 456 26.33 -9.94 29.14
C THR A 456 25.70 -9.68 27.78
N VAL A 457 25.02 -10.70 27.24
CA VAL A 457 24.31 -10.57 25.99
C VAL A 457 23.37 -9.38 26.13
N SER A 458 22.57 -9.41 27.18
CA SER A 458 21.63 -8.28 27.43
C SER A 458 22.25 -6.92 27.43
N GLN A 459 23.34 -6.75 28.11
CA GLN A 459 23.97 -5.43 28.13
C GLN A 459 24.50 -4.98 26.75
N LEU A 460 25.08 -5.89 26.02
CA LEU A 460 25.66 -5.67 24.74
C LEU A 460 24.57 -5.35 23.70
N VAL A 461 23.55 -6.13 23.65
CA VAL A 461 22.44 -5.86 22.72
C VAL A 461 21.71 -4.54 23.05
N SER A 462 21.42 -4.33 24.34
CA SER A 462 20.73 -3.14 24.78
C SER A 462 21.55 -1.92 24.43
N THR A 463 22.86 -1.93 24.64
CA THR A 463 23.64 -0.72 24.38
C THR A 463 23.70 -0.38 22.86
N ALA A 464 23.97 -1.41 22.07
CA ALA A 464 24.05 -1.18 20.63
C ALA A 464 22.64 -0.72 20.05
N TRP A 465 21.59 -1.30 20.56
CA TRP A 465 20.22 -0.92 20.19
C TRP A 465 20.00 0.56 20.54
N ALA A 466 20.41 0.91 21.77
CA ALA A 466 20.21 2.33 22.19
C ALA A 466 20.97 3.31 21.34
N ALA A 467 22.18 2.96 20.90
CA ALA A 467 22.99 3.80 20.02
C ALA A 467 22.44 3.89 18.62
N ALA A 468 21.98 2.78 18.03
CA ALA A 468 21.65 2.74 16.60
C ALA A 468 20.20 3.17 16.33
N SER A 469 19.35 3.05 17.34
CA SER A 469 17.90 3.17 17.14
C SER A 469 17.38 4.57 17.26
N THR A 470 18.26 5.54 17.40
CA THR A 470 17.90 6.94 17.29
C THR A 470 17.73 7.39 15.85
N PHE A 471 18.13 6.58 14.89
CA PHE A 471 17.95 6.91 13.49
C PHE A 471 16.53 7.07 13.11
N ARG A 472 16.27 8.06 12.30
CA ARG A 472 14.93 8.19 11.65
C ARG A 472 15.10 8.52 10.20
N GLY A 473 14.43 7.78 9.36
CA GLY A 473 14.60 7.94 7.91
C GLY A 473 13.87 9.18 7.34
N SER A 474 13.04 9.82 8.15
CA SER A 474 12.32 10.95 7.75
C SER A 474 13.25 12.20 7.42
N ASP A 475 14.23 12.43 8.28
CA ASP A 475 15.27 13.43 8.05
C ASP A 475 16.74 12.94 8.14
N LYS A 476 16.90 11.64 8.23
CA LYS A 476 18.12 10.93 8.26
C LYS A 476 19.04 11.39 9.38
N ARG A 477 18.46 11.83 10.46
CA ARG A 477 19.22 12.15 11.67
C ARG A 477 19.30 10.90 12.54
N GLY A 478 20.25 10.94 13.47
CA GLY A 478 20.48 9.86 14.41
C GLY A 478 21.29 8.68 13.88
N GLY A 479 21.29 7.62 14.66
CA GLY A 479 22.12 6.48 14.41
C GLY A 479 23.37 6.39 15.26
N ALA A 480 24.04 5.26 15.12
CA ALA A 480 25.27 4.96 15.95
C ALA A 480 26.53 5.64 15.56
N ASN A 481 26.63 6.13 14.30
CA ASN A 481 27.80 6.91 13.94
C ASN A 481 27.90 8.15 14.84
N GLY A 482 29.11 8.46 15.23
CA GLY A 482 29.33 9.59 16.13
C GLY A 482 29.53 9.26 17.59
N ALA A 483 29.13 8.07 17.99
CA ALA A 483 29.12 7.64 19.41
C ALA A 483 28.56 8.71 20.34
N ARG A 484 27.46 9.28 19.93
CA ARG A 484 26.85 10.32 20.70
C ARG A 484 26.06 9.80 21.89
N ILE A 485 25.90 8.47 21.98
CA ILE A 485 25.33 7.85 23.12
C ILE A 485 26.17 8.13 24.37
N ARG A 486 27.45 8.41 24.17
CA ARG A 486 28.36 8.68 25.34
C ARG A 486 28.29 10.15 25.80
N LEU A 487 27.60 10.98 25.03
CA LEU A 487 27.57 12.42 25.27
C LEU A 487 26.24 12.86 25.83
N ALA A 488 26.17 14.09 26.36
CA ALA A 488 24.91 14.77 26.67
C ALA A 488 24.21 15.06 25.33
N PRO A 489 22.92 14.90 25.25
CA PRO A 489 22.05 14.37 26.28
C PRO A 489 21.75 12.85 26.23
N GLN A 490 22.21 12.15 25.18
CA GLN A 490 21.87 10.76 25.02
C GLN A 490 22.24 9.92 26.23
N LYS A 491 23.39 10.21 26.87
CA LYS A 491 23.85 9.39 27.97
C LYS A 491 22.94 9.48 29.18
N ASP A 492 22.11 10.52 29.27
CA ASP A 492 21.18 10.70 30.37
C ASP A 492 19.75 10.41 30.03
N TRP A 493 19.45 9.89 28.84
CA TRP A 493 18.08 9.62 28.55
C TRP A 493 17.63 8.41 29.36
N GLU A 494 16.43 8.52 29.93
CA GLU A 494 15.92 7.42 30.76
C GLU A 494 15.83 6.07 30.02
N ALA A 495 15.42 6.09 28.78
CA ALA A 495 15.37 4.86 27.94
C ALA A 495 16.72 4.15 27.82
N ASN A 496 17.79 4.91 27.93
CA ASN A 496 19.10 4.38 27.77
C ASN A 496 19.69 3.87 29.10
N GLN A 497 18.96 3.99 30.21
CA GLN A 497 19.40 3.42 31.49
C GLN A 497 20.76 3.94 31.90
N PRO A 498 20.83 5.20 32.25
CA PRO A 498 22.11 5.95 32.39
C PRO A 498 23.17 5.28 33.22
N GLU A 499 22.80 4.63 34.36
CA GLU A 499 23.86 3.98 35.20
C GLU A 499 24.39 2.74 34.55
N GLN A 500 23.52 1.91 34.03
CA GLN A 500 23.97 0.68 33.34
C GLN A 500 24.83 1.11 32.08
N LEU A 501 24.33 2.10 31.30
CA LEU A 501 25.07 2.59 30.13
C LEU A 501 26.48 3.03 30.48
N ALA A 502 26.64 3.84 31.50
CA ALA A 502 27.96 4.29 31.95
C ALA A 502 28.95 3.15 32.24
N ALA A 503 28.48 2.08 32.93
CA ALA A 503 29.30 0.96 33.26
C ALA A 503 29.68 0.17 32.02
N VAL A 504 28.77 -0.01 31.08
CA VAL A 504 29.10 -0.70 29.81
C VAL A 504 30.14 0.09 29.03
N LEU A 505 29.92 1.43 28.94
CA LEU A 505 30.81 2.28 28.12
C LEU A 505 32.24 2.31 28.72
N GLU A 506 32.29 2.31 30.03
CA GLU A 506 33.61 2.26 30.72
C GLU A 506 34.37 0.99 30.40
N THR A 507 33.67 -0.13 30.43
CA THR A 507 34.30 -1.37 30.07
C THR A 507 34.72 -1.40 28.62
N LEU A 508 33.82 -0.98 27.71
CA LEU A 508 34.21 -0.94 26.33
C LEU A 508 35.38 0.03 26.05
N GLU A 509 35.42 1.19 26.71
CA GLU A 509 36.51 2.12 26.47
C GLU A 509 37.86 1.53 26.95
N ALA A 510 37.87 0.71 27.98
CA ALA A 510 39.13 0.07 28.47
C ALA A 510 39.60 -0.92 27.34
N ILE A 511 38.65 -1.66 26.77
CA ILE A 511 38.99 -2.58 25.69
C ILE A 511 39.57 -1.85 24.52
N ARG A 512 38.93 -0.77 24.15
CA ARG A 512 39.36 0.01 23.03
C ARG A 512 40.80 0.58 23.25
N THR A 513 41.02 1.10 24.44
CA THR A 513 42.30 1.67 24.79
C THR A 513 43.36 0.60 24.70
N ALA A 514 43.09 -0.61 25.24
CA ALA A 514 44.04 -1.68 25.14
C ALA A 514 44.31 -2.09 23.68
N PHE A 515 43.24 -2.22 22.87
CA PHE A 515 43.42 -2.61 21.50
C PHE A 515 44.18 -1.60 20.72
N ASN A 516 43.85 -0.32 20.89
CA ASN A 516 44.43 0.74 20.10
C ASN A 516 45.89 0.95 20.52
N GLY A 517 46.17 0.88 21.80
CA GLY A 517 47.58 1.00 22.27
C GLY A 517 48.49 -0.12 21.73
N ALA A 518 47.96 -1.24 21.35
CA ALA A 518 48.74 -2.34 20.86
C ALA A 518 48.99 -2.28 19.37
N GLN A 519 48.44 -1.35 18.61
CA GLN A 519 48.56 -1.46 17.17
C GLN A 519 49.77 -0.73 16.64
N ARG A 520 50.12 -1.18 15.42
CA ARG A 520 50.97 -0.49 14.46
C ARG A 520 50.25 0.12 13.26
N GLY A 521 50.97 1.03 12.65
CA GLY A 521 50.60 1.58 11.35
C GLY A 521 49.43 2.56 11.46
N GLY A 522 49.14 3.00 12.69
CA GLY A 522 48.10 4.00 12.85
C GLY A 522 46.71 3.33 12.87
N LYS A 523 46.58 1.99 12.80
CA LYS A 523 45.27 1.39 12.84
C LYS A 523 44.63 1.63 14.21
N GLN A 524 43.35 2.00 14.25
CA GLN A 524 42.66 2.05 15.51
C GLN A 524 41.15 1.85 15.31
N VAL A 525 40.46 1.63 16.39
CA VAL A 525 39.03 1.44 16.37
C VAL A 525 38.33 2.58 17.12
N SER A 526 37.33 3.17 16.49
CA SER A 526 36.49 4.16 17.18
C SER A 526 35.60 3.53 18.24
N LEU A 527 35.17 4.29 19.25
CA LEU A 527 34.18 3.80 20.15
C LEU A 527 32.83 3.56 19.46
N ALA A 528 32.47 4.34 18.48
CA ALA A 528 31.25 4.12 17.74
C ALA A 528 31.21 2.77 17.06
N ASP A 529 32.28 2.42 16.36
CA ASP A 529 32.42 1.12 15.75
C ASP A 529 32.41 0.02 16.86
N LEU A 530 33.11 0.24 17.93
CA LEU A 530 33.17 -0.85 18.96
C LEU A 530 31.84 -1.06 19.68
N ILE A 531 31.03 -0.02 19.89
CA ILE A 531 29.70 -0.21 20.46
C ILE A 531 28.86 -1.17 19.56
N VAL A 532 28.90 -0.90 18.27
CA VAL A 532 28.18 -1.73 17.31
C VAL A 532 28.71 -3.12 17.25
N LEU A 533 30.02 -3.24 17.13
CA LEU A 533 30.64 -4.56 17.10
C LEU A 533 30.40 -5.37 18.39
N ALA A 534 30.38 -4.68 19.52
CA ALA A 534 30.07 -5.32 20.80
C ALA A 534 28.62 -5.89 20.79
N GLY A 535 27.66 -5.15 20.22
CA GLY A 535 26.36 -5.64 19.98
C GLY A 535 26.30 -6.81 19.05
N CYS A 536 27.08 -6.81 18.00
CA CYS A 536 27.24 -8.01 17.08
C CYS A 536 27.75 -9.25 17.89
N ALA A 537 28.71 -9.06 18.79
CA ALA A 537 29.22 -10.13 19.62
C ALA A 537 28.12 -10.64 20.53
N GLY A 538 27.31 -9.74 21.08
CA GLY A 538 26.20 -10.15 21.89
C GLY A 538 25.18 -11.02 21.11
N VAL A 539 24.87 -10.61 19.87
CA VAL A 539 23.92 -11.41 19.08
C VAL A 539 24.51 -12.77 18.71
N GLU A 540 25.76 -12.79 18.33
CA GLU A 540 26.48 -14.09 18.06
C GLU A 540 26.50 -15.02 19.26
N GLN A 541 26.81 -14.48 20.42
CA GLN A 541 26.78 -15.24 21.65
C GLN A 541 25.38 -15.76 21.95
N ALA A 542 24.36 -14.94 21.73
CA ALA A 542 22.98 -15.37 21.94
C ALA A 542 22.61 -16.49 21.01
N ALA A 543 23.06 -16.43 19.79
CA ALA A 543 22.87 -17.53 18.86
C ALA A 543 23.60 -18.81 19.32
N LYS A 544 24.81 -18.64 19.81
CA LYS A 544 25.57 -19.74 20.38
C LYS A 544 24.92 -20.35 21.58
N ASN A 545 24.41 -19.51 22.48
CA ASN A 545 23.59 -20.00 23.59
C ASN A 545 22.44 -20.86 23.19
N ALA A 546 21.90 -20.70 22.00
CA ALA A 546 20.81 -21.45 21.49
C ALA A 546 21.25 -22.62 20.63
N GLY A 547 22.56 -22.87 20.52
CA GLY A 547 23.10 -23.94 19.72
C GLY A 547 23.32 -23.60 18.29
N HIS A 548 23.45 -22.33 17.92
CA HIS A 548 23.67 -21.91 16.48
C HIS A 548 24.95 -21.09 16.31
N ALA A 549 25.75 -21.40 15.34
CA ALA A 549 26.97 -20.66 15.04
C ALA A 549 26.57 -19.72 13.89
N VAL A 550 26.62 -18.43 14.17
CA VAL A 550 26.40 -17.46 13.10
C VAL A 550 27.42 -16.43 13.21
N THR A 551 27.73 -15.82 12.07
N THR A 551 27.70 -15.79 12.08
CA THR A 551 28.47 -14.57 12.08
CA THR A 551 28.50 -14.58 12.08
C THR A 551 27.43 -13.42 11.81
C THR A 551 27.63 -13.34 11.70
N VAL A 552 27.56 -12.36 12.57
CA VAL A 552 26.78 -11.22 12.34
C VAL A 552 27.65 -10.26 11.49
N PRO A 553 27.20 -9.80 10.35
CA PRO A 553 28.03 -8.87 9.61
C PRO A 553 28.31 -7.56 10.38
N PHE A 554 29.46 -6.95 10.08
CA PHE A 554 29.87 -5.67 10.71
C PHE A 554 30.69 -4.91 9.72
N ALA A 555 30.42 -3.64 9.59
CA ALA A 555 31.16 -2.72 8.65
C ALA A 555 31.82 -1.61 9.47
N PRO A 556 33.15 -1.58 9.58
CA PRO A 556 33.76 -0.49 10.34
C PRO A 556 33.71 0.85 9.51
N GLY A 557 34.14 1.89 10.16
CA GLY A 557 34.30 3.22 9.53
C GLY A 557 33.55 4.33 10.21
N ARG A 558 32.88 4.06 11.32
CA ARG A 558 32.24 5.08 12.08
C ARG A 558 33.31 5.91 12.78
N ALA A 559 33.00 7.16 13.11
CA ALA A 559 33.93 7.97 13.90
C ALA A 559 33.25 8.54 15.13
N ASP A 560 34.02 9.08 16.06
CA ASP A 560 33.49 9.61 17.30
C ASP A 560 33.35 11.13 17.23
N ALA A 561 32.19 11.67 17.47
CA ALA A 561 31.98 13.09 17.54
C ALA A 561 32.25 13.58 18.97
N SER A 562 32.63 14.87 19.10
CA SER A 562 32.83 15.51 20.41
C SER A 562 31.56 16.13 20.91
N GLN A 563 31.59 16.49 22.19
CA GLN A 563 30.48 17.22 22.78
C GLN A 563 30.31 18.60 22.10
N GLU A 564 31.43 19.23 21.76
CA GLU A 564 31.39 20.57 21.12
C GLU A 564 30.83 20.48 19.71
N GLN A 565 30.81 19.32 19.10
CA GLN A 565 30.15 19.07 17.82
C GLN A 565 28.78 18.55 17.92
N THR A 566 28.16 18.66 19.08
CA THR A 566 26.87 18.10 19.33
C THR A 566 25.98 19.15 20.00
N ASP A 567 24.97 19.57 19.29
CA ASP A 567 24.00 20.57 19.82
C ASP A 567 23.00 19.81 20.66
N VAL A 568 23.06 20.03 21.96
CA VAL A 568 22.28 19.32 22.89
C VAL A 568 20.79 19.57 22.72
N GLU A 569 20.40 20.78 22.38
CA GLU A 569 18.93 21.09 22.35
C GLU A 569 18.28 20.46 21.11
N SER A 570 19.00 20.47 20.01
CA SER A 570 18.56 19.86 18.77
C SER A 570 18.47 18.31 18.86
N MET A 571 19.29 17.73 19.72
CA MET A 571 19.27 16.33 19.98
C MET A 571 18.01 15.86 20.77
N ALA A 572 17.36 16.75 21.51
CA ALA A 572 16.24 16.41 22.33
C ALA A 572 15.10 15.73 21.59
N VAL A 573 14.89 16.17 20.33
CA VAL A 573 13.84 15.47 19.59
C VAL A 573 14.06 14.06 19.22
N LEU A 574 15.34 13.61 19.33
CA LEU A 574 15.63 12.27 19.03
C LEU A 574 15.40 11.37 20.22
N GLU A 575 15.05 11.95 21.38
CA GLU A 575 14.86 11.08 22.53
C GLU A 575 13.69 10.11 22.28
N PRO A 576 13.88 8.85 22.48
CA PRO A 576 12.69 7.99 22.36
C PRO A 576 11.87 8.06 23.66
N VAL A 577 10.66 8.52 23.50
CA VAL A 577 9.72 8.48 24.58
C VAL A 577 8.78 7.27 24.44
N ALA A 578 8.76 6.66 23.27
CA ALA A 578 8.05 5.40 23.10
C ALA A 578 8.99 4.52 22.30
N ASP A 579 9.44 3.40 22.87
CA ASP A 579 10.25 2.48 22.05
C ASP A 579 9.74 1.07 22.40
N GLY A 580 8.78 0.62 21.60
CA GLY A 580 8.25 -0.70 21.70
C GLY A 580 9.24 -1.85 21.61
N PHE A 581 10.35 -1.60 20.93
CA PHE A 581 11.36 -2.59 20.83
C PHE A 581 12.08 -2.85 22.18
N ARG A 582 12.01 -1.90 23.12
CA ARG A 582 12.50 -2.09 24.46
C ARG A 582 11.34 -2.08 25.50
N ASN A 583 10.10 -2.25 25.04
CA ASN A 583 8.91 -2.20 25.86
C ASN A 583 8.83 -0.96 26.77
N TYR A 584 9.15 0.21 26.19
CA TYR A 584 9.29 1.43 26.95
C TYR A 584 8.27 2.49 26.54
N LEU A 585 7.67 3.10 27.53
CA LEU A 585 6.81 4.24 27.38
C LEU A 585 7.17 5.19 28.53
N LYS A 586 7.67 6.36 28.15
CA LYS A 586 8.14 7.35 29.13
C LYS A 586 6.95 7.88 29.92
N GLY A 587 5.80 8.08 29.29
CA GLY A 587 4.59 8.37 30.07
C GLY A 587 3.36 7.86 29.42
N LYS A 588 2.22 8.40 29.77
CA LYS A 588 0.91 7.86 29.34
C LYS A 588 0.46 8.79 28.22
N TYR A 589 0.07 8.26 27.08
CA TYR A 589 -0.20 9.07 25.92
C TYR A 589 -1.59 8.77 25.45
N ARG A 590 -2.12 9.67 24.65
CA ARG A 590 -3.39 9.55 23.94
C ARG A 590 -3.34 8.37 22.99
N VAL A 591 -2.21 8.23 22.35
CA VAL A 591 -2.03 7.28 21.26
C VAL A 591 -1.72 5.87 21.83
N PRO A 592 -2.47 4.83 21.41
CA PRO A 592 -2.14 3.50 21.91
C PRO A 592 -0.66 3.08 21.60
N ALA A 593 -0.11 2.28 22.50
CA ALA A 593 1.28 1.99 22.36
C ALA A 593 1.63 1.26 21.05
N GLU A 594 0.72 0.42 20.57
CA GLU A 594 0.94 -0.31 19.32
C GLU A 594 1.06 0.60 18.11
N VAL A 595 0.34 1.70 18.17
CA VAL A 595 0.41 2.71 17.09
C VAL A 595 1.79 3.41 17.12
N LEU A 596 2.27 3.70 18.33
CA LEU A 596 3.61 4.20 18.55
C LEU A 596 4.70 3.24 18.07
N LEU A 597 4.52 1.99 18.29
CA LEU A 597 5.46 0.94 17.72
C LEU A 597 5.54 1.02 16.18
N VAL A 598 4.41 1.02 15.51
CA VAL A 598 4.39 1.07 14.05
C VAL A 598 5.06 2.39 13.53
N ASP A 599 4.80 3.45 14.24
CA ASP A 599 5.41 4.79 13.95
C ASP A 599 6.94 4.68 14.04
N LYS A 600 7.43 4.09 15.10
CA LYS A 600 8.89 3.83 15.28
C LYS A 600 9.44 2.92 14.19
N ALA A 601 8.72 1.85 13.89
CA ALA A 601 9.14 0.97 12.82
C ALA A 601 9.30 1.73 11.48
N GLN A 602 8.33 2.63 11.21
CA GLN A 602 8.37 3.43 10.01
C GLN A 602 9.64 4.39 9.95
N LEU A 603 9.95 5.03 11.08
CA LEU A 603 11.07 5.85 11.19
C LEU A 603 12.38 5.04 10.99
N LEU A 604 12.44 3.79 11.50
CA LEU A 604 13.55 2.93 11.29
C LEU A 604 13.64 2.31 9.91
N THR A 605 12.64 2.54 9.09
CA THR A 605 12.51 2.01 7.70
C THR A 605 12.22 0.51 7.64
N LEU A 606 11.59 -0.02 8.66
CA LEU A 606 11.36 -1.47 8.75
C LEU A 606 10.01 -1.82 8.10
N SER A 607 10.00 -2.95 7.40
CA SER A 607 8.72 -3.63 7.03
C SER A 607 8.02 -4.26 8.21
N ALA A 608 6.80 -4.66 8.06
CA ALA A 608 6.07 -5.40 9.13
C ALA A 608 6.76 -6.71 9.47
N PRO A 609 7.23 -7.50 8.49
CA PRO A 609 8.03 -8.66 8.83
C PRO A 609 9.31 -8.37 9.56
N GLU A 610 10.02 -7.32 9.15
CA GLU A 610 11.24 -6.88 9.89
C GLU A 610 10.95 -6.47 11.31
N MET A 611 9.88 -5.68 11.52
CA MET A 611 9.52 -5.19 12.83
C MET A 611 9.17 -6.45 13.69
N THR A 612 8.48 -7.44 13.15
CA THR A 612 8.03 -8.58 13.89
C THR A 612 9.23 -9.39 14.39
N VAL A 613 10.14 -9.73 13.47
CA VAL A 613 11.32 -10.50 13.84
C VAL A 613 12.15 -9.85 14.86
N LEU A 614 12.36 -8.57 14.63
CA LEU A 614 13.22 -7.78 15.44
C LEU A 614 12.70 -7.69 16.86
N LEU A 615 11.43 -7.42 16.99
CA LEU A 615 10.80 -7.34 18.33
C LEU A 615 10.84 -8.64 19.13
N GLY A 616 10.50 -9.72 18.49
CA GLY A 616 10.51 -11.04 19.10
C GLY A 616 11.91 -11.46 19.58
N GLY A 617 12.90 -11.04 18.83
CA GLY A 617 14.27 -11.38 19.17
C GLY A 617 14.75 -10.49 20.30
N LEU A 618 14.53 -9.19 20.23
CA LEU A 618 14.95 -8.31 21.29
C LEU A 618 14.38 -8.74 22.67
N ARG A 619 13.10 -9.16 22.67
CA ARG A 619 12.47 -9.59 23.93
C ARG A 619 13.26 -10.70 24.62
N VAL A 620 13.69 -11.73 23.87
CA VAL A 620 14.32 -12.88 24.47
C VAL A 620 15.83 -12.59 24.70
N LEU A 621 16.41 -11.59 24.06
CA LEU A 621 17.78 -11.12 24.32
C LEU A 621 17.95 -10.27 25.54
N GLY A 622 16.89 -9.76 26.11
CA GLY A 622 17.03 -8.96 27.34
C GLY A 622 17.13 -7.49 27.06
N ALA A 623 16.51 -7.03 25.96
CA ALA A 623 16.63 -5.63 25.59
C ALA A 623 15.66 -4.70 26.30
N ASN A 624 14.74 -5.21 27.11
CA ASN A 624 13.78 -4.37 27.73
C ASN A 624 14.44 -3.39 28.70
N VAL A 625 13.94 -2.19 28.72
CA VAL A 625 14.32 -1.23 29.71
C VAL A 625 13.99 -1.73 31.07
N GLY A 626 14.93 -1.59 32.02
CA GLY A 626 14.65 -1.94 33.44
C GLY A 626 14.53 -3.42 33.69
N GLN A 627 15.02 -4.24 32.80
CA GLN A 627 14.88 -5.64 32.95
C GLN A 627 13.37 -6.17 33.17
N SER A 628 12.37 -5.45 32.68
CA SER A 628 11.00 -5.85 32.68
C SER A 628 10.89 -7.17 32.10
N ARG A 629 10.02 -7.98 32.71
CA ARG A 629 9.73 -9.30 32.21
C ARG A 629 8.57 -9.25 31.16
N HIS A 630 7.97 -8.11 30.96
CA HIS A 630 6.85 -8.05 29.97
C HIS A 630 7.25 -8.44 28.57
N GLY A 631 6.61 -9.46 28.04
CA GLY A 631 6.88 -9.97 26.71
C GLY A 631 8.07 -10.88 26.62
N VAL A 632 8.70 -11.19 27.77
CA VAL A 632 9.87 -12.01 27.74
C VAL A 632 9.38 -13.43 27.86
N PHE A 633 8.86 -13.93 26.75
CA PHE A 633 8.20 -15.22 26.81
C PHE A 633 9.15 -16.37 26.49
N THR A 634 10.06 -16.56 27.40
CA THR A 634 11.05 -17.62 27.21
C THR A 634 11.49 -18.12 28.56
N ALA A 635 11.95 -19.36 28.64
CA ALA A 635 12.66 -19.85 29.82
C ALA A 635 14.17 -19.88 29.56
N ARG A 636 14.62 -19.35 28.43
CA ARG A 636 16.07 -19.22 28.16
C ARG A 636 16.41 -17.85 27.66
N GLU A 637 16.28 -16.89 28.55
N GLU A 637 16.29 -16.89 28.55
CA GLU A 637 16.60 -15.52 28.21
CA GLU A 637 16.64 -15.52 28.29
C GLU A 637 18.12 -15.43 27.83
C GLU A 637 18.12 -15.44 27.84
N GLN A 638 18.43 -14.52 26.90
CA GLN A 638 19.80 -14.40 26.38
C GLN A 638 20.21 -15.47 25.41
N ALA A 639 19.27 -16.31 24.99
CA ALA A 639 19.49 -17.18 23.88
C ALA A 639 18.53 -16.71 22.73
N LEU A 640 19.10 -16.71 21.52
CA LEU A 640 18.39 -16.28 20.35
C LEU A 640 17.55 -17.39 19.83
N THR A 641 16.28 -17.39 20.22
CA THR A 641 15.33 -18.40 19.70
C THR A 641 14.07 -17.67 19.31
N ASN A 642 13.14 -18.44 18.71
CA ASN A 642 11.80 -18.00 18.36
C ASN A 642 10.75 -18.17 19.48
N ASP A 643 11.24 -18.29 20.71
CA ASP A 643 10.33 -18.56 21.86
C ASP A 643 9.25 -17.51 22.00
N PHE A 644 9.49 -16.25 21.68
CA PHE A 644 8.51 -15.21 21.85
C PHE A 644 7.23 -15.59 21.09
N PHE A 645 7.42 -16.04 19.86
CA PHE A 645 6.30 -16.37 18.95
C PHE A 645 5.65 -17.68 19.30
N VAL A 646 6.41 -18.72 19.66
CA VAL A 646 5.86 -20.00 20.01
C VAL A 646 4.98 -19.83 21.22
N ASN A 647 5.47 -19.14 22.22
CA ASN A 647 4.69 -18.97 23.46
C ASN A 647 3.55 -18.00 23.31
N LEU A 648 3.71 -16.93 22.53
CA LEU A 648 2.64 -15.97 22.36
C LEU A 648 1.45 -16.65 21.72
N LEU A 649 1.71 -17.53 20.74
CA LEU A 649 0.63 -18.11 19.95
C LEU A 649 0.00 -19.39 20.61
N ASP A 650 0.48 -19.73 21.80
CA ASP A 650 0.02 -20.95 22.46
C ASP A 650 -1.38 -20.79 23.01
N MET A 651 -2.34 -21.47 22.43
CA MET A 651 -3.74 -21.30 22.85
C MET A 651 -4.01 -21.91 24.27
N GLY A 652 -3.06 -22.63 24.84
CA GLY A 652 -3.14 -23.10 26.22
C GLY A 652 -2.99 -21.97 27.18
N THR A 653 -2.65 -20.78 26.72
CA THR A 653 -2.63 -19.61 27.58
C THR A 653 -3.76 -18.61 27.28
N GLU A 654 -4.38 -18.11 28.35
CA GLU A 654 -5.42 -17.12 28.35
C GLU A 654 -4.98 -15.81 28.93
N TRP A 655 -5.31 -14.69 28.24
CA TRP A 655 -4.82 -13.41 28.57
C TRP A 655 -5.93 -12.48 29.04
N LYS A 656 -5.66 -11.76 30.14
CA LYS A 656 -6.58 -10.75 30.71
C LYS A 656 -5.90 -9.50 31.18
N PRO A 657 -6.50 -8.33 31.01
CA PRO A 657 -5.90 -7.09 31.57
C PRO A 657 -5.86 -7.16 33.09
N THR A 658 -4.83 -6.61 33.68
CA THR A 658 -4.74 -6.53 35.14
C THR A 658 -5.68 -5.45 35.68
N ALA A 659 -6.10 -5.64 36.92
CA ALA A 659 -6.88 -4.66 37.74
C ALA A 659 -6.16 -3.36 37.89
N ALA A 660 -4.91 -3.43 38.38
CA ALA A 660 -4.01 -2.26 38.55
C ALA A 660 -3.79 -1.43 37.24
N ASP A 661 -3.72 -2.13 36.09
CA ASP A 661 -3.33 -1.53 34.84
C ASP A 661 -3.93 -2.25 33.59
N ALA A 662 -4.87 -1.59 32.90
CA ALA A 662 -5.54 -2.07 31.68
C ALA A 662 -4.56 -2.33 30.50
N ASP A 663 -3.36 -1.75 30.56
CA ASP A 663 -2.34 -1.83 29.51
C ASP A 663 -1.29 -2.92 29.80
N VAL A 664 -1.44 -3.63 30.92
CA VAL A 664 -0.66 -4.82 31.22
C VAL A 664 -1.58 -6.03 31.29
N PHE A 665 -1.15 -7.17 30.79
CA PHE A 665 -1.96 -8.35 30.68
C PHE A 665 -1.27 -9.50 31.32
N GLU A 666 -2.05 -10.38 32.00
CA GLU A 666 -1.51 -11.59 32.57
C GLU A 666 -1.89 -12.77 31.68
N GLY A 667 -0.93 -13.65 31.42
CA GLY A 667 -1.17 -14.86 30.62
C GLY A 667 -1.14 -16.02 31.58
N ARG A 668 -2.26 -16.71 31.70
CA ARG A 668 -2.45 -17.80 32.63
C ARG A 668 -2.71 -19.05 31.89
N ASP A 669 -2.19 -20.15 32.43
CA ASP A 669 -2.64 -21.43 31.96
C ASP A 669 -4.16 -21.57 31.95
N ARG A 670 -4.70 -22.03 30.83
CA ARG A 670 -6.16 -22.04 30.63
C ARG A 670 -6.81 -23.06 31.54
N ALA A 671 -6.20 -24.23 31.70
CA ALA A 671 -6.70 -25.33 32.50
C ALA A 671 -6.47 -25.06 33.99
N THR A 672 -5.29 -24.61 34.42
CA THR A 672 -5.03 -24.43 35.88
C THR A 672 -5.08 -23.11 36.45
N GLY A 673 -4.95 -22.04 35.70
CA GLY A 673 -4.99 -20.76 36.30
C GLY A 673 -3.61 -20.28 36.68
N GLU A 674 -2.58 -21.09 36.49
CA GLU A 674 -1.30 -20.62 36.89
C GLU A 674 -0.77 -19.45 35.98
N LEU A 675 -0.11 -18.50 36.61
CA LEU A 675 0.42 -17.30 35.95
C LEU A 675 1.63 -17.73 35.21
N LYS A 676 1.65 -17.59 33.90
CA LYS A 676 2.84 -17.93 33.09
C LYS A 676 3.70 -16.69 32.70
N TRP A 677 3.06 -15.60 32.29
CA TRP A 677 3.70 -14.44 31.69
C TRP A 677 2.93 -13.20 31.96
N THR A 678 3.57 -12.04 31.77
CA THR A 678 2.88 -10.80 31.61
C THR A 678 3.36 -10.14 30.29
N GLY A 679 2.50 -9.30 29.69
CA GLY A 679 2.90 -8.46 28.53
C GLY A 679 2.11 -7.20 28.46
N THR A 680 2.58 -6.33 27.63
CA THR A 680 1.94 -5.03 27.30
C THR A 680 1.14 -5.20 26.03
N ARG A 681 0.51 -4.09 25.67
CA ARG A 681 -0.18 -3.95 24.37
C ARG A 681 0.80 -4.21 23.20
N VAL A 682 2.03 -3.76 23.31
CA VAL A 682 3.04 -3.95 22.27
C VAL A 682 3.37 -5.41 22.08
N ASP A 683 3.50 -6.13 23.17
CA ASP A 683 3.66 -7.60 23.03
C ASP A 683 2.48 -8.32 22.46
N LEU A 684 1.29 -8.06 23.00
CA LEU A 684 0.13 -8.83 22.61
C LEU A 684 -0.50 -8.45 21.29
N VAL A 685 -0.14 -7.29 20.70
CA VAL A 685 -0.71 -6.91 19.39
C VAL A 685 -0.31 -7.98 18.34
N PHE A 686 0.82 -8.62 18.54
CA PHE A 686 1.33 -9.64 17.60
C PHE A 686 0.47 -10.91 17.59
N GLY A 687 -0.29 -11.10 18.64
CA GLY A 687 -1.31 -12.15 18.68
C GLY A 687 -2.71 -11.73 18.46
N SER A 688 -2.92 -10.46 18.19
CA SER A 688 -4.24 -9.91 18.05
C SER A 688 -4.53 -9.38 16.65
N HIS A 689 -3.68 -8.50 16.14
CA HIS A 689 -3.85 -7.94 14.80
C HIS A 689 -3.80 -9.04 13.75
N SER A 690 -4.77 -9.09 12.86
CA SER A 690 -4.75 -10.21 11.92
C SER A 690 -3.57 -10.35 10.98
N GLN A 691 -3.01 -9.23 10.57
N GLN A 691 -3.00 -9.23 10.55
CA GLN A 691 -1.80 -9.23 9.68
CA GLN A 691 -1.78 -9.24 9.69
C GLN A 691 -0.51 -9.46 10.47
C GLN A 691 -0.50 -9.48 10.47
N LEU A 692 -0.40 -8.93 11.70
CA LEU A 692 0.72 -9.22 12.51
C LEU A 692 0.78 -10.71 13.00
N ARG A 693 -0.40 -11.24 13.32
CA ARG A 693 -0.42 -12.63 13.86
C ARG A 693 -0.05 -13.56 12.72
N ALA A 694 -0.43 -13.23 11.46
CA ALA A 694 0.00 -14.07 10.35
C ALA A 694 1.53 -14.13 10.20
N LEU A 695 2.18 -13.03 10.52
CA LEU A 695 3.61 -12.97 10.51
C LEU A 695 4.20 -13.71 11.69
N ALA A 696 3.66 -13.45 12.85
CA ALA A 696 4.08 -14.25 14.02
C ALA A 696 3.99 -15.76 13.81
N GLU A 697 2.96 -16.24 13.16
CA GLU A 697 2.81 -17.66 12.87
C GLU A 697 3.97 -18.29 12.06
N VAL A 698 4.47 -17.52 11.11
CA VAL A 698 5.63 -17.90 10.29
C VAL A 698 6.81 -18.19 11.18
N TYR A 699 7.10 -17.28 12.11
CA TYR A 699 8.24 -17.41 12.96
C TYR A 699 8.08 -18.34 14.17
N GLY A 700 6.82 -18.64 14.45
CA GLY A 700 6.40 -19.54 15.51
C GLY A 700 6.14 -20.93 15.06
N SER A 701 6.45 -21.23 13.81
CA SER A 701 6.28 -22.57 13.26
C SER A 701 7.42 -23.49 13.61
N ALA A 702 7.20 -24.79 13.53
CA ALA A 702 8.23 -25.77 13.93
C ALA A 702 9.45 -25.79 13.01
N ASP A 703 9.29 -25.33 11.78
CA ASP A 703 10.34 -25.28 10.81
C ASP A 703 11.07 -23.95 10.77
N ALA A 704 10.88 -23.04 11.73
CA ALA A 704 11.29 -21.68 11.58
C ALA A 704 12.55 -21.26 12.33
N GLN A 705 13.21 -22.14 13.03
CA GLN A 705 14.30 -21.66 13.91
C GLN A 705 15.44 -21.05 13.11
N GLU A 706 15.83 -21.70 12.00
CA GLU A 706 16.90 -21.20 11.13
C GLU A 706 16.49 -19.87 10.46
N LYS A 707 15.27 -19.82 9.95
CA LYS A 707 14.75 -18.60 9.40
C LYS A 707 14.65 -17.46 10.35
N PHE A 708 14.23 -17.72 11.55
CA PHE A 708 14.17 -16.72 12.57
C PHE A 708 15.55 -16.13 12.86
N VAL A 709 16.56 -16.98 13.03
CA VAL A 709 17.87 -16.48 13.36
C VAL A 709 18.40 -15.67 12.17
N ARG A 710 18.30 -16.20 10.96
CA ARG A 710 18.81 -15.54 9.76
C ARG A 710 18.18 -14.14 9.58
N ASP A 711 16.85 -14.07 9.66
CA ASP A 711 16.09 -12.86 9.49
C ASP A 711 16.37 -11.87 10.62
N PHE A 712 16.59 -12.39 11.82
CA PHE A 712 16.91 -11.50 12.97
C PHE A 712 18.29 -10.88 12.72
N VAL A 713 19.28 -11.70 12.34
CA VAL A 713 20.59 -11.15 12.12
C VAL A 713 20.57 -10.08 10.93
N ALA A 714 19.83 -10.36 9.89
CA ALA A 714 19.69 -9.40 8.81
C ALA A 714 19.09 -8.06 9.23
N VAL A 715 18.05 -8.09 10.02
CA VAL A 715 17.43 -6.82 10.46
C VAL A 715 18.25 -6.12 11.47
N TRP A 716 18.95 -6.85 12.35
CA TRP A 716 19.86 -6.27 13.32
C TRP A 716 20.92 -5.49 12.55
N ASN A 717 21.53 -6.13 11.54
CA ASN A 717 22.55 -5.52 10.73
C ASN A 717 21.99 -4.26 9.97
N LYS A 718 20.76 -4.36 9.48
CA LYS A 718 20.13 -3.26 8.77
C LYS A 718 20.07 -2.05 9.69
N VAL A 719 19.59 -2.30 10.94
CA VAL A 719 19.50 -1.22 11.93
C VAL A 719 20.87 -0.62 12.27
N MET A 720 21.84 -1.47 12.44
CA MET A 720 23.18 -1.02 12.77
C MET A 720 23.77 -0.09 11.63
N ASN A 721 23.34 -0.28 10.37
CA ASN A 721 23.89 0.45 9.28
C ASN A 721 23.00 1.61 8.75
N LEU A 722 21.94 2.00 9.46
CA LEU A 722 20.96 2.92 8.86
C LEU A 722 21.58 4.25 8.45
N ASP A 723 22.57 4.71 9.22
CA ASP A 723 23.15 6.01 9.00
C ASP A 723 24.44 5.95 8.21
N ARG A 724 24.76 4.81 7.60
CA ARG A 724 26.07 4.58 7.02
C ARG A 724 26.10 5.01 5.58
N PHE A 725 25.82 6.28 5.37
CA PHE A 725 25.79 6.83 4.04
C PHE A 725 27.21 6.97 3.43
N ASP A 726 28.25 6.96 4.25
CA ASP A 726 29.68 6.78 3.76
C ASP A 726 29.87 5.47 3.04
N LEU A 727 29.07 4.45 3.20
CA LEU A 727 29.25 3.20 2.42
C LEU A 727 28.30 3.08 1.28
N ALA A 728 27.31 3.99 1.19
CA ALA A 728 26.28 4.06 0.07
C ALA A 728 26.87 4.15 -1.35
N GLY B 16 -6.52 10.96 12.50
CA GLY B 16 -5.58 11.54 11.48
C GLY B 16 -6.25 11.63 10.09
N THR B 17 -6.40 12.81 9.54
CA THR B 17 -7.13 12.92 8.24
C THR B 17 -6.22 12.48 7.12
N SER B 18 -6.75 11.72 6.16
CA SER B 18 -5.97 11.07 5.08
C SER B 18 -6.41 11.61 3.69
N ASN B 19 -5.62 11.25 2.64
CA ASN B 19 -5.99 11.70 1.29
C ASN B 19 -7.38 11.20 0.85
N ARG B 20 -7.68 9.94 1.16
CA ARG B 20 -9.03 9.31 1.02
C ARG B 20 -10.17 10.15 1.66
N ASP B 21 -9.93 10.75 2.84
CA ASP B 21 -10.87 11.64 3.48
C ASP B 21 -11.06 12.91 2.61
N TRP B 22 -9.97 13.60 2.24
CA TRP B 22 -10.08 14.83 1.54
C TRP B 22 -10.64 14.66 0.12
N TRP B 23 -10.29 13.57 -0.57
CA TRP B 23 -10.57 13.38 -1.98
C TRP B 23 -11.09 11.95 -2.12
N PRO B 24 -12.36 11.69 -1.73
CA PRO B 24 -12.78 10.30 -1.57
C PRO B 24 -13.04 9.63 -2.87
N ASN B 25 -13.16 10.35 -3.97
CA ASN B 25 -13.39 9.74 -5.28
C ASN B 25 -12.20 9.71 -6.17
N GLN B 26 -10.98 9.97 -5.66
CA GLN B 26 -9.74 10.05 -6.50
C GLN B 26 -9.37 8.56 -6.61
N LEU B 27 -8.58 8.22 -7.58
CA LEU B 27 -8.32 6.80 -7.96
C LEU B 27 -7.37 6.24 -6.93
N ASP B 28 -7.48 4.99 -6.55
CA ASP B 28 -6.53 4.35 -5.61
C ASP B 28 -5.51 3.37 -6.21
N LEU B 29 -4.26 3.84 -6.41
CA LEU B 29 -3.24 3.07 -7.06
C LEU B 29 -2.60 2.06 -6.13
N SER B 30 -2.84 2.13 -4.82
N SER B 30 -2.75 2.17 -4.80
CA SER B 30 -2.17 1.18 -3.90
CA SER B 30 -2.17 1.15 -3.88
C SER B 30 -2.66 -0.27 -4.18
C SER B 30 -2.62 -0.27 -4.21
N ILE B 31 -3.83 -0.46 -4.77
CA ILE B 31 -4.26 -1.78 -5.17
C ILE B 31 -3.36 -2.42 -6.22
N LEU B 32 -2.59 -1.64 -6.99
CA LEU B 32 -1.61 -2.21 -7.88
C LEU B 32 -0.28 -2.57 -7.22
N HIS B 33 -0.06 -2.11 -6.01
CA HIS B 33 1.25 -2.30 -5.33
C HIS B 33 1.11 -3.15 -4.07
N ARG B 34 0.07 -3.99 -4.03
CA ARG B 34 -0.10 -4.93 -2.92
C ARG B 34 0.76 -6.08 -3.18
N HIS B 35 0.98 -6.89 -2.11
CA HIS B 35 1.53 -8.20 -2.31
C HIS B 35 2.98 -7.93 -2.82
N SER B 36 3.61 -6.82 -2.37
CA SER B 36 5.04 -6.57 -2.65
C SER B 36 5.89 -7.43 -1.73
N SER B 37 7.14 -7.48 -2.09
CA SER B 37 8.08 -8.26 -1.33
C SER B 37 8.19 -7.62 0.08
N LEU B 38 7.76 -6.37 0.31
CA LEU B 38 7.92 -5.74 1.63
C LEU B 38 7.02 -6.43 2.68
N SER B 39 5.80 -6.75 2.30
CA SER B 39 4.84 -7.28 3.27
C SER B 39 4.99 -8.79 3.46
N ASP B 40 5.73 -9.46 2.62
CA ASP B 40 5.82 -10.90 2.57
C ASP B 40 6.93 -11.35 3.51
N PRO B 41 6.68 -12.24 4.45
CA PRO B 41 7.73 -12.69 5.35
C PRO B 41 8.64 -13.72 4.69
N MET B 42 8.26 -14.34 3.58
CA MET B 42 9.02 -15.39 3.02
C MET B 42 10.13 -14.72 2.17
N GLY B 43 11.23 -15.41 2.03
CA GLY B 43 12.24 -14.83 1.10
C GLY B 43 11.78 -14.64 -0.34
N LYS B 44 12.52 -13.91 -1.14
CA LYS B 44 11.94 -13.50 -2.44
C LYS B 44 11.97 -14.69 -3.40
N ASP B 45 12.83 -15.64 -3.17
CA ASP B 45 12.82 -16.84 -3.96
C ASP B 45 11.98 -18.06 -3.40
N PHE B 46 11.23 -17.82 -2.34
CA PHE B 46 10.45 -18.90 -1.69
C PHE B 46 9.51 -19.37 -2.77
N ASN B 47 9.51 -20.66 -2.96
CA ASN B 47 8.63 -21.25 -3.94
C ASN B 47 7.65 -22.23 -3.17
N TYR B 48 6.40 -21.85 -3.06
CA TYR B 48 5.46 -22.69 -2.31
C TYR B 48 5.30 -24.05 -2.94
N ALA B 49 5.11 -24.09 -4.28
CA ALA B 49 4.98 -25.38 -4.94
C ALA B 49 6.06 -26.38 -4.55
N GLN B 50 7.31 -25.93 -4.48
CA GLN B 50 8.37 -26.84 -4.13
C GLN B 50 8.28 -27.30 -2.67
N ALA B 51 7.83 -26.42 -1.75
CA ALA B 51 7.65 -26.77 -0.31
C ALA B 51 6.54 -27.77 -0.22
N PHE B 52 5.43 -27.53 -0.91
CA PHE B 52 4.33 -28.45 -0.84
C PHE B 52 4.64 -29.84 -1.37
N GLU B 53 5.42 -29.87 -2.43
CA GLU B 53 5.77 -31.17 -3.09
C GLU B 53 6.50 -32.09 -2.14
N LYS B 54 7.18 -31.55 -1.16
CA LYS B 54 7.81 -32.36 -0.19
C LYS B 54 7.05 -32.60 1.13
N LEU B 55 5.90 -32.01 1.29
CA LEU B 55 5.05 -32.19 2.46
C LEU B 55 4.70 -33.70 2.49
N ASP B 56 4.68 -34.24 3.67
CA ASP B 56 4.08 -35.60 3.85
C ASP B 56 2.56 -35.41 4.05
N LEU B 57 1.86 -35.41 2.93
CA LEU B 57 0.46 -35.09 2.96
C LEU B 57 -0.37 -36.14 3.78
N ALA B 58 0.04 -37.39 3.68
CA ALA B 58 -0.61 -38.50 4.45
C ALA B 58 -0.51 -38.22 5.93
N ALA B 59 0.62 -37.72 6.41
CA ALA B 59 0.81 -37.38 7.81
C ALA B 59 -0.12 -36.24 8.23
N VAL B 60 -0.22 -35.23 7.36
CA VAL B 60 -1.09 -34.10 7.67
C VAL B 60 -2.55 -34.63 7.84
N LYS B 61 -2.96 -35.47 6.88
CA LYS B 61 -4.32 -35.99 6.90
C LYS B 61 -4.58 -36.87 8.17
N ARG B 62 -3.60 -37.62 8.62
N ARG B 62 -3.60 -37.64 8.60
CA ARG B 62 -3.78 -38.38 9.86
CA ARG B 62 -3.72 -38.36 9.88
C ARG B 62 -3.97 -37.47 11.07
C ARG B 62 -4.01 -37.43 11.04
N ASP B 63 -3.21 -36.39 11.13
CA ASP B 63 -3.39 -35.34 12.18
C ASP B 63 -4.75 -34.68 12.14
N LEU B 64 -5.23 -34.41 10.94
CA LEU B 64 -6.51 -33.84 10.80
C LEU B 64 -7.64 -34.79 11.21
N HIS B 65 -7.50 -36.07 10.83
CA HIS B 65 -8.43 -37.09 11.31
C HIS B 65 -8.45 -37.14 12.87
N ALA B 66 -7.29 -37.08 13.52
CA ALA B 66 -7.28 -37.01 14.99
C ALA B 66 -7.94 -35.81 15.60
N LEU B 67 -7.76 -34.68 14.97
CA LEU B 67 -8.31 -33.47 15.46
C LEU B 67 -9.81 -33.46 15.53
N MET B 68 -10.44 -34.09 14.53
CA MET B 68 -11.85 -34.10 14.44
C MET B 68 -12.56 -34.43 15.71
N THR B 69 -12.04 -35.40 16.47
CA THR B 69 -12.65 -35.75 17.70
C THR B 69 -11.86 -35.39 18.94
N THR B 70 -10.95 -34.47 18.86
CA THR B 70 -10.24 -33.98 20.01
C THR B 70 -10.80 -32.63 20.46
N SER B 71 -11.85 -32.66 21.31
CA SER B 71 -12.60 -31.51 21.66
C SER B 71 -11.80 -30.61 22.55
N GLN B 72 -11.77 -29.32 22.29
CA GLN B 72 -11.17 -28.34 23.19
C GLN B 72 -12.22 -27.66 24.04
N ASP B 73 -11.92 -27.44 25.33
CA ASP B 73 -12.87 -26.85 26.22
C ASP B 73 -13.30 -25.42 25.95
N TRP B 74 -12.43 -24.64 25.33
CA TRP B 74 -12.78 -23.29 24.90
C TRP B 74 -13.75 -23.24 23.70
N TRP B 75 -13.95 -24.33 22.97
CA TRP B 75 -15.00 -24.44 21.88
C TRP B 75 -15.37 -25.88 21.63
N PRO B 76 -16.13 -26.45 22.57
CA PRO B 76 -16.38 -27.90 22.54
C PRO B 76 -17.05 -28.36 21.27
N ALA B 77 -16.64 -29.51 20.80
CA ALA B 77 -17.18 -30.06 19.55
C ALA B 77 -18.64 -30.59 19.64
N ASP B 78 -19.52 -30.09 18.78
CA ASP B 78 -20.86 -30.61 18.73
C ASP B 78 -20.84 -32.11 18.47
N PHE B 79 -21.69 -32.92 19.10
CA PHE B 79 -21.68 -34.36 18.87
C PHE B 79 -20.32 -35.04 19.03
N GLY B 80 -19.37 -34.42 19.72
CA GLY B 80 -18.06 -34.89 19.84
C GLY B 80 -17.18 -34.85 18.54
N HIS B 81 -17.61 -34.12 17.48
CA HIS B 81 -16.95 -34.20 16.19
C HIS B 81 -17.07 -32.85 15.47
N TYR B 82 -15.89 -32.27 15.22
CA TYR B 82 -15.78 -30.89 14.61
C TYR B 82 -16.05 -30.92 13.05
N GLY B 83 -16.45 -32.02 12.48
CA GLY B 83 -16.54 -32.18 11.03
C GLY B 83 -17.45 -31.15 10.37
N GLY B 84 -18.65 -31.03 10.91
CA GLY B 84 -19.64 -30.04 10.40
C GLY B 84 -19.07 -28.65 10.46
N LEU B 85 -18.49 -28.28 11.61
CA LEU B 85 -17.87 -26.93 11.65
C LEU B 85 -16.77 -26.72 10.57
N PHE B 86 -15.90 -27.72 10.37
CA PHE B 86 -14.85 -27.58 9.37
C PHE B 86 -15.39 -27.61 7.91
N ILE B 87 -16.43 -28.35 7.65
CA ILE B 87 -17.03 -28.31 6.30
C ILE B 87 -17.59 -26.89 6.01
N ARG B 88 -18.27 -26.30 7.01
CA ARG B 88 -18.76 -24.99 6.87
C ARG B 88 -17.58 -24.00 6.65
N MET B 89 -16.49 -24.19 7.43
CA MET B 89 -15.32 -23.37 7.30
C MET B 89 -14.75 -23.42 5.88
N ALA B 90 -14.59 -24.59 5.31
CA ALA B 90 -14.09 -24.73 4.00
C ALA B 90 -15.02 -24.18 3.01
N TOX B 91 -16.45 -24.47 2.98
CA TOX B 91 -17.41 -23.97 2.12
CB TOX B 91 -18.78 -24.58 2.47
CG TOX B 91 -19.95 -23.64 2.31
CD1 TOX B 91 -20.81 -23.25 3.33
NE1 TOX B 91 -21.70 -22.43 2.86
CE2 TOX B 91 -21.51 -22.15 1.53
CD2 TOX B 91 -20.38 -22.97 1.15
CE3 TOX B 91 -19.91 -22.91 -0.16
CZ3 TOX B 91 -20.47 -22.06 -1.07
CH2 TOX B 91 -21.54 -21.25 -0.72
CZ2 TOX B 91 -22.02 -21.29 0.55
C TOX B 91 -17.36 -22.47 2.31
O TOX B 91 -17.39 -21.73 1.11
O2 TOX B 91 -22.98 -22.16 5.00
O2 TOX B 91 -23.42 -20.66 3.29
O1 TOX B 91 -22.74 -21.84 3.62
N HIS B 92 -17.26 -21.69 3.48
CA HIS B 92 -17.13 -20.25 3.49
C HIS B 92 -15.83 -19.72 2.83
N SER B 93 -14.71 -20.45 2.99
CA SER B 93 -13.50 -20.13 2.38
C SER B 93 -13.69 -20.00 0.83
N ALA B 94 -14.32 -21.00 0.24
CA ALA B 94 -14.57 -21.01 -1.20
C ALA B 94 -15.73 -20.13 -1.64
N GLY B 95 -16.68 -19.92 -0.73
CA GLY B 95 -17.97 -19.37 -1.11
C GLY B 95 -18.02 -17.82 -1.35
N THR B 96 -16.90 -17.10 -1.21
CA THR B 96 -16.84 -15.67 -1.56
C THR B 96 -16.62 -15.40 -3.03
N TYR B 97 -16.36 -16.45 -3.79
CA TYR B 97 -15.98 -16.36 -5.20
C TYR B 97 -17.08 -15.72 -6.03
N ARG B 98 -16.72 -14.84 -6.96
CA ARG B 98 -17.67 -14.23 -7.90
C ARG B 98 -17.09 -14.50 -9.29
N THR B 99 -17.87 -15.09 -10.17
N THR B 99 -17.91 -15.06 -10.16
CA THR B 99 -17.41 -15.33 -11.54
CA THR B 99 -17.48 -15.30 -11.55
C THR B 99 -17.22 -14.00 -12.27
C THR B 99 -17.33 -14.02 -12.35
N ALA B 100 -17.91 -12.92 -11.88
CA ALA B 100 -17.78 -11.64 -12.56
C ALA B 100 -16.35 -11.10 -12.76
N ASP B 101 -15.59 -11.15 -11.68
CA ASP B 101 -14.19 -10.76 -11.68
C ASP B 101 -13.21 -11.77 -11.30
N GLY B 102 -13.69 -12.98 -10.86
CA GLY B 102 -12.80 -13.99 -10.32
C GLY B 102 -12.28 -13.76 -8.91
N ARG B 103 -12.71 -12.65 -8.31
CA ARG B 103 -12.20 -12.29 -7.02
C ARG B 103 -12.94 -13.12 -5.92
N GLY B 104 -12.35 -13.17 -4.77
CA GLY B 104 -12.80 -14.09 -3.70
C GLY B 104 -12.49 -15.50 -4.03
N GLY B 105 -13.07 -16.43 -3.22
CA GLY B 105 -12.70 -17.87 -3.33
C GLY B 105 -11.63 -18.23 -2.27
N ALA B 106 -11.28 -19.50 -2.29
CA ALA B 106 -10.38 -20.10 -1.28
C ALA B 106 -8.89 -19.95 -1.57
N GLY B 107 -8.60 -19.58 -2.81
CA GLY B 107 -7.26 -19.69 -3.33
C GLY B 107 -6.18 -18.80 -2.75
N GLU B 108 -6.50 -17.82 -1.90
CA GLU B 108 -5.52 -17.01 -1.22
C GLU B 108 -5.59 -17.05 0.29
N GLY B 109 -6.46 -17.89 0.82
CA GLY B 109 -6.64 -18.00 2.30
C GLY B 109 -7.05 -16.73 2.96
N GLN B 110 -7.82 -15.92 2.24
CA GLN B 110 -8.23 -14.61 2.72
C GLN B 110 -9.21 -14.60 3.90
N GLN B 111 -9.76 -15.82 4.24
CA GLN B 111 -10.64 -15.90 5.39
C GLN B 111 -9.92 -15.50 6.70
N ARG B 112 -8.62 -15.57 6.72
CA ARG B 112 -7.89 -15.22 7.97
C ARG B 112 -7.57 -13.72 8.12
N PHE B 113 -7.95 -12.91 7.11
CA PHE B 113 -7.68 -11.49 7.12
C PHE B 113 -9.00 -10.73 7.15
N ALA B 114 -8.90 -9.42 7.47
CA ALA B 114 -10.03 -8.50 7.31
C ALA B 114 -10.36 -8.28 5.83
N PRO B 115 -11.63 -8.17 5.46
CA PRO B 115 -12.80 -8.18 6.36
C PRO B 115 -13.38 -9.54 6.62
N LEU B 116 -13.03 -10.50 5.80
CA LEU B 116 -13.73 -11.76 5.83
C LEU B 116 -13.58 -12.50 7.17
N ASN B 117 -12.50 -12.28 7.91
CA ASN B 117 -12.41 -12.91 9.20
C ASN B 117 -13.47 -12.48 10.18
N SER B 118 -14.15 -11.37 9.88
CA SER B 118 -15.11 -10.77 10.76
C SER B 118 -16.43 -10.53 10.17
N TRP B 119 -16.69 -11.13 9.01
CA TRP B 119 -17.97 -11.00 8.46
C TRP B 119 -18.97 -11.76 9.37
N PRO B 120 -20.21 -11.29 9.46
CA PRO B 120 -21.17 -12.01 10.40
C PRO B 120 -21.41 -13.45 9.96
N ASP B 121 -21.45 -13.73 8.68
CA ASP B 121 -21.59 -15.11 8.19
C ASP B 121 -20.42 -16.03 8.50
N ASN B 122 -19.25 -15.48 8.87
CA ASN B 122 -18.10 -16.22 9.28
C ASN B 122 -17.95 -16.29 10.74
N ALA B 123 -18.97 -15.93 11.47
CA ALA B 123 -18.95 -16.06 12.93
C ALA B 123 -18.57 -17.50 13.39
N ASN B 124 -17.69 -17.50 14.39
CA ASN B 124 -17.12 -18.70 14.99
C ASN B 124 -16.22 -19.54 14.13
N LEU B 125 -16.01 -19.11 12.90
CA LEU B 125 -14.97 -19.76 12.08
C LEU B 125 -13.58 -19.34 12.51
N ASP B 126 -13.50 -18.23 13.25
CA ASP B 126 -12.26 -17.96 14.00
C ASP B 126 -11.84 -19.13 14.92
N LYS B 127 -12.81 -19.78 15.58
CA LYS B 127 -12.54 -20.86 16.49
C LYS B 127 -12.00 -22.04 15.66
N ALA B 128 -12.64 -22.28 14.56
CA ALA B 128 -12.22 -23.39 13.64
C ALA B 128 -10.80 -23.20 13.17
N ARG B 129 -10.46 -21.98 12.72
CA ARG B 129 -9.06 -21.73 12.31
C ARG B 129 -8.08 -21.86 13.46
N ARG B 130 -8.46 -21.41 14.69
CA ARG B 130 -7.57 -21.55 15.78
C ARG B 130 -7.32 -23.04 16.14
N LEU B 131 -8.33 -23.87 15.95
CA LEU B 131 -8.17 -25.35 16.22
C LEU B 131 -7.13 -25.98 15.29
N LEU B 132 -6.93 -25.37 14.09
CA LEU B 132 -5.92 -25.81 13.14
C LEU B 132 -4.51 -25.27 13.33
N TRP B 133 -4.34 -24.29 14.20
CA TRP B 133 -3.02 -23.76 14.53
C TRP B 133 -1.95 -24.81 14.85
N PRO B 134 -2.28 -25.86 15.68
CA PRO B 134 -1.19 -26.72 16.02
C PRO B 134 -0.69 -27.50 14.79
N ILE B 135 -1.62 -27.87 13.90
CA ILE B 135 -1.20 -28.57 12.67
C ILE B 135 -0.38 -27.63 11.72
N LYS B 136 -0.88 -26.41 11.55
CA LYS B 136 -0.19 -25.38 10.74
C LYS B 136 1.22 -25.20 11.28
N GLN B 137 1.34 -25.03 12.59
CA GLN B 137 2.60 -24.86 13.28
C GLN B 137 3.55 -26.05 13.06
N LYS B 138 3.03 -27.27 13.13
CA LYS B 138 3.82 -28.46 12.96
C LYS B 138 4.43 -28.56 11.56
N TYR B 139 3.65 -28.26 10.54
CA TYR B 139 4.10 -28.48 9.19
C TYR B 139 4.68 -27.23 8.52
N GLY B 140 4.42 -26.07 9.10
CA GLY B 140 5.07 -24.83 8.68
C GLY B 140 4.78 -24.40 7.29
N ARG B 141 5.81 -23.97 6.58
CA ARG B 141 5.61 -23.38 5.30
C ARG B 141 5.24 -24.41 4.24
N ALA B 142 5.38 -25.70 4.55
CA ALA B 142 5.06 -26.72 3.55
C ALA B 142 3.54 -26.96 3.32
N ILE B 143 2.68 -26.41 4.16
CA ILE B 143 1.28 -26.37 3.80
C ILE B 143 0.76 -25.00 4.10
N SER B 144 0.21 -24.34 3.10
CA SER B 144 -0.36 -22.99 3.36
C SER B 144 -1.70 -23.06 4.12
N TRP B 145 -2.06 -21.99 4.82
CA TRP B 145 -3.37 -21.85 5.37
C TRP B 145 -4.42 -22.08 4.28
N ALA B 146 -4.22 -21.51 3.12
CA ALA B 146 -5.20 -21.61 2.07
C ALA B 146 -5.46 -23.07 1.73
N ASP B 147 -4.40 -23.84 1.54
CA ASP B 147 -4.52 -25.26 1.29
C ASP B 147 -5.14 -26.04 2.49
N LEU B 148 -4.71 -25.72 3.66
CA LEU B 148 -5.11 -26.36 4.93
C LEU B 148 -6.63 -26.23 5.11
N LEU B 149 -7.17 -25.04 4.93
CA LEU B 149 -8.62 -24.87 5.09
C LEU B 149 -9.44 -25.86 4.20
N ILE B 150 -9.05 -25.99 2.94
CA ILE B 150 -9.71 -26.89 2.06
C ILE B 150 -9.43 -28.35 2.40
N LEU B 151 -8.18 -28.66 2.71
CA LEU B 151 -7.85 -30.08 3.05
C LEU B 151 -8.62 -30.49 4.28
N THR B 152 -8.79 -29.60 5.27
CA THR B 152 -9.50 -29.93 6.45
C THR B 152 -10.97 -30.22 6.14
N GLY B 153 -11.57 -29.47 5.26
CA GLY B 153 -12.92 -29.76 4.81
C GLY B 153 -13.03 -31.13 4.15
N ASN B 154 -12.06 -31.47 3.30
CA ASN B 154 -12.01 -32.82 2.72
C ASN B 154 -11.87 -33.94 3.80
N VAL B 155 -10.99 -33.71 4.76
CA VAL B 155 -10.80 -34.68 5.80
C VAL B 155 -12.06 -34.83 6.66
N ALA B 156 -12.74 -33.76 6.91
CA ALA B 156 -13.97 -33.81 7.64
C ALA B 156 -15.03 -34.72 6.93
N LEU B 157 -15.24 -34.50 5.65
CA LEU B 157 -16.05 -35.31 4.86
C LEU B 157 -15.62 -36.77 4.92
N GLU B 158 -14.37 -37.04 4.69
CA GLU B 158 -13.88 -38.43 4.73
C GLU B 158 -14.05 -39.06 6.12
N SER B 159 -13.77 -38.32 7.19
CA SER B 159 -13.92 -38.81 8.52
C SER B 159 -15.37 -39.25 8.74
N MET B 160 -16.32 -38.56 8.13
CA MET B 160 -17.72 -38.85 8.32
C MET B 160 -18.32 -39.70 7.25
N GLY B 161 -17.50 -40.44 6.48
CA GLY B 161 -17.97 -41.42 5.52
C GLY B 161 -18.27 -41.04 4.14
N PHE B 162 -17.79 -39.87 3.75
CA PHE B 162 -18.00 -39.41 2.35
C PHE B 162 -16.65 -39.44 1.63
N LYS B 163 -16.62 -40.08 0.49
CA LYS B 163 -15.44 -40.19 -0.30
C LYS B 163 -15.41 -39.02 -1.27
N THR B 164 -14.35 -38.27 -1.17
CA THR B 164 -14.22 -37.06 -1.99
C THR B 164 -13.71 -37.44 -3.37
N PHE B 165 -13.89 -36.55 -4.32
CA PHE B 165 -13.41 -36.68 -5.69
C PHE B 165 -11.91 -36.47 -5.85
N GLY B 166 -11.26 -35.87 -4.86
CA GLY B 166 -9.82 -35.56 -4.93
C GLY B 166 -9.48 -34.22 -4.27
N PHE B 167 -8.22 -33.81 -4.43
CA PHE B 167 -7.72 -32.56 -3.78
C PHE B 167 -6.43 -32.20 -4.48
N ALA B 168 -6.23 -30.91 -4.72
CA ALA B 168 -4.96 -30.37 -5.23
C ALA B 168 -4.47 -29.36 -4.24
N GLY B 169 -3.18 -29.40 -3.95
CA GLY B 169 -2.59 -28.28 -3.24
C GLY B 169 -2.04 -27.30 -4.29
N GLY B 170 -1.47 -26.26 -3.76
CA GLY B 170 -0.75 -25.22 -4.48
C GLY B 170 -1.30 -23.84 -4.26
N ARG B 171 -2.31 -23.64 -3.37
CA ARG B 171 -2.77 -22.28 -3.06
C ARG B 171 -1.75 -21.55 -2.20
N ALA B 172 -0.95 -20.62 -2.77
CA ALA B 172 0.13 -19.95 -1.93
C ALA B 172 -0.56 -19.03 -0.97
N ASP B 173 -0.10 -18.93 0.24
CA ASP B 173 -0.62 -17.94 1.18
C ASP B 173 -0.30 -16.48 0.74
N THR B 174 -1.12 -15.52 1.18
CA THR B 174 -1.02 -14.11 0.94
C THR B 174 -0.90 -13.50 2.34
N TRP B 175 -0.52 -12.25 2.42
CA TRP B 175 -0.04 -11.67 3.66
C TRP B 175 -0.70 -10.38 4.05
N GLU B 176 -1.63 -9.94 3.26
CA GLU B 176 -2.46 -8.83 3.55
C GLU B 176 -3.82 -8.97 2.85
N PRO B 177 -4.81 -8.19 3.27
CA PRO B 177 -6.09 -8.21 2.58
C PRO B 177 -6.09 -7.94 1.07
N GLU B 178 -6.85 -8.72 0.29
CA GLU B 178 -7.04 -8.56 -1.13
C GLU B 178 -7.94 -7.32 -1.27
N ASP B 179 -7.80 -6.51 -2.32
CA ASP B 179 -8.67 -5.33 -2.54
C ASP B 179 -9.82 -5.80 -3.40
N VAL B 180 -10.98 -5.89 -2.77
CA VAL B 180 -12.18 -6.42 -3.45
C VAL B 180 -13.29 -5.44 -3.18
N TYR B 181 -14.08 -5.13 -4.18
CA TYR B 181 -15.30 -4.40 -3.99
C TYR B 181 -16.35 -5.42 -3.45
N TRP B 182 -16.71 -5.28 -2.17
CA TRP B 182 -17.76 -6.22 -1.58
C TRP B 182 -19.17 -5.60 -1.52
N GLY B 183 -19.26 -4.35 -2.00
CA GLY B 183 -20.47 -3.56 -1.83
C GLY B 183 -20.21 -2.22 -1.18
N SER B 184 -21.21 -1.33 -1.23
CA SER B 184 -21.08 0.06 -0.70
C SER B 184 -21.88 0.32 0.52
N GLU B 185 -22.54 -0.66 1.08
CA GLU B 185 -23.35 -0.44 2.29
C GLU B 185 -22.41 -0.15 3.46
N LYS B 186 -22.85 0.69 4.39
CA LYS B 186 -22.05 1.07 5.54
C LYS B 186 -22.62 0.48 6.77
N ILE B 187 -23.57 -0.48 6.65
CA ILE B 187 -24.11 -1.19 7.79
C ILE B 187 -24.01 -2.71 7.48
N TRP B 188 -23.47 -3.45 8.42
CA TRP B 188 -23.40 -4.90 8.27
C TRP B 188 -24.80 -5.48 8.04
N LEU B 189 -24.93 -6.31 6.99
CA LEU B 189 -26.12 -7.04 6.70
C LEU B 189 -27.35 -6.17 6.32
N GLU B 190 -27.08 -4.97 5.92
CA GLU B 190 -28.18 -4.10 5.56
C GLU B 190 -29.12 -4.77 4.51
N LEU B 191 -30.39 -4.65 4.82
CA LEU B 191 -31.47 -5.08 3.92
C LEU B 191 -31.57 -4.18 2.68
N SER B 192 -32.10 -4.73 1.60
CA SER B 192 -32.12 -4.06 0.34
C SER B 192 -32.95 -2.72 0.37
N GLY B 193 -32.66 -1.85 -0.64
CA GLY B 193 -33.41 -0.63 -0.83
C GLY B 193 -32.87 0.56 -0.03
N GLY B 194 -31.76 0.38 0.70
CA GLY B 194 -31.11 1.47 1.40
C GLY B 194 -30.35 2.41 0.50
N PRO B 195 -29.62 3.37 1.10
CA PRO B 195 -28.97 4.46 0.22
C PRO B 195 -27.87 3.92 -0.63
N ASN B 196 -27.35 2.76 -0.25
CA ASN B 196 -26.30 2.08 -1.04
C ASN B 196 -26.75 0.66 -1.50
N SER B 197 -28.00 0.53 -1.89
CA SER B 197 -28.61 -0.72 -2.21
C SER B 197 -27.86 -1.42 -3.27
N ARG B 198 -27.56 -2.68 -3.05
CA ARG B 198 -27.00 -3.53 -4.09
C ARG B 198 -28.02 -4.08 -5.04
N TYR B 199 -29.28 -3.83 -4.79
CA TYR B 199 -30.38 -4.28 -5.65
C TYR B 199 -31.08 -3.02 -6.30
N SER B 200 -31.50 -3.21 -7.53
CA SER B 200 -32.42 -2.25 -8.18
C SER B 200 -33.39 -3.02 -9.05
N GLY B 201 -34.44 -2.35 -9.49
CA GLY B 201 -35.32 -2.93 -10.51
C GLY B 201 -36.01 -4.16 -9.92
N ASP B 202 -36.13 -5.21 -10.75
CA ASP B 202 -36.78 -6.48 -10.31
C ASP B 202 -35.78 -7.42 -9.65
N ARG B 203 -35.39 -7.07 -8.44
CA ARG B 203 -34.38 -7.77 -7.66
C ARG B 203 -33.09 -8.10 -8.48
N GLN B 204 -32.53 -7.09 -9.13
CA GLN B 204 -31.33 -7.26 -9.94
C GLN B 204 -30.15 -6.94 -9.03
N LEU B 205 -29.23 -7.91 -8.89
CA LEU B 205 -28.06 -7.70 -7.97
C LEU B 205 -26.96 -7.01 -8.78
N GLU B 206 -26.33 -5.97 -8.29
CA GLU B 206 -25.31 -5.26 -9.12
C GLU B 206 -24.04 -6.14 -9.33
N ASN B 207 -23.54 -6.17 -10.57
CA ASN B 207 -22.22 -6.77 -10.83
C ASN B 207 -21.13 -5.90 -10.21
N PRO B 208 -20.08 -6.42 -9.62
CA PRO B 208 -19.70 -7.84 -9.65
C PRO B 208 -20.15 -8.67 -8.41
N LEU B 209 -21.17 -8.24 -7.67
CA LEU B 209 -21.50 -8.85 -6.35
C LEU B 209 -22.20 -10.17 -6.56
N ALA B 210 -22.04 -11.05 -5.57
CA ALA B 210 -22.56 -12.35 -5.61
C ALA B 210 -23.20 -12.81 -4.33
N ALA B 211 -23.60 -11.88 -3.49
CA ALA B 211 -24.25 -12.11 -2.28
C ALA B 211 -25.37 -11.07 -2.07
N VAL B 212 -26.38 -11.43 -1.26
CA VAL B 212 -27.61 -10.59 -1.18
C VAL B 212 -27.54 -9.46 -0.16
N GLN B 213 -26.56 -9.57 0.77
CA GLN B 213 -26.42 -8.60 1.90
C GLN B 213 -24.90 -8.57 2.26
N MET B 214 -24.46 -7.41 2.68
CA MET B 214 -23.07 -7.18 3.01
C MET B 214 -22.72 -8.07 4.21
N GLY B 215 -21.73 -8.94 4.04
CA GLY B 215 -21.30 -9.82 5.11
C GLY B 215 -21.87 -11.22 5.11
N LEU B 216 -22.63 -11.53 4.07
CA LEU B 216 -23.17 -12.86 3.85
C LEU B 216 -22.37 -13.50 2.67
N ILE B 217 -22.30 -14.81 2.69
CA ILE B 217 -21.61 -15.68 1.69
C ILE B 217 -22.45 -15.67 0.42
N TYR B 218 -23.69 -16.12 0.53
CA TYR B 218 -24.62 -16.10 -0.61
C TYR B 218 -26.00 -15.45 -0.29
N VAL B 219 -26.88 -16.15 0.42
CA VAL B 219 -28.21 -15.72 0.68
C VAL B 219 -28.52 -15.64 2.17
N ASN B 220 -29.71 -15.09 2.47
CA ASN B 220 -30.16 -14.95 3.84
C ASN B 220 -30.86 -16.29 4.19
N PRO B 221 -30.42 -16.97 5.24
CA PRO B 221 -31.04 -18.25 5.56
C PRO B 221 -32.50 -18.18 6.05
N GLU B 222 -32.97 -17.02 6.48
CA GLU B 222 -34.40 -16.83 6.84
C GLU B 222 -35.28 -16.57 5.58
N GLY B 223 -34.70 -16.09 4.48
CA GLY B 223 -35.39 -15.76 3.28
C GLY B 223 -35.01 -14.31 2.84
N PRO B 224 -35.50 -13.90 1.65
CA PRO B 224 -35.00 -12.62 1.05
C PRO B 224 -35.33 -11.45 2.00
N ASP B 225 -34.30 -10.66 2.40
CA ASP B 225 -34.50 -9.53 3.35
C ASP B 225 -35.23 -10.03 4.53
N GLY B 226 -35.01 -11.31 4.91
CA GLY B 226 -35.61 -11.81 6.15
C GLY B 226 -37.03 -12.37 6.07
N ASN B 227 -37.58 -12.41 4.88
CA ASN B 227 -38.97 -12.82 4.73
C ASN B 227 -38.98 -14.31 4.40
N PRO B 228 -39.63 -15.13 5.22
CA PRO B 228 -39.49 -16.56 5.08
C PRO B 228 -40.34 -17.23 4.05
N ASP B 229 -40.08 -16.91 2.80
CA ASP B 229 -40.78 -17.52 1.63
C ASP B 229 -39.75 -18.40 0.86
N PRO B 230 -39.91 -19.71 0.88
CA PRO B 230 -38.92 -20.60 0.24
C PRO B 230 -38.86 -20.45 -1.22
N VAL B 231 -39.97 -19.99 -1.84
CA VAL B 231 -39.95 -19.87 -3.30
C VAL B 231 -39.17 -18.66 -3.77
N ALA B 232 -39.33 -17.54 -3.06
CA ALA B 232 -38.57 -16.34 -3.34
C ALA B 232 -37.09 -16.56 -2.92
N ALA B 233 -36.87 -17.33 -1.89
CA ALA B 233 -35.50 -17.64 -1.44
C ALA B 233 -34.80 -18.39 -2.55
N ALA B 234 -35.56 -19.27 -3.22
CA ALA B 234 -34.98 -20.05 -4.32
C ALA B 234 -34.43 -19.18 -5.43
N ARG B 235 -35.14 -18.08 -5.71
CA ARG B 235 -34.66 -17.15 -6.71
C ARG B 235 -33.32 -16.55 -6.37
N ASP B 236 -33.14 -16.13 -5.12
CA ASP B 236 -31.87 -15.58 -4.69
C ASP B 236 -30.77 -16.65 -4.72
N ILE B 237 -31.09 -17.90 -4.33
CA ILE B 237 -30.10 -18.97 -4.30
C ILE B 237 -29.65 -19.20 -5.73
N ARG B 238 -30.58 -19.26 -6.64
CA ARG B 238 -30.22 -19.52 -8.00
C ARG B 238 -29.31 -18.39 -8.62
N ASP B 239 -29.65 -17.16 -8.29
CA ASP B 239 -28.93 -16.00 -8.82
C ASP B 239 -27.54 -15.98 -8.20
N THR B 240 -27.44 -16.06 -6.89
CA THR B 240 -26.13 -15.99 -6.30
C THR B 240 -25.20 -17.18 -6.66
N PHE B 241 -25.73 -18.40 -6.63
CA PHE B 241 -24.97 -19.56 -7.01
C PHE B 241 -24.51 -19.47 -8.48
N ALA B 242 -25.36 -19.00 -9.37
CA ALA B 242 -24.93 -18.80 -10.80
C ALA B 242 -23.79 -17.77 -10.89
N ARG B 243 -23.82 -16.80 -10.02
CA ARG B 243 -22.76 -15.85 -9.94
C ARG B 243 -21.50 -16.34 -9.23
N MET B 244 -21.55 -17.56 -8.67
CA MET B 244 -20.37 -18.26 -8.19
C MET B 244 -20.03 -19.44 -9.16
N ALA B 245 -20.62 -19.44 -10.37
CA ALA B 245 -20.36 -20.50 -11.36
C ALA B 245 -21.05 -21.80 -11.17
N MET B 246 -22.14 -21.87 -10.42
CA MET B 246 -22.78 -23.15 -10.13
C MET B 246 -24.16 -23.15 -10.74
N ASN B 247 -24.50 -24.21 -11.45
CA ASN B 247 -25.87 -24.41 -11.99
C ASN B 247 -26.82 -25.10 -11.00
N ASP B 248 -28.07 -25.38 -11.48
CA ASP B 248 -29.08 -25.97 -10.57
C ASP B 248 -28.66 -27.29 -9.92
N GLU B 249 -28.15 -28.19 -10.73
CA GLU B 249 -27.75 -29.49 -10.20
C GLU B 249 -26.66 -29.38 -9.10
N GLU B 250 -25.67 -28.57 -9.42
CA GLU B 250 -24.55 -28.39 -8.54
C GLU B 250 -25.00 -27.72 -7.22
N THR B 251 -25.93 -26.77 -7.37
CA THR B 251 -26.46 -26.01 -6.22
C THR B 251 -27.24 -26.92 -5.26
N VAL B 252 -28.15 -27.70 -5.79
CA VAL B 252 -28.93 -28.63 -4.93
C VAL B 252 -27.96 -29.65 -4.27
N ALA B 253 -27.03 -30.19 -5.06
CA ALA B 253 -26.09 -31.14 -4.52
C ALA B 253 -25.26 -30.57 -3.39
N LEU B 254 -24.83 -29.32 -3.55
CA LEU B 254 -23.98 -28.64 -2.52
C LEU B 254 -24.76 -28.34 -1.24
N ILE B 255 -25.96 -27.82 -1.36
CA ILE B 255 -26.68 -27.38 -0.17
C ILE B 255 -27.16 -28.62 0.62
N ALA B 256 -27.71 -29.58 -0.08
CA ALA B 256 -28.20 -30.82 0.56
C ALA B 256 -27.03 -31.69 1.04
N GLY B 257 -25.92 -31.65 0.33
CA GLY B 257 -24.73 -32.35 0.81
C GLY B 257 -24.18 -31.74 2.08
N GLY B 258 -24.01 -30.45 2.07
CA GLY B 258 -23.51 -29.76 3.26
C GLY B 258 -24.41 -29.99 4.47
N HIS B 259 -25.71 -29.81 4.25
CA HIS B 259 -26.66 -29.89 5.37
C HIS B 259 -27.03 -31.37 5.69
N THR B 260 -26.34 -32.32 5.09
CA THR B 260 -26.31 -33.68 5.65
C THR B 260 -25.57 -33.69 6.98
N PHE B 261 -24.77 -32.68 7.26
CA PHE B 261 -23.88 -32.72 8.39
C PHE B 261 -24.14 -31.59 9.35
N GLY B 262 -23.90 -31.85 10.65
CA GLY B 262 -23.79 -30.81 11.61
C GLY B 262 -25.07 -30.11 11.98
N LYS B 263 -24.91 -28.85 12.44
CA LYS B 263 -26.02 -28.04 12.92
C LYS B 263 -25.71 -26.57 12.86
N THR B 264 -26.76 -25.76 13.06
CA THR B 264 -26.67 -24.35 13.27
C THR B 264 -26.59 -23.99 14.75
N HIS B 265 -26.34 -22.75 15.11
CA HIS B 265 -26.25 -22.38 16.54
C HIS B 265 -26.98 -21.10 16.85
N GLY B 266 -28.00 -21.24 17.69
CA GLY B 266 -28.85 -20.11 18.11
C GLY B 266 -29.50 -20.36 19.45
N ALA B 267 -28.71 -20.65 20.48
CA ALA B 267 -29.29 -21.19 21.71
C ALA B 267 -29.96 -20.08 22.54
N GLY B 268 -29.66 -18.86 22.21
CA GLY B 268 -30.14 -17.69 22.93
C GLY B 268 -30.04 -16.44 22.11
N PRO B 269 -30.55 -15.32 22.66
CA PRO B 269 -30.64 -14.14 21.93
C PRO B 269 -29.26 -13.61 21.41
N ALA B 270 -29.28 -13.05 20.19
CA ALA B 270 -28.08 -12.54 19.56
C ALA B 270 -27.47 -11.37 20.28
N SER B 271 -28.23 -10.68 21.12
CA SER B 271 -27.65 -9.56 21.81
C SER B 271 -26.62 -9.99 22.84
N ASN B 272 -26.59 -11.26 23.21
CA ASN B 272 -25.56 -11.79 24.00
C ASN B 272 -24.12 -11.79 23.38
N VAL B 273 -24.06 -11.70 22.06
CA VAL B 273 -22.82 -11.94 21.31
C VAL B 273 -22.06 -10.61 21.16
N GLY B 274 -20.80 -10.57 21.53
CA GLY B 274 -19.96 -9.35 21.47
C GLY B 274 -19.23 -9.18 20.16
N ALA B 275 -18.24 -8.35 20.22
CA ALA B 275 -17.53 -7.80 19.03
C ALA B 275 -16.87 -8.86 18.14
N GLU B 276 -17.04 -8.72 16.89
CA GLU B 276 -16.36 -9.49 15.89
C GLU B 276 -14.87 -9.33 16.04
N PRO B 277 -14.08 -10.28 15.46
CA PRO B 277 -12.63 -10.27 15.75
C PRO B 277 -11.92 -8.94 15.51
N GLU B 278 -12.15 -8.29 14.40
CA GLU B 278 -11.36 -7.03 14.11
C GLU B 278 -11.72 -5.89 15.11
N ALA B 279 -12.83 -6.00 15.84
CA ALA B 279 -13.25 -5.00 16.82
C ALA B 279 -13.00 -5.43 18.21
N ALA B 280 -12.56 -6.69 18.48
CA ALA B 280 -12.47 -7.14 19.87
C ALA B 280 -11.27 -6.60 20.54
N GLY B 281 -11.24 -6.61 21.85
CA GLY B 281 -10.04 -6.27 22.55
C GLY B 281 -8.81 -7.12 22.27
N ILE B 282 -7.65 -6.52 22.58
CA ILE B 282 -6.36 -7.14 22.31
C ILE B 282 -6.21 -8.47 23.08
N GLU B 283 -6.80 -8.56 24.27
CA GLU B 283 -6.79 -9.83 25.03
C GLU B 283 -7.45 -11.00 24.39
N ALA B 284 -8.38 -10.75 23.49
CA ALA B 284 -9.05 -11.82 22.75
C ALA B 284 -8.17 -12.54 21.80
N GLN B 285 -6.98 -12.01 21.53
CA GLN B 285 -5.95 -12.75 20.76
C GLN B 285 -6.52 -13.34 19.46
N GLY B 286 -7.18 -12.45 18.75
CA GLY B 286 -7.57 -12.72 17.37
C GLY B 286 -8.93 -13.36 17.24
N LEU B 287 -9.55 -13.71 18.39
CA LEU B 287 -10.84 -14.29 18.31
C LEU B 287 -11.93 -13.25 18.57
N GLY B 288 -13.17 -13.64 18.32
CA GLY B 288 -14.34 -12.73 18.45
C GLY B 288 -15.67 -13.39 18.85
N TRP B 289 -16.74 -12.62 18.75
CA TRP B 289 -18.12 -13.01 19.05
C TRP B 289 -18.24 -13.70 20.36
N LYS B 290 -17.48 -13.19 21.35
CA LYS B 290 -17.56 -13.71 22.67
C LYS B 290 -19.02 -13.53 23.18
N SER B 291 -19.60 -14.59 23.72
CA SER B 291 -21.05 -14.59 24.13
C SER B 291 -21.26 -14.65 25.65
N ALA B 292 -22.16 -13.80 26.15
CA ALA B 292 -22.52 -13.77 27.57
C ALA B 292 -23.65 -14.73 27.82
N TYR B 293 -24.15 -15.49 26.77
CA TYR B 293 -25.25 -16.44 27.02
C TYR B 293 -24.77 -17.74 27.69
N ARG B 294 -25.15 -17.93 28.96
CA ARG B 294 -24.79 -19.11 29.75
C ARG B 294 -23.29 -19.38 29.60
N THR B 295 -22.82 -20.56 29.21
CA THR B 295 -21.35 -20.83 29.09
C THR B 295 -20.70 -20.16 27.85
N GLY B 296 -21.49 -19.67 26.91
CA GLY B 296 -20.93 -18.94 25.74
C GLY B 296 -20.50 -19.80 24.59
N LYS B 297 -20.74 -21.10 24.67
CA LYS B 297 -20.09 -22.15 23.80
C LYS B 297 -20.82 -23.48 23.89
N GLY B 298 -20.45 -24.43 23.05
CA GLY B 298 -21.02 -25.79 23.06
C GLY B 298 -22.53 -25.81 22.99
N ALA B 299 -23.16 -26.40 24.01
CA ALA B 299 -24.69 -26.41 24.06
C ALA B 299 -25.30 -25.02 24.08
N ASP B 300 -24.56 -24.02 24.53
CA ASP B 300 -25.04 -22.65 24.56
C ASP B 300 -24.58 -21.77 23.38
N ALA B 301 -23.94 -22.36 22.36
CA ALA B 301 -23.45 -21.62 21.24
C ALA B 301 -24.49 -20.78 20.51
N ILE B 302 -24.06 -19.58 20.13
CA ILE B 302 -24.80 -18.70 19.23
C ILE B 302 -23.85 -18.22 18.09
N THR B 303 -24.20 -18.59 16.85
CA THR B 303 -23.45 -18.23 15.69
C THR B 303 -24.31 -17.40 14.78
N THR B 304 -25.29 -18.03 14.14
CA THR B 304 -26.24 -17.21 13.36
C THR B 304 -27.53 -16.85 14.07
N GLY B 305 -27.92 -17.55 15.15
CA GLY B 305 -29.17 -17.38 15.72
C GLY B 305 -30.23 -18.38 15.31
N LEU B 306 -29.98 -19.17 14.26
CA LEU B 306 -30.83 -20.27 13.89
C LEU B 306 -30.48 -21.52 14.75
N GLU B 307 -31.47 -22.38 15.04
CA GLU B 307 -31.30 -23.56 15.79
C GLU B 307 -31.88 -24.77 15.08
N VAL B 308 -31.16 -25.29 14.11
CA VAL B 308 -31.63 -26.34 13.13
C VAL B 308 -30.56 -27.45 13.17
N THR B 309 -30.98 -28.70 13.35
CA THR B 309 -30.11 -29.83 13.07
C THR B 309 -30.85 -30.69 12.05
N TRP B 310 -30.23 -30.95 10.89
CA TRP B 310 -30.94 -31.54 9.78
C TRP B 310 -31.18 -33.05 9.78
N THR B 311 -30.26 -33.87 10.29
CA THR B 311 -30.37 -35.27 10.09
C THR B 311 -30.30 -35.99 11.47
N THR B 312 -30.68 -37.24 11.43
CA THR B 312 -30.64 -38.17 12.62
C THR B 312 -29.22 -38.67 12.89
N THR B 313 -28.26 -38.43 11.97
CA THR B 313 -26.86 -38.75 12.23
C THR B 313 -25.96 -37.58 11.70
N PRO B 314 -25.88 -36.53 12.49
CA PRO B 314 -25.18 -35.37 12.00
C PRO B 314 -23.71 -35.55 11.78
N THR B 315 -23.10 -36.64 12.29
CA THR B 315 -21.68 -36.86 12.08
C THR B 315 -21.40 -37.94 11.11
N GLN B 316 -22.40 -38.35 10.34
CA GLN B 316 -22.23 -39.41 9.32
C GLN B 316 -22.93 -39.13 8.12
N TRP B 317 -22.28 -39.34 6.97
CA TRP B 317 -22.97 -39.28 5.68
C TRP B 317 -24.21 -40.17 5.65
N SER B 318 -25.30 -39.72 5.06
CA SER B 318 -26.57 -40.44 5.11
C SER B 318 -27.38 -39.92 3.94
N HIS B 319 -28.56 -40.44 3.78
CA HIS B 319 -29.51 -39.93 2.76
C HIS B 319 -30.70 -39.29 3.46
N ASN B 320 -30.49 -38.90 4.72
CA ASN B 320 -31.55 -38.43 5.58
C ASN B 320 -31.98 -37.03 5.26
N PHE B 321 -31.15 -36.20 4.60
CA PHE B 321 -31.60 -34.85 4.30
C PHE B 321 -32.84 -34.85 3.45
N PHE B 322 -32.78 -35.55 2.32
CA PHE B 322 -33.94 -35.55 1.45
C PHE B 322 -35.12 -36.45 1.99
N GLU B 323 -34.83 -37.49 2.78
CA GLU B 323 -35.94 -38.22 3.45
C GLU B 323 -36.71 -37.24 4.31
N ASN B 324 -36.01 -36.38 5.08
CA ASN B 324 -36.71 -35.49 5.97
C ASN B 324 -37.40 -34.39 5.13
N LEU B 325 -36.69 -33.81 4.18
CA LEU B 325 -37.27 -32.72 3.37
C LEU B 325 -38.68 -33.08 2.75
N PHE B 326 -38.72 -34.23 2.14
CA PHE B 326 -39.90 -34.80 1.45
C PHE B 326 -40.88 -35.53 2.39
N GLY B 327 -40.40 -36.05 3.50
CA GLY B 327 -41.18 -36.92 4.35
C GLY B 327 -42.04 -36.24 5.34
N TYR B 328 -41.84 -34.95 5.59
CA TYR B 328 -42.66 -34.23 6.51
C TYR B 328 -43.28 -33.01 5.78
N GLU B 329 -44.35 -32.47 6.39
CA GLU B 329 -44.79 -31.12 6.08
C GLU B 329 -44.21 -30.18 7.13
N TRP B 330 -44.03 -28.94 6.75
CA TRP B 330 -43.17 -28.00 7.55
C TRP B 330 -43.98 -26.86 8.07
N GLU B 331 -43.76 -26.48 9.30
CA GLU B 331 -44.46 -25.36 9.94
C GLU B 331 -43.44 -24.27 10.34
N LEU B 332 -43.81 -23.01 10.12
CA LEU B 332 -43.01 -21.89 10.45
C LEU B 332 -42.94 -21.67 11.89
N THR B 333 -41.74 -21.50 12.44
CA THR B 333 -41.57 -21.29 13.85
C THR B 333 -40.37 -20.41 14.08
N LYS B 334 -39.96 -20.25 15.33
CA LYS B 334 -38.84 -19.37 15.67
C LYS B 334 -37.82 -20.05 16.52
N SER B 335 -36.53 -19.74 16.34
CA SER B 335 -35.51 -20.28 17.17
C SER B 335 -35.51 -19.56 18.52
N PRO B 336 -34.70 -20.03 19.48
CA PRO B 336 -34.58 -19.23 20.74
C PRO B 336 -34.03 -17.85 20.62
N ALA B 337 -33.42 -17.48 19.50
CA ALA B 337 -32.94 -16.14 19.30
C ALA B 337 -33.94 -15.31 18.51
N GLY B 338 -35.07 -15.88 18.13
CA GLY B 338 -36.04 -15.12 17.37
C GLY B 338 -35.96 -15.24 15.88
N ALA B 339 -35.17 -16.15 15.34
CA ALA B 339 -35.04 -16.24 13.87
C ALA B 339 -36.07 -17.15 13.27
N HIS B 340 -36.49 -16.89 12.05
CA HIS B 340 -37.43 -17.79 11.38
C HIS B 340 -36.76 -19.10 10.92
N GLN B 341 -37.43 -20.22 11.17
CA GLN B 341 -37.03 -21.53 10.77
C GLN B 341 -38.22 -22.46 10.79
N TRP B 342 -38.06 -23.71 10.41
CA TRP B 342 -39.20 -24.59 10.07
C TRP B 342 -39.02 -25.84 10.92
N VAL B 343 -40.14 -26.40 11.38
CA VAL B 343 -40.20 -27.66 12.15
C VAL B 343 -41.19 -28.61 11.51
N ALA B 344 -40.88 -29.89 11.58
CA ALA B 344 -41.64 -30.96 10.91
C ALA B 344 -42.93 -31.18 11.69
N LYS B 345 -44.04 -31.01 10.98
CA LYS B 345 -45.42 -31.19 11.58
C LYS B 345 -45.64 -32.63 12.03
N GLY B 346 -46.01 -32.74 13.28
CA GLY B 346 -46.36 -34.08 13.82
C GLY B 346 -45.20 -35.03 14.06
N ALA B 347 -43.94 -34.61 14.00
CA ALA B 347 -42.87 -35.56 13.99
C ALA B 347 -42.52 -35.98 15.41
N ASP B 348 -41.95 -37.16 15.59
CA ASP B 348 -41.29 -37.52 16.82
C ASP B 348 -39.92 -36.86 16.95
N ALA B 349 -39.43 -36.87 18.17
CA ALA B 349 -38.12 -36.38 18.54
C ALA B 349 -37.05 -37.43 18.16
N VAL B 350 -36.59 -37.37 16.91
CA VAL B 350 -35.65 -38.30 16.35
C VAL B 350 -34.19 -37.75 16.12
N ILE B 351 -33.97 -36.42 16.29
CA ILE B 351 -32.68 -35.80 15.95
C ILE B 351 -31.88 -35.76 17.26
N PRO B 352 -30.62 -36.22 17.23
CA PRO B 352 -29.90 -36.19 18.48
C PRO B 352 -29.49 -34.83 18.94
N ASP B 353 -29.37 -34.65 20.25
CA ASP B 353 -28.87 -33.43 20.81
C ASP B 353 -27.33 -33.43 20.69
N ALA B 354 -26.69 -32.26 20.53
CA ALA B 354 -25.26 -32.20 20.30
C ALA B 354 -24.45 -32.45 21.55
N PHE B 355 -25.06 -32.26 22.74
CA PHE B 355 -24.39 -32.50 24.00
C PHE B 355 -25.04 -33.42 25.07
N ASP B 356 -26.34 -33.54 25.01
CA ASP B 356 -27.08 -34.23 26.12
C ASP B 356 -27.64 -35.49 25.54
N PRO B 357 -27.04 -36.66 25.87
CA PRO B 357 -27.62 -37.96 25.39
C PRO B 357 -29.10 -38.21 25.78
N SER B 358 -29.65 -37.54 26.76
CA SER B 358 -31.07 -37.83 27.10
C SER B 358 -32.05 -36.94 26.33
N LYS B 359 -31.57 -36.06 25.44
CA LYS B 359 -32.50 -35.19 24.71
C LYS B 359 -32.48 -35.51 23.24
N LYS B 360 -33.65 -35.40 22.62
CA LYS B 360 -33.85 -35.55 21.22
C LYS B 360 -34.74 -34.45 20.74
N HIS B 361 -34.78 -34.23 19.43
CA HIS B 361 -35.43 -33.05 18.85
C HIS B 361 -36.21 -33.43 17.60
N ARG B 362 -37.21 -32.63 17.27
CA ARG B 362 -37.90 -32.86 16.01
C ARG B 362 -36.99 -32.39 14.83
N PRO B 363 -37.13 -33.00 13.64
CA PRO B 363 -36.57 -32.41 12.43
C PRO B 363 -36.90 -30.96 12.16
N THR B 364 -35.87 -30.23 11.72
CA THR B 364 -35.98 -28.81 11.44
C THR B 364 -35.30 -28.50 10.11
N MET B 365 -35.65 -27.37 9.52
CA MET B 365 -35.09 -26.94 8.22
C MET B 365 -35.02 -25.41 8.19
N LEU B 366 -34.10 -24.90 7.38
CA LEU B 366 -34.10 -23.49 7.03
C LEU B 366 -35.07 -23.19 5.91
N THR B 367 -35.52 -21.97 5.82
CA THR B 367 -36.25 -21.54 4.62
C THR B 367 -35.57 -21.93 3.31
N THR B 368 -34.26 -21.69 3.23
CA THR B 368 -33.43 -22.01 2.07
C THR B 368 -33.26 -23.51 1.79
N ASP B 369 -33.39 -24.36 2.81
CA ASP B 369 -33.52 -25.80 2.64
C ASP B 369 -34.82 -26.16 1.95
N LEU B 370 -35.92 -25.50 2.39
CA LEU B 370 -37.24 -25.78 1.78
C LEU B 370 -37.31 -25.33 0.36
N SER B 371 -36.49 -24.31 -0.04
CA SER B 371 -36.38 -23.93 -1.46
C SER B 371 -36.11 -25.09 -2.32
N LEU B 372 -35.36 -26.08 -1.80
CA LEU B 372 -35.00 -27.28 -2.64
C LEU B 372 -36.19 -28.15 -3.03
N ARG B 373 -37.23 -28.03 -2.21
CA ARG B 373 -38.50 -28.71 -2.46
C ARG B 373 -39.58 -27.82 -3.15
N PHE B 374 -39.62 -26.53 -2.85
CA PHE B 374 -40.76 -25.72 -3.26
C PHE B 374 -40.47 -24.89 -4.54
N ASP B 375 -39.23 -24.76 -4.99
CA ASP B 375 -38.93 -24.23 -6.27
C ASP B 375 -39.11 -25.37 -7.24
N PRO B 376 -39.87 -25.17 -8.33
CA PRO B 376 -40.14 -26.31 -9.18
C PRO B 376 -39.00 -26.95 -9.87
N ALA B 377 -38.07 -26.19 -10.36
CA ALA B 377 -36.88 -26.79 -11.01
C ALA B 377 -35.96 -27.55 -9.96
N TYR B 378 -35.76 -26.96 -8.77
CA TYR B 378 -35.02 -27.65 -7.75
C TYR B 378 -35.71 -28.95 -7.28
N GLU B 379 -37.04 -28.90 -7.17
CA GLU B 379 -37.79 -30.03 -6.72
C GLU B 379 -37.54 -31.25 -7.58
N LYS B 380 -37.45 -31.09 -8.88
CA LYS B 380 -37.21 -32.24 -9.71
C LYS B 380 -35.83 -32.85 -9.49
N ILE B 381 -34.81 -32.01 -9.28
CA ILE B 381 -33.47 -32.54 -9.00
C ILE B 381 -33.43 -33.15 -7.61
N SER B 382 -33.95 -32.47 -6.61
CA SER B 382 -34.05 -33.01 -5.26
C SER B 382 -34.74 -34.39 -5.24
N ARG B 383 -35.79 -34.51 -6.02
N ARG B 383 -35.77 -34.56 -6.06
CA ARG B 383 -36.50 -35.79 -6.07
CA ARG B 383 -36.53 -35.83 -6.08
C ARG B 383 -35.66 -36.89 -6.72
C ARG B 383 -35.65 -36.89 -6.72
N ARG B 384 -34.99 -36.54 -7.80
CA ARG B 384 -34.08 -37.48 -8.48
C ARG B 384 -32.96 -37.93 -7.50
N PHE B 385 -32.40 -37.00 -6.73
CA PHE B 385 -31.37 -37.32 -5.73
C PHE B 385 -31.91 -38.19 -4.61
N HIS B 386 -33.14 -37.89 -4.19
CA HIS B 386 -33.84 -38.72 -3.18
C HIS B 386 -34.04 -40.19 -3.65
N GLU B 387 -34.51 -40.34 -4.87
CA GLU B 387 -34.77 -41.66 -5.43
C GLU B 387 -33.50 -42.37 -5.83
N ASN B 388 -32.41 -41.64 -6.12
CA ASN B 388 -31.16 -42.23 -6.62
C ASN B 388 -29.97 -41.69 -5.83
N PRO B 389 -29.80 -42.14 -4.62
CA PRO B 389 -28.82 -41.47 -3.75
C PRO B 389 -27.40 -41.57 -4.23
N GLU B 390 -27.10 -42.53 -5.10
CA GLU B 390 -25.80 -42.64 -5.79
C GLU B 390 -25.52 -41.49 -6.69
N GLN B 391 -26.56 -40.97 -7.33
CA GLN B 391 -26.38 -39.82 -8.15
C GLN B 391 -26.11 -38.61 -7.28
N PHE B 392 -26.78 -38.50 -6.15
CA PHE B 392 -26.63 -37.40 -5.25
C PHE B 392 -25.14 -37.43 -4.76
N ALA B 393 -24.66 -38.58 -4.32
CA ALA B 393 -23.30 -38.71 -3.82
C ALA B 393 -22.21 -38.23 -4.84
N ASP B 394 -22.37 -38.66 -6.07
CA ASP B 394 -21.43 -38.35 -7.09
C ASP B 394 -21.50 -36.86 -7.45
N ALA B 395 -22.72 -36.30 -7.57
CA ALA B 395 -22.90 -34.92 -7.86
C ALA B 395 -22.29 -34.02 -6.77
N PHE B 396 -22.54 -34.35 -5.51
CA PHE B 396 -22.02 -33.59 -4.42
C PHE B 396 -20.47 -33.70 -4.45
N ALA B 397 -19.90 -34.89 -4.70
CA ALA B 397 -18.42 -34.99 -4.70
C ALA B 397 -17.77 -34.09 -5.79
N ARG B 398 -18.37 -34.10 -6.98
CA ARG B 398 -17.93 -33.34 -8.04
C ARG B 398 -18.08 -31.87 -7.78
N ALA B 399 -19.26 -31.49 -7.24
CA ALA B 399 -19.49 -30.12 -6.89
C ALA B 399 -18.59 -29.55 -5.80
N TRP B 400 -18.31 -30.35 -4.80
CA TRP B 400 -17.41 -29.97 -3.75
C TRP B 400 -16.00 -29.75 -4.33
N PHE B 401 -15.58 -30.61 -5.23
CA PHE B 401 -14.27 -30.37 -5.89
C PHE B 401 -14.26 -29.02 -6.68
N LYS B 402 -15.27 -28.84 -7.50
CA LYS B 402 -15.42 -27.61 -8.24
C LYS B 402 -15.43 -26.37 -7.33
N LEU B 403 -16.26 -26.41 -6.33
CA LEU B 403 -16.39 -25.31 -5.39
C LEU B 403 -15.02 -24.90 -4.78
N THR B 404 -14.25 -25.92 -4.38
CA THR B 404 -13.02 -25.70 -3.69
C THR B 404 -11.80 -25.49 -4.61
N HIS B 405 -11.94 -25.72 -5.89
CA HIS B 405 -10.86 -25.55 -6.84
C HIS B 405 -11.15 -24.55 -7.99
N ARG B 406 -12.35 -23.95 -7.99
CA ARG B 406 -12.79 -23.15 -9.13
C ARG B 406 -11.90 -21.93 -9.40
N ASP B 407 -11.18 -21.44 -8.38
CA ASP B 407 -10.35 -20.26 -8.51
C ASP B 407 -8.87 -20.59 -8.59
N MET B 408 -8.52 -21.86 -8.75
CA MET B 408 -7.13 -22.25 -8.80
C MET B 408 -6.43 -22.10 -10.12
N GLY B 409 -7.15 -22.08 -11.18
CA GLY B 409 -6.49 -21.92 -12.47
C GLY B 409 -6.34 -23.18 -13.23
N PRO B 410 -5.50 -23.15 -14.25
CA PRO B 410 -5.32 -24.33 -15.05
C PRO B 410 -4.74 -25.53 -14.22
N ARG B 411 -4.97 -26.71 -14.75
CA ARG B 411 -4.58 -28.01 -14.09
C ARG B 411 -3.09 -28.08 -13.86
N ALA B 412 -2.29 -27.40 -14.67
CA ALA B 412 -0.83 -27.33 -14.42
C ALA B 412 -0.48 -26.79 -13.05
N ARG B 413 -1.33 -26.02 -12.40
CA ARG B 413 -0.97 -25.51 -11.08
C ARG B 413 -1.27 -26.54 -9.96
N TYR B 414 -2.00 -27.60 -10.30
CA TYR B 414 -2.48 -28.60 -9.25
C TYR B 414 -1.40 -29.45 -8.73
N LEU B 415 -1.20 -29.47 -7.42
CA LEU B 415 -0.11 -30.26 -6.82
C LEU B 415 -0.54 -31.46 -6.01
N GLY B 416 0.30 -32.48 -5.98
CA GLY B 416 0.19 -33.51 -4.93
C GLY B 416 -0.38 -34.79 -5.45
N PRO B 417 -0.56 -35.78 -4.58
CA PRO B 417 -0.88 -37.12 -5.07
C PRO B 417 -2.40 -37.39 -5.14
N GLU B 418 -3.28 -36.44 -4.83
CA GLU B 418 -4.69 -36.69 -4.88
C GLU B 418 -5.39 -35.96 -5.93
N VAL B 419 -4.68 -35.49 -6.93
CA VAL B 419 -5.31 -34.69 -7.96
C VAL B 419 -6.12 -35.58 -8.85
N PRO B 420 -7.39 -35.29 -9.09
CA PRO B 420 -8.13 -36.14 -10.00
C PRO B 420 -7.62 -36.10 -11.42
N ALA B 421 -7.55 -37.28 -12.03
CA ALA B 421 -7.11 -37.40 -13.42
C ALA B 421 -8.19 -36.97 -14.43
N GLU B 422 -9.44 -37.00 -14.06
CA GLU B 422 -10.48 -36.57 -14.97
C GLU B 422 -10.42 -35.03 -15.20
N VAL B 423 -10.52 -34.68 -16.46
CA VAL B 423 -10.47 -33.33 -16.92
C VAL B 423 -11.87 -32.82 -17.02
N LEU B 424 -12.16 -31.70 -16.36
CA LEU B 424 -13.50 -31.20 -16.27
C LEU B 424 -13.66 -29.94 -17.11
N LEU B 425 -14.82 -29.80 -17.74
CA LEU B 425 -15.05 -28.67 -18.60
C LEU B 425 -14.78 -27.31 -17.94
N TRP B 426 -15.13 -27.17 -16.65
CA TRP B 426 -14.94 -25.85 -15.99
C TRP B 426 -13.52 -25.44 -15.80
N GLN B 427 -12.58 -26.39 -15.88
CA GLN B 427 -11.19 -26.07 -15.77
C GLN B 427 -10.57 -25.37 -17.06
N ASP B 428 -11.39 -25.19 -18.12
CA ASP B 428 -10.97 -24.56 -19.43
C ASP B 428 -9.79 -25.30 -19.95
N PRO B 429 -9.95 -26.60 -20.14
CA PRO B 429 -8.73 -27.43 -20.26
C PRO B 429 -7.98 -27.13 -21.58
N ILE B 430 -6.68 -27.34 -21.51
CA ILE B 430 -5.78 -27.19 -22.61
C ILE B 430 -5.17 -28.54 -22.93
N PRO B 431 -5.26 -29.01 -24.20
CA PRO B 431 -4.62 -30.28 -24.54
C PRO B 431 -3.10 -30.34 -24.28
N ALA B 432 -2.63 -31.54 -23.98
CA ALA B 432 -1.24 -31.79 -23.76
C ALA B 432 -0.50 -31.59 -25.05
N VAL B 433 0.72 -31.08 -24.99
CA VAL B 433 1.48 -31.01 -26.19
C VAL B 433 2.18 -32.35 -26.41
N ASP B 434 2.05 -32.89 -27.58
CA ASP B 434 2.51 -34.21 -27.92
C ASP B 434 3.61 -34.24 -28.98
N HIS B 435 4.20 -33.08 -29.36
CA HIS B 435 5.09 -32.99 -30.52
C HIS B 435 6.24 -32.02 -30.20
N PRO B 436 7.32 -32.09 -30.98
CA PRO B 436 8.44 -31.14 -30.83
C PRO B 436 7.94 -29.74 -31.05
N LEU B 437 8.49 -28.81 -30.30
CA LEU B 437 8.14 -27.43 -30.42
C LEU B 437 9.05 -26.71 -31.39
N ILE B 438 8.57 -25.58 -31.89
CA ILE B 438 9.44 -24.74 -32.69
C ILE B 438 10.62 -24.20 -31.91
N ASP B 439 11.75 -24.00 -32.62
CA ASP B 439 13.00 -23.49 -31.97
C ASP B 439 13.18 -22.07 -32.43
N ALA B 440 14.31 -21.46 -32.08
CA ALA B 440 14.56 -20.09 -32.45
C ALA B 440 14.69 -19.88 -33.95
N ALA B 441 15.22 -20.84 -34.68
CA ALA B 441 15.35 -20.64 -36.13
C ALA B 441 13.93 -20.67 -36.79
N ASP B 442 13.05 -21.51 -36.26
CA ASP B 442 11.68 -21.63 -36.74
C ASP B 442 10.90 -20.37 -36.39
N ALA B 443 11.10 -19.83 -35.22
CA ALA B 443 10.44 -18.58 -34.81
C ALA B 443 10.83 -17.41 -35.69
N ALA B 444 12.12 -17.31 -36.07
CA ALA B 444 12.54 -16.33 -37.03
C ALA B 444 11.92 -16.47 -38.34
N GLU B 445 11.80 -17.68 -38.82
CA GLU B 445 11.20 -17.94 -40.11
C GLU B 445 9.71 -17.57 -40.06
N LEU B 446 8.99 -17.94 -38.98
CA LEU B 446 7.55 -17.63 -38.89
C LEU B 446 7.32 -16.10 -38.79
N LYS B 447 8.15 -15.40 -38.04
CA LYS B 447 8.02 -13.96 -37.94
C LYS B 447 8.23 -13.31 -39.32
N ALA B 448 9.19 -13.79 -40.08
CA ALA B 448 9.40 -13.23 -41.39
C ALA B 448 8.21 -13.51 -42.33
N LYS B 449 7.64 -14.69 -42.27
CA LYS B 449 6.44 -14.99 -43.02
C LYS B 449 5.23 -14.08 -42.60
N VAL B 450 5.12 -13.82 -41.30
CA VAL B 450 4.01 -13.03 -40.80
C VAL B 450 4.17 -11.58 -41.42
N LEU B 451 5.38 -11.02 -41.33
CA LEU B 451 5.67 -9.66 -41.87
C LEU B 451 5.52 -9.62 -43.42
N ALA B 452 5.91 -10.68 -44.08
CA ALA B 452 5.75 -10.72 -45.55
C ALA B 452 4.32 -10.85 -45.99
N SER B 453 3.37 -11.24 -45.14
CA SER B 453 2.02 -11.50 -45.59
C SER B 453 1.32 -10.19 -45.82
N GLY B 454 1.78 -9.06 -45.28
CA GLY B 454 1.04 -7.85 -45.30
C GLY B 454 0.24 -7.50 -44.09
N LEU B 455 0.19 -8.39 -43.09
CA LEU B 455 -0.48 -7.97 -41.85
C LEU B 455 0.21 -6.76 -41.25
N THR B 456 -0.52 -5.81 -40.75
CA THR B 456 0.11 -4.60 -40.27
C THR B 456 0.50 -4.70 -38.80
N VAL B 457 1.30 -3.76 -38.34
CA VAL B 457 1.68 -3.68 -36.93
C VAL B 457 0.44 -3.64 -36.10
N SER B 458 -0.47 -2.72 -36.49
CA SER B 458 -1.74 -2.61 -35.75
C SER B 458 -2.52 -3.90 -35.66
N GLN B 459 -2.67 -4.62 -36.76
CA GLN B 459 -3.39 -5.86 -36.70
C GLN B 459 -2.74 -6.93 -35.79
N LEU B 460 -1.45 -7.05 -35.86
CA LEU B 460 -0.64 -8.05 -35.18
C LEU B 460 -0.70 -7.74 -33.67
N VAL B 461 -0.45 -6.51 -33.29
CA VAL B 461 -0.47 -6.12 -31.91
C VAL B 461 -1.90 -6.29 -31.33
N SER B 462 -2.90 -5.79 -32.02
CA SER B 462 -4.28 -5.82 -31.53
C SER B 462 -4.72 -7.28 -31.35
N THR B 463 -4.43 -8.17 -32.30
CA THR B 463 -4.90 -9.57 -32.16
C THR B 463 -4.22 -10.28 -30.94
N ALA B 464 -2.89 -10.10 -30.81
CA ALA B 464 -2.19 -10.77 -29.71
C ALA B 464 -2.66 -10.19 -28.36
N TRP B 465 -2.91 -8.88 -28.32
CA TRP B 465 -3.44 -8.24 -27.11
C TRP B 465 -4.80 -8.85 -26.77
N ALA B 466 -5.62 -9.02 -27.78
CA ALA B 466 -6.95 -9.54 -27.60
C ALA B 466 -6.93 -10.98 -27.09
N ALA B 467 -5.96 -11.78 -27.54
CA ALA B 467 -5.78 -13.12 -27.11
C ALA B 467 -5.30 -13.19 -25.66
N ALA B 468 -4.34 -12.39 -25.25
CA ALA B 468 -3.62 -12.58 -24.03
C ALA B 468 -4.24 -11.85 -22.86
N SER B 469 -4.95 -10.77 -23.15
CA SER B 469 -5.44 -9.85 -22.09
C SER B 469 -6.76 -10.29 -21.49
N THR B 470 -7.26 -11.48 -21.83
CA THR B 470 -8.34 -12.08 -21.09
C THR B 470 -7.96 -12.67 -19.75
N PHE B 471 -6.68 -12.80 -19.48
CA PHE B 471 -6.18 -13.37 -18.25
C PHE B 471 -6.55 -12.52 -17.08
N ARG B 472 -6.97 -13.16 -15.99
CA ARG B 472 -7.10 -12.44 -14.73
C ARG B 472 -6.47 -13.23 -13.64
N GLY B 473 -5.68 -12.53 -12.81
CA GLY B 473 -4.98 -13.22 -11.76
C GLY B 473 -5.81 -13.62 -10.56
N SER B 474 -7.01 -13.17 -10.50
CA SER B 474 -7.91 -13.40 -9.39
C SER B 474 -8.35 -14.92 -9.27
N ASP B 475 -8.69 -15.51 -10.39
CA ASP B 475 -8.92 -16.93 -10.59
C ASP B 475 -8.13 -17.66 -11.61
N LYS B 476 -7.11 -16.98 -12.20
CA LYS B 476 -6.16 -17.50 -13.15
C LYS B 476 -6.83 -18.09 -14.35
N ARG B 477 -7.99 -17.56 -14.70
CA ARG B 477 -8.62 -17.91 -16.00
C ARG B 477 -8.19 -16.98 -17.08
N GLY B 478 -8.40 -17.40 -18.29
CA GLY B 478 -8.07 -16.62 -19.45
C GLY B 478 -6.61 -16.71 -19.90
N GLY B 479 -6.28 -15.86 -20.85
CA GLY B 479 -4.97 -15.80 -21.49
C GLY B 479 -4.97 -16.41 -22.86
N ALA B 480 -3.79 -16.35 -23.51
CA ALA B 480 -3.63 -16.79 -24.88
C ALA B 480 -3.48 -18.26 -25.12
N ASN B 481 -3.13 -19.02 -24.08
CA ASN B 481 -3.05 -20.49 -24.26
C ASN B 481 -4.44 -20.98 -24.56
N GLY B 482 -4.50 -21.93 -25.50
CA GLY B 482 -5.80 -22.46 -25.89
C GLY B 482 -6.30 -21.94 -27.24
N ALA B 483 -5.78 -20.81 -27.67
CA ALA B 483 -6.32 -20.12 -28.91
C ALA B 483 -7.78 -20.01 -28.89
N ARG B 484 -8.30 -19.60 -27.74
CA ARG B 484 -9.76 -19.58 -27.66
C ARG B 484 -10.36 -18.31 -28.30
N ILE B 485 -9.49 -17.39 -28.70
CA ILE B 485 -9.86 -16.21 -29.40
C ILE B 485 -10.47 -16.64 -30.79
N ARG B 486 -10.17 -17.82 -31.25
CA ARG B 486 -10.71 -18.30 -32.55
C ARG B 486 -12.07 -18.99 -32.42
N LEU B 487 -12.49 -19.19 -31.18
CA LEU B 487 -13.70 -19.99 -30.90
C LEU B 487 -14.83 -19.04 -30.44
N ALA B 488 -16.08 -19.56 -30.38
CA ALA B 488 -17.17 -18.87 -29.72
C ALA B 488 -16.85 -18.95 -28.20
N PRO B 489 -17.16 -17.93 -27.45
CA PRO B 489 -17.64 -16.66 -27.88
C PRO B 489 -16.59 -15.55 -28.17
N GLN B 490 -15.33 -15.79 -27.91
CA GLN B 490 -14.34 -14.72 -27.95
C GLN B 490 -14.24 -14.14 -29.36
N LYS B 491 -14.42 -14.97 -30.38
CA LYS B 491 -14.30 -14.48 -31.74
C LYS B 491 -15.39 -13.52 -32.16
N ASP B 492 -16.47 -13.45 -31.40
CA ASP B 492 -17.56 -12.58 -31.71
C ASP B 492 -17.62 -11.38 -30.76
N TRP B 493 -16.70 -11.22 -29.82
CA TRP B 493 -16.78 -10.14 -28.90
C TRP B 493 -16.50 -8.85 -29.57
N GLU B 494 -17.29 -7.83 -29.26
CA GLU B 494 -17.13 -6.52 -29.95
C GLU B 494 -15.76 -5.91 -29.70
N ALA B 495 -15.24 -6.04 -28.47
CA ALA B 495 -13.86 -5.57 -28.18
C ALA B 495 -12.79 -6.20 -29.07
N ASN B 496 -13.05 -7.39 -29.53
CA ASN B 496 -12.12 -8.11 -30.38
C ASN B 496 -12.21 -7.81 -31.82
N GLN B 497 -13.20 -6.97 -32.22
CA GLN B 497 -13.35 -6.59 -33.62
C GLN B 497 -13.49 -7.77 -34.54
N PRO B 498 -14.59 -8.47 -34.48
CA PRO B 498 -14.81 -9.72 -35.16
C PRO B 498 -14.45 -9.81 -36.60
N GLU B 499 -14.72 -8.77 -37.39
CA GLU B 499 -14.38 -8.87 -38.85
C GLU B 499 -12.89 -8.75 -39.06
N GLN B 500 -12.26 -7.81 -38.36
CA GLN B 500 -10.79 -7.69 -38.49
C GLN B 500 -10.08 -8.97 -37.94
N LEU B 501 -10.55 -9.48 -36.81
CA LEU B 501 -10.03 -10.69 -36.20
C LEU B 501 -10.10 -11.82 -37.17
N ALA B 502 -11.24 -12.05 -37.80
CA ALA B 502 -11.40 -13.15 -38.76
C ALA B 502 -10.37 -13.10 -39.88
N ALA B 503 -10.15 -11.92 -40.46
CA ALA B 503 -9.18 -11.76 -41.54
C ALA B 503 -7.74 -12.00 -41.03
N VAL B 504 -7.38 -11.53 -39.82
CA VAL B 504 -6.02 -11.80 -39.29
C VAL B 504 -5.85 -13.34 -39.07
N LEU B 505 -6.87 -14.00 -38.48
CA LEU B 505 -6.77 -15.42 -38.14
C LEU B 505 -6.69 -16.27 -39.40
N GLU B 506 -7.39 -15.85 -40.44
CA GLU B 506 -7.36 -16.58 -41.70
C GLU B 506 -5.98 -16.55 -42.28
N THR B 507 -5.34 -15.37 -42.29
CA THR B 507 -3.96 -15.26 -42.75
C THR B 507 -3.04 -16.01 -41.92
N LEU B 508 -3.15 -15.90 -40.60
CA LEU B 508 -2.31 -16.74 -39.73
C LEU B 508 -2.46 -18.22 -39.93
N GLU B 509 -3.69 -18.71 -40.05
CA GLU B 509 -3.90 -20.14 -40.26
C GLU B 509 -3.30 -20.60 -41.60
N ALA B 510 -3.30 -19.78 -42.66
CA ALA B 510 -2.62 -20.16 -43.91
C ALA B 510 -1.12 -20.33 -43.69
N ILE B 511 -0.51 -19.40 -42.95
CA ILE B 511 0.93 -19.50 -42.65
C ILE B 511 1.25 -20.73 -41.86
N ARG B 512 0.44 -20.98 -40.87
CA ARG B 512 0.59 -22.16 -40.04
C ARG B 512 0.50 -23.46 -40.83
N THR B 513 -0.53 -23.54 -41.66
CA THR B 513 -0.77 -24.72 -42.44
C THR B 513 0.44 -24.93 -43.33
N ALA B 514 0.95 -23.89 -43.99
CA ALA B 514 2.11 -24.04 -44.83
C ALA B 514 3.36 -24.49 -44.04
N PHE B 515 3.62 -23.88 -42.87
CA PHE B 515 4.75 -24.24 -42.06
C PHE B 515 4.61 -25.66 -41.58
N ASN B 516 3.45 -26.05 -41.07
CA ASN B 516 3.28 -27.38 -40.49
C ASN B 516 3.41 -28.40 -41.62
N GLY B 517 2.93 -28.07 -42.84
CA GLY B 517 2.90 -29.10 -43.91
C GLY B 517 4.34 -29.38 -44.39
N ALA B 518 5.23 -28.42 -44.20
CA ALA B 518 6.59 -28.56 -44.56
C ALA B 518 7.47 -29.26 -43.51
N GLN B 519 7.01 -29.63 -42.34
CA GLN B 519 7.92 -30.16 -41.34
C GLN B 519 8.07 -31.65 -41.44
N ARG B 520 9.21 -32.09 -40.89
CA ARG B 520 9.50 -33.45 -40.46
C ARG B 520 9.48 -33.69 -38.97
N GLY B 521 9.34 -34.97 -38.65
CA GLY B 521 9.56 -35.44 -37.29
C GLY B 521 8.37 -35.09 -36.40
N GLY B 522 7.23 -34.69 -36.99
CA GLY B 522 6.12 -34.39 -36.12
C GLY B 522 6.14 -32.95 -35.57
N LYS B 523 7.10 -32.11 -35.95
CA LYS B 523 7.14 -30.76 -35.39
C LYS B 523 5.99 -29.97 -35.96
N GLN B 524 5.34 -29.18 -35.10
CA GLN B 524 4.31 -28.29 -35.63
C GLN B 524 4.15 -27.13 -34.68
N VAL B 525 3.48 -26.12 -35.20
CA VAL B 525 3.22 -24.94 -34.37
C VAL B 525 1.70 -24.82 -34.14
N SER B 526 1.32 -24.58 -32.91
CA SER B 526 -0.05 -24.27 -32.63
C SER B 526 -0.49 -22.89 -33.14
N LEU B 527 -1.80 -22.68 -33.40
CA LEU B 527 -2.29 -21.35 -33.66
C LEU B 527 -2.14 -20.45 -32.44
N ALA B 528 -2.27 -20.99 -31.27
CA ALA B 528 -2.10 -20.19 -30.04
C ALA B 528 -0.70 -19.56 -29.94
N ASP B 529 0.31 -20.40 -30.14
CA ASP B 529 1.68 -19.90 -30.21
C ASP B 529 1.85 -18.92 -31.37
N LEU B 530 1.35 -19.22 -32.54
CA LEU B 530 1.51 -18.35 -33.69
C LEU B 530 0.87 -16.93 -33.54
N ILE B 531 -0.30 -16.83 -32.90
CA ILE B 531 -0.89 -15.56 -32.58
C ILE B 531 0.04 -14.71 -31.75
N VAL B 532 0.60 -15.31 -30.70
CA VAL B 532 1.51 -14.61 -29.79
C VAL B 532 2.80 -14.22 -30.50
N LEU B 533 3.38 -15.15 -31.23
CA LEU B 533 4.57 -14.89 -32.01
C LEU B 533 4.36 -13.78 -33.05
N ALA B 534 3.21 -13.80 -33.68
CA ALA B 534 2.84 -12.75 -34.65
C ALA B 534 2.75 -11.37 -33.99
N GLY B 535 2.18 -11.31 -32.82
CA GLY B 535 2.22 -10.07 -32.00
C GLY B 535 3.64 -9.62 -31.68
N CYS B 536 4.54 -10.54 -31.36
CA CYS B 536 5.95 -10.21 -31.14
C CYS B 536 6.59 -9.63 -32.45
N ALA B 537 6.33 -10.23 -33.61
CA ALA B 537 6.82 -9.71 -34.87
C ALA B 537 6.31 -8.30 -35.10
N GLY B 538 5.04 -8.05 -34.75
CA GLY B 538 4.55 -6.70 -34.88
C GLY B 538 5.24 -5.69 -33.96
N VAL B 539 5.51 -6.06 -32.73
CA VAL B 539 6.24 -5.16 -31.82
C VAL B 539 7.68 -4.91 -32.34
N GLU B 540 8.34 -5.97 -32.81
CA GLU B 540 9.68 -5.81 -33.46
C GLU B 540 9.67 -4.85 -34.66
N GLN B 541 8.69 -5.04 -35.54
CA GLN B 541 8.49 -4.19 -36.69
C GLN B 541 8.21 -2.71 -36.25
N ALA B 542 7.43 -2.54 -35.19
CA ALA B 542 7.16 -1.22 -34.70
C ALA B 542 8.41 -0.57 -34.15
N ALA B 543 9.26 -1.34 -33.48
CA ALA B 543 10.50 -0.79 -33.03
C ALA B 543 11.42 -0.41 -34.18
N LYS B 544 11.47 -1.26 -35.19
CA LYS B 544 12.22 -0.95 -36.38
C LYS B 544 11.70 0.34 -37.09
N ASN B 545 10.38 0.49 -37.21
CA ASN B 545 9.82 1.70 -37.69
C ASN B 545 10.29 2.91 -36.99
N ALA B 546 10.64 2.83 -35.72
CA ALA B 546 11.16 3.90 -34.92
C ALA B 546 12.69 4.01 -34.92
N GLY B 547 13.37 3.21 -35.70
CA GLY B 547 14.79 3.20 -35.78
C GLY B 547 15.49 2.38 -34.70
N HIS B 548 14.80 1.48 -33.96
CA HIS B 548 15.42 0.69 -32.93
C HIS B 548 15.49 -0.83 -33.30
N ALA B 549 16.59 -1.45 -32.88
CA ALA B 549 16.75 -2.85 -33.12
C ALA B 549 16.35 -3.60 -31.81
N VAL B 550 15.25 -4.31 -31.84
CA VAL B 550 14.75 -4.93 -30.67
C VAL B 550 14.37 -6.38 -31.02
N THR B 551 14.71 -7.31 -30.20
CA THR B 551 14.12 -8.71 -30.31
C THR B 551 13.15 -8.92 -29.13
N VAL B 552 11.98 -9.37 -29.42
CA VAL B 552 10.98 -9.54 -28.37
C VAL B 552 11.04 -11.04 -27.96
N PRO B 553 11.16 -11.32 -26.69
CA PRO B 553 11.22 -12.71 -26.30
C PRO B 553 9.86 -13.47 -26.62
N PHE B 554 9.97 -14.76 -26.85
CA PHE B 554 8.85 -15.62 -27.20
C PHE B 554 9.11 -17.01 -26.63
N ALA B 555 8.18 -17.55 -25.91
CA ALA B 555 8.26 -18.95 -25.35
C ALA B 555 7.16 -19.84 -26.01
N PRO B 556 7.56 -20.80 -26.84
CA PRO B 556 6.50 -21.68 -27.40
C PRO B 556 5.92 -22.67 -26.36
N GLY B 557 4.95 -23.44 -26.79
CA GLY B 557 4.36 -24.46 -25.96
C GLY B 557 2.87 -24.33 -25.62
N ARG B 558 2.20 -23.32 -26.15
CA ARG B 558 0.80 -23.23 -26.06
C ARG B 558 0.19 -24.26 -26.98
N ALA B 559 -1.01 -24.75 -26.61
CA ALA B 559 -1.74 -25.67 -27.46
C ALA B 559 -3.13 -25.09 -27.77
N ASP B 560 -3.80 -25.65 -28.74
CA ASP B 560 -5.09 -25.17 -29.19
C ASP B 560 -6.22 -26.03 -28.55
N ALA B 561 -7.14 -25.39 -27.85
CA ALA B 561 -8.29 -26.05 -27.29
C ALA B 561 -9.37 -26.15 -28.37
N SER B 562 -10.23 -27.12 -28.23
CA SER B 562 -11.40 -27.26 -29.19
C SER B 562 -12.60 -26.47 -28.65
N GLN B 563 -13.58 -26.31 -29.54
CA GLN B 563 -14.82 -25.70 -29.12
C GLN B 563 -15.54 -26.54 -27.98
N GLU B 564 -15.44 -27.86 -28.10
CA GLU B 564 -16.08 -28.75 -27.10
C GLU B 564 -15.39 -28.67 -25.76
N GLN B 565 -14.15 -28.19 -25.70
CA GLN B 565 -13.43 -27.88 -24.48
C GLN B 565 -13.58 -26.51 -23.97
N THR B 566 -14.50 -25.76 -24.51
CA THR B 566 -14.64 -24.35 -24.23
C THR B 566 -16.13 -24.07 -23.96
N ASP B 567 -16.47 -23.92 -22.70
CA ASP B 567 -17.88 -23.72 -22.25
C ASP B 567 -18.22 -22.27 -22.53
N VAL B 568 -19.10 -22.05 -23.50
CA VAL B 568 -19.35 -20.69 -23.95
C VAL B 568 -19.99 -19.80 -22.87
N GLU B 569 -20.83 -20.32 -21.99
N GLU B 569 -20.81 -20.42 -22.05
CA GLU B 569 -21.48 -19.39 -20.99
CA GLU B 569 -21.54 -19.71 -21.00
C GLU B 569 -20.55 -19.00 -19.92
C GLU B 569 -20.60 -19.07 -20.01
N SER B 570 -19.68 -19.92 -19.52
CA SER B 570 -18.66 -19.62 -18.50
C SER B 570 -17.58 -18.64 -19.04
N MET B 571 -17.36 -18.66 -20.32
CA MET B 571 -16.45 -17.73 -21.01
C MET B 571 -16.94 -16.28 -21.05
N ALA B 572 -18.27 -16.07 -20.94
CA ALA B 572 -18.88 -14.77 -21.08
C ALA B 572 -18.45 -13.83 -20.06
N VAL B 573 -18.12 -14.28 -18.85
CA VAL B 573 -17.57 -13.32 -17.86
C VAL B 573 -16.23 -12.80 -18.13
N LEU B 574 -15.50 -13.42 -19.05
CA LEU B 574 -14.23 -12.90 -19.39
C LEU B 574 -14.35 -11.78 -20.46
N GLU B 575 -15.55 -11.54 -20.95
CA GLU B 575 -15.67 -10.53 -21.98
C GLU B 575 -15.27 -9.15 -21.44
N PRO B 576 -14.39 -8.45 -22.10
CA PRO B 576 -14.08 -7.11 -21.57
C PRO B 576 -15.19 -6.15 -22.00
N VAL B 577 -15.87 -5.63 -21.03
CA VAL B 577 -16.75 -4.55 -21.29
C VAL B 577 -16.07 -3.17 -21.08
N ALA B 578 -14.92 -3.16 -20.40
CA ALA B 578 -14.13 -1.93 -20.33
C ALA B 578 -12.70 -2.42 -20.51
N ASP B 579 -11.95 -1.87 -21.47
CA ASP B 579 -10.50 -2.21 -21.64
C ASP B 579 -9.85 -0.94 -22.08
N GLY B 580 -9.34 -0.22 -21.07
CA GLY B 580 -8.65 1.01 -21.31
C GLY B 580 -7.38 0.90 -22.15
N PHE B 581 -6.79 -0.29 -22.20
CA PHE B 581 -5.65 -0.51 -22.99
C PHE B 581 -5.97 -0.48 -24.47
N ARG B 582 -7.22 -0.68 -24.85
CA ARG B 582 -7.68 -0.48 -26.22
C ARG B 582 -8.68 0.68 -26.39
N ASN B 583 -8.75 1.53 -25.36
CA ASN B 583 -9.68 2.68 -25.28
C ASN B 583 -11.13 2.28 -25.55
N TYR B 584 -11.56 1.17 -24.94
CA TYR B 584 -12.83 0.60 -25.18
C TYR B 584 -13.74 0.63 -24.00
N LEU B 585 -14.97 1.08 -24.22
CA LEU B 585 -16.03 0.96 -23.20
C LEU B 585 -17.29 0.50 -23.98
N LYS B 586 -17.85 -0.60 -23.55
CA LYS B 586 -18.98 -1.27 -24.27
C LYS B 586 -20.22 -0.43 -24.06
N GLY B 587 -20.42 0.13 -22.88
CA GLY B 587 -21.48 1.15 -22.73
C GLY B 587 -21.10 2.17 -21.69
N LYS B 588 -22.08 2.88 -21.17
CA LYS B 588 -21.84 4.00 -20.24
C LYS B 588 -22.10 3.42 -18.85
N TYR B 589 -21.22 3.62 -17.90
CA TYR B 589 -21.31 2.94 -16.62
C TYR B 589 -21.28 3.96 -15.53
N ARG B 590 -21.69 3.56 -14.34
CA ARG B 590 -21.65 4.45 -13.18
C ARG B 590 -20.20 4.59 -12.72
N VAL B 591 -19.35 3.62 -12.97
CA VAL B 591 -17.94 3.68 -12.55
C VAL B 591 -17.12 4.47 -13.56
N PRO B 592 -16.38 5.50 -13.14
CA PRO B 592 -15.53 6.20 -14.12
C PRO B 592 -14.51 5.30 -14.85
N ALA B 593 -14.24 5.62 -16.11
CA ALA B 593 -13.47 4.70 -16.91
C ALA B 593 -12.04 4.47 -16.36
N GLU B 594 -11.47 5.47 -15.71
CA GLU B 594 -10.10 5.34 -15.18
C GLU B 594 -10.08 4.40 -13.99
N VAL B 595 -11.19 4.29 -13.27
CA VAL B 595 -11.31 3.32 -12.18
C VAL B 595 -11.37 1.89 -12.79
N LEU B 596 -12.11 1.75 -13.88
CA LEU B 596 -12.13 0.51 -14.65
C LEU B 596 -10.78 0.09 -15.23
N LEU B 597 -9.99 1.06 -15.66
CA LEU B 597 -8.60 0.79 -16.13
C LEU B 597 -7.76 0.18 -15.00
N VAL B 598 -7.72 0.78 -13.82
CA VAL B 598 -6.94 0.31 -12.72
C VAL B 598 -7.42 -1.11 -12.29
N ASP B 599 -8.72 -1.33 -12.34
CA ASP B 599 -9.32 -2.63 -12.01
C ASP B 599 -8.74 -3.72 -12.99
N LYS B 600 -8.78 -3.42 -14.27
CA LYS B 600 -8.22 -4.29 -15.30
C LYS B 600 -6.70 -4.48 -15.13
N ALA B 601 -5.97 -3.41 -14.84
CA ALA B 601 -4.57 -3.52 -14.57
C ALA B 601 -4.29 -4.48 -13.42
N GLN B 602 -5.12 -4.42 -12.39
CA GLN B 602 -5.02 -5.33 -11.24
C GLN B 602 -5.25 -6.76 -11.61
N LEU B 603 -6.24 -7.01 -12.46
CA LEU B 603 -6.52 -8.37 -12.92
C LEU B 603 -5.35 -8.88 -13.76
N LEU B 604 -4.72 -8.01 -14.54
CA LEU B 604 -3.57 -8.42 -15.33
C LEU B 604 -2.27 -8.53 -14.50
N THR B 605 -2.32 -8.18 -13.23
CA THR B 605 -1.18 -8.27 -12.32
C THR B 605 -0.12 -7.18 -12.58
N LEU B 606 -0.57 -6.05 -13.11
CA LEU B 606 0.34 -4.95 -13.51
C LEU B 606 0.55 -4.00 -12.31
N SER B 607 1.74 -3.53 -12.13
CA SER B 607 1.98 -2.33 -11.30
C SER B 607 1.61 -1.03 -12.04
N ALA B 608 1.60 0.08 -11.33
CA ALA B 608 1.29 1.37 -11.98
C ALA B 608 2.28 1.74 -13.09
N PRO B 609 3.58 1.59 -12.87
CA PRO B 609 4.49 1.81 -13.96
C PRO B 609 4.28 0.86 -15.14
N GLU B 610 4.02 -0.44 -14.91
CA GLU B 610 3.69 -1.32 -16.01
C GLU B 610 2.45 -0.93 -16.79
N MET B 611 1.37 -0.57 -16.09
CA MET B 611 0.11 -0.15 -16.73
C MET B 611 0.44 1.13 -17.59
N THR B 612 1.22 2.04 -17.04
CA THR B 612 1.54 3.29 -17.74
C THR B 612 2.28 3.03 -19.06
N VAL B 613 3.34 2.24 -19.00
CA VAL B 613 4.16 1.98 -20.16
C VAL B 613 3.41 1.28 -21.20
N LEU B 614 2.68 0.32 -20.76
CA LEU B 614 1.93 -0.52 -21.64
C LEU B 614 0.89 0.27 -22.43
N LEU B 615 0.12 1.04 -21.69
CA LEU B 615 -0.96 1.84 -22.35
C LEU B 615 -0.38 2.88 -23.37
N GLY B 616 0.72 3.55 -23.00
CA GLY B 616 1.29 4.50 -23.89
C GLY B 616 1.79 3.91 -25.15
N GLY B 617 2.33 2.69 -25.02
CA GLY B 617 2.82 2.00 -26.20
C GLY B 617 1.70 1.48 -27.06
N LEU B 618 0.68 0.84 -26.45
CA LEU B 618 -0.43 0.33 -27.24
C LEU B 618 -1.13 1.46 -28.06
N ARG B 619 -1.28 2.61 -27.46
CA ARG B 619 -1.90 3.77 -28.18
C ARG B 619 -1.19 4.09 -29.52
N VAL B 620 0.15 4.14 -29.50
CA VAL B 620 0.90 4.44 -30.66
C VAL B 620 1.03 3.34 -31.65
N LEU B 621 0.88 2.08 -31.21
CA LEU B 621 0.92 0.94 -32.06
C LEU B 621 -0.36 0.65 -32.82
N GLY B 622 -1.47 1.32 -32.48
CA GLY B 622 -2.73 1.15 -33.17
C GLY B 622 -3.56 0.03 -32.58
N ALA B 623 -3.46 -0.20 -31.25
CA ALA B 623 -4.25 -1.17 -30.63
C ALA B 623 -5.70 -0.70 -30.28
N ASN B 624 -6.07 0.57 -30.49
CA ASN B 624 -7.42 0.99 -30.19
C ASN B 624 -8.46 0.24 -31.01
N VAL B 625 -9.53 -0.10 -30.37
CA VAL B 625 -10.68 -0.65 -31.04
C VAL B 625 -11.23 0.38 -32.01
N GLY B 626 -11.54 -0.09 -33.23
CA GLY B 626 -12.13 0.71 -34.28
C GLY B 626 -11.21 1.72 -34.88
N GLN B 627 -9.93 1.60 -34.68
CA GLN B 627 -9.02 2.63 -35.12
C GLN B 627 -9.31 4.11 -34.56
N SER B 628 -9.95 4.22 -33.39
CA SER B 628 -10.21 5.48 -32.75
C SER B 628 -8.89 6.24 -32.64
N ARG B 629 -8.94 7.55 -32.85
CA ARG B 629 -7.77 8.43 -32.72
C ARG B 629 -7.61 8.91 -31.26
N HIS B 630 -8.54 8.60 -30.40
CA HIS B 630 -8.46 9.06 -29.01
C HIS B 630 -7.18 8.51 -28.30
N GLY B 631 -6.38 9.41 -27.80
CA GLY B 631 -5.11 9.08 -27.17
C GLY B 631 -4.00 8.70 -28.10
N VAL B 632 -4.22 8.79 -29.41
CA VAL B 632 -3.17 8.43 -30.33
C VAL B 632 -2.33 9.63 -30.59
N PHE B 633 -1.53 9.98 -29.63
CA PHE B 633 -0.82 11.25 -29.66
C PHE B 633 0.54 11.11 -30.30
N THR B 634 0.54 10.82 -31.57
CA THR B 634 1.73 10.66 -32.30
C THR B 634 1.45 11.02 -33.76
N ALA B 635 2.45 11.39 -34.50
CA ALA B 635 2.35 11.55 -35.96
C ALA B 635 3.08 10.38 -36.62
N ARG B 636 3.52 9.38 -35.86
CA ARG B 636 4.11 8.15 -36.45
C ARG B 636 3.50 6.94 -35.83
N GLU B 637 2.23 6.74 -36.14
CA GLU B 637 1.46 5.63 -35.69
C GLU B 637 2.16 4.31 -36.21
N GLN B 638 2.12 3.24 -35.41
CA GLN B 638 2.79 1.99 -35.77
C GLN B 638 4.31 2.02 -35.63
N ALA B 639 4.84 3.04 -34.98
CA ALA B 639 6.20 3.07 -34.58
C ALA B 639 6.24 3.13 -33.03
N LEU B 640 7.11 2.30 -32.46
CA LEU B 640 7.22 2.16 -31.01
C LEU B 640 8.05 3.32 -30.44
N THR B 641 7.36 4.37 -30.04
CA THR B 641 8.04 5.52 -29.41
C THR B 641 7.30 5.89 -28.13
N ASN B 642 7.88 6.82 -27.38
CA ASN B 642 7.31 7.40 -26.19
C ASN B 642 6.48 8.68 -26.51
N ASP B 643 6.06 8.84 -27.77
CA ASP B 643 5.31 10.00 -28.17
C ASP B 643 4.08 10.28 -27.32
N PHE B 644 3.36 9.23 -26.87
CA PHE B 644 2.17 9.37 -26.12
C PHE B 644 2.45 10.28 -24.91
N PHE B 645 3.58 10.03 -24.26
CA PHE B 645 3.92 10.75 -23.04
C PHE B 645 4.39 12.18 -23.33
N VAL B 646 5.22 12.35 -24.31
CA VAL B 646 5.86 13.64 -24.61
C VAL B 646 4.70 14.59 -25.04
N ASN B 647 3.74 14.10 -25.85
CA ASN B 647 2.60 14.91 -26.24
C ASN B 647 1.58 15.13 -25.20
N LEU B 648 1.26 14.14 -24.40
CA LEU B 648 0.29 14.30 -23.35
C LEU B 648 0.75 15.43 -22.40
N LEU B 649 2.05 15.44 -22.10
CA LEU B 649 2.57 16.39 -21.06
C LEU B 649 2.89 17.80 -21.59
N ASP B 650 2.69 18.02 -22.86
CA ASP B 650 3.00 19.30 -23.53
C ASP B 650 1.99 20.37 -23.03
N MET B 651 2.54 21.33 -22.27
CA MET B 651 1.75 22.39 -21.74
C MET B 651 1.28 23.39 -22.83
N GLY B 652 1.78 23.27 -24.04
CA GLY B 652 1.31 24.04 -25.20
C GLY B 652 -0.10 23.65 -25.59
N THR B 653 -0.61 22.56 -25.05
CA THR B 653 -1.95 22.16 -25.29
C THR B 653 -2.85 22.30 -24.08
N GLU B 654 -4.07 22.79 -24.34
CA GLU B 654 -5.15 22.95 -23.41
C GLU B 654 -6.28 21.97 -23.69
N TRP B 655 -6.84 21.34 -22.65
CA TRP B 655 -7.82 20.33 -22.82
C TRP B 655 -9.17 20.77 -22.26
N LYS B 656 -10.23 20.45 -22.99
CA LYS B 656 -11.65 20.65 -22.53
C LYS B 656 -12.58 19.56 -22.92
N PRO B 657 -13.60 19.26 -22.08
CA PRO B 657 -14.59 18.30 -22.45
C PRO B 657 -15.40 18.83 -23.63
N THR B 658 -15.83 17.93 -24.52
CA THR B 658 -16.66 18.32 -25.65
C THR B 658 -18.12 18.53 -25.16
N ALA B 659 -18.82 19.39 -25.90
CA ALA B 659 -20.30 19.64 -25.76
C ALA B 659 -21.10 18.37 -25.88
N ALA B 660 -20.91 17.66 -27.01
CA ALA B 660 -21.59 16.38 -27.34
C ALA B 660 -21.37 15.29 -26.24
N ASP B 661 -20.14 15.27 -25.64
CA ASP B 661 -19.73 14.19 -24.79
C ASP B 661 -18.68 14.64 -23.71
N ALA B 662 -19.11 14.72 -22.44
CA ALA B 662 -18.26 15.09 -21.28
C ALA B 662 -17.07 14.13 -21.05
N ASP B 663 -17.15 12.92 -21.61
CA ASP B 663 -16.11 11.88 -21.46
C ASP B 663 -15.10 11.83 -22.65
N VAL B 664 -15.26 12.75 -23.60
CA VAL B 664 -14.29 12.99 -24.61
C VAL B 664 -13.75 14.40 -24.47
N PHE B 665 -12.44 14.56 -24.69
CA PHE B 665 -11.75 15.82 -24.47
C PHE B 665 -11.05 16.19 -25.71
N GLU B 666 -11.02 17.52 -26.02
CA GLU B 666 -10.28 18.03 -27.11
C GLU B 666 -9.09 18.80 -26.60
N GLY B 667 -7.96 18.64 -27.25
CA GLY B 667 -6.70 19.23 -26.83
C GLY B 667 -6.34 20.21 -27.93
N ARG B 668 -6.26 21.46 -27.57
CA ARG B 668 -6.09 22.57 -28.54
C ARG B 668 -4.87 23.34 -28.24
N ASP B 669 -4.16 23.72 -29.27
CA ASP B 669 -3.08 24.68 -29.11
C ASP B 669 -3.50 25.92 -28.28
N ARG B 670 -2.72 26.21 -27.25
CA ARG B 670 -3.02 27.26 -26.33
C ARG B 670 -2.98 28.66 -27.01
N ALA B 671 -2.04 28.89 -27.91
CA ALA B 671 -1.84 30.18 -28.54
C ALA B 671 -2.86 30.33 -29.68
N THR B 672 -3.07 29.32 -30.53
CA THR B 672 -3.99 29.47 -31.68
C THR B 672 -5.39 28.94 -31.55
N GLY B 673 -5.68 27.98 -30.70
CA GLY B 673 -6.96 27.37 -30.60
C GLY B 673 -7.16 26.23 -31.57
N GLU B 674 -6.22 25.96 -32.42
CA GLU B 674 -6.33 24.84 -33.27
C GLU B 674 -6.36 23.44 -32.49
N LEU B 675 -7.23 22.55 -32.96
CA LEU B 675 -7.35 21.18 -32.46
C LEU B 675 -6.13 20.39 -32.77
N LYS B 676 -5.45 19.90 -31.72
N LYS B 676 -5.48 19.80 -31.75
CA LYS B 676 -4.29 18.99 -31.89
CA LYS B 676 -4.36 18.92 -32.06
C LYS B 676 -4.66 17.48 -31.75
C LYS B 676 -4.69 17.43 -31.77
N TRP B 677 -5.47 17.17 -30.73
CA TRP B 677 -5.80 15.78 -30.39
C TRP B 677 -7.08 15.66 -29.71
N THR B 678 -7.62 14.41 -29.58
CA THR B 678 -8.72 14.13 -28.68
C THR B 678 -8.34 12.93 -27.80
N GLY B 679 -8.96 12.81 -26.65
CA GLY B 679 -8.70 11.73 -25.70
C GLY B 679 -9.90 11.47 -24.86
N THR B 680 -9.91 10.30 -24.20
CA THR B 680 -10.90 9.93 -23.24
C THR B 680 -10.37 10.19 -21.84
N ARG B 681 -11.19 9.85 -20.86
CA ARG B 681 -10.78 9.90 -19.49
C ARG B 681 -9.55 8.97 -19.19
N VAL B 682 -9.51 7.81 -19.84
CA VAL B 682 -8.37 6.85 -19.71
C VAL B 682 -7.08 7.43 -20.24
N ASP B 683 -7.14 8.16 -21.32
CA ASP B 683 -5.98 8.86 -21.82
C ASP B 683 -5.52 10.00 -20.93
N LEU B 684 -6.45 10.87 -20.55
CA LEU B 684 -6.08 12.01 -19.80
C LEU B 684 -5.78 11.87 -18.35
N VAL B 685 -6.18 10.74 -17.75
CA VAL B 685 -5.91 10.53 -16.32
C VAL B 685 -4.40 10.52 -16.07
N PHE B 686 -3.63 10.11 -17.05
CA PHE B 686 -2.16 10.03 -16.95
C PHE B 686 -1.52 11.40 -16.89
N GLY B 687 -2.27 12.44 -17.36
CA GLY B 687 -1.84 13.81 -17.18
C GLY B 687 -2.50 14.55 -16.03
N SER B 688 -3.31 13.86 -15.27
CA SER B 688 -4.07 14.50 -14.23
C SER B 688 -3.78 13.96 -12.86
N HIS B 689 -3.94 12.65 -12.68
CA HIS B 689 -3.66 11.99 -11.40
C HIS B 689 -2.16 12.28 -11.00
N SER B 690 -1.91 12.76 -9.78
CA SER B 690 -0.59 13.21 -9.48
C SER B 690 0.47 12.09 -9.42
N GLN B 691 0.08 10.87 -9.07
N GLN B 691 0.06 10.88 -9.08
CA GLN B 691 1.02 9.73 -9.12
CA GLN B 691 0.96 9.72 -9.09
C GLN B 691 1.18 9.14 -10.51
C GLN B 691 1.21 9.19 -10.52
N LEU B 692 0.15 9.12 -11.32
CA LEU B 692 0.25 8.68 -12.67
C LEU B 692 1.08 9.69 -13.55
N ARG B 693 0.89 10.96 -13.28
CA ARG B 693 1.58 11.97 -14.07
C ARG B 693 3.05 11.92 -13.73
N ALA B 694 3.38 11.58 -12.47
CA ALA B 694 4.81 11.38 -12.10
C ALA B 694 5.46 10.25 -12.92
N LEU B 695 4.71 9.22 -13.15
CA LEU B 695 5.16 8.12 -13.95
C LEU B 695 5.25 8.50 -15.44
N ALA B 696 4.25 9.15 -15.95
CA ALA B 696 4.31 9.61 -17.30
C ALA B 696 5.49 10.53 -17.58
N GLU B 697 5.87 11.38 -16.61
CA GLU B 697 7.02 12.26 -16.76
C GLU B 697 8.33 11.56 -16.99
N VAL B 698 8.48 10.41 -16.31
CA VAL B 698 9.68 9.56 -16.51
C VAL B 698 9.79 9.14 -17.95
N TYR B 699 8.74 8.66 -18.52
CA TYR B 699 8.74 8.12 -19.89
C TYR B 699 8.68 9.18 -20.98
N GLY B 700 8.27 10.37 -20.59
CA GLY B 700 8.17 11.53 -21.50
C GLY B 700 9.39 12.42 -21.42
N SER B 701 10.42 12.00 -20.72
CA SER B 701 11.65 12.76 -20.63
C SER B 701 12.57 12.47 -21.86
N ALA B 702 13.50 13.38 -22.09
CA ALA B 702 14.36 13.37 -23.26
C ALA B 702 15.35 12.20 -23.29
N ASP B 703 15.69 11.70 -22.16
CA ASP B 703 16.56 10.55 -21.97
C ASP B 703 15.83 9.21 -21.91
N ALA B 704 14.54 9.13 -22.22
CA ALA B 704 13.73 7.94 -21.84
C ALA B 704 13.33 7.11 -23.04
N GLN B 705 13.71 7.45 -24.28
CA GLN B 705 13.19 6.66 -25.38
C GLN B 705 13.60 5.18 -25.32
N GLU B 706 14.88 4.92 -24.95
CA GLU B 706 15.34 3.57 -24.86
C GLU B 706 14.74 2.82 -23.66
N LYS B 707 14.64 3.47 -22.54
CA LYS B 707 13.93 2.93 -21.41
C LYS B 707 12.49 2.60 -21.71
N PHE B 708 11.77 3.48 -22.39
CA PHE B 708 10.44 3.19 -22.77
C PHE B 708 10.35 1.93 -23.64
N VAL B 709 11.19 1.80 -24.64
CA VAL B 709 11.10 0.66 -25.52
C VAL B 709 11.39 -0.63 -24.71
N ARG B 710 12.45 -0.61 -23.91
N ARG B 710 12.39 -0.60 -23.87
CA ARG B 710 12.83 -1.75 -23.08
CA ARG B 710 12.74 -1.83 -23.24
C ARG B 710 11.73 -2.21 -22.10
C ARG B 710 11.70 -2.20 -22.14
N ASP B 711 11.20 -1.23 -21.39
CA ASP B 711 10.13 -1.44 -20.43
C ASP B 711 8.82 -1.93 -21.11
N PHE B 712 8.56 -1.44 -22.31
CA PHE B 712 7.39 -1.85 -23.09
C PHE B 712 7.58 -3.27 -23.47
N VAL B 713 8.71 -3.66 -24.00
CA VAL B 713 8.91 -5.05 -24.43
C VAL B 713 8.79 -6.01 -23.18
N ALA B 714 9.34 -5.59 -22.04
CA ALA B 714 9.18 -6.37 -20.87
C ALA B 714 7.74 -6.63 -20.46
N VAL B 715 6.94 -5.59 -20.43
CA VAL B 715 5.54 -5.71 -20.00
C VAL B 715 4.70 -6.47 -21.07
N TRP B 716 4.99 -6.24 -22.34
CA TRP B 716 4.34 -6.97 -23.39
C TRP B 716 4.56 -8.49 -23.18
N ASN B 717 5.83 -8.87 -22.96
CA ASN B 717 6.18 -10.26 -22.75
C ASN B 717 5.50 -10.82 -21.50
N LYS B 718 5.41 -10.03 -20.44
CA LYS B 718 4.78 -10.42 -19.23
C LYS B 718 3.32 -10.80 -19.50
N VAL B 719 2.62 -9.93 -20.17
CA VAL B 719 1.21 -10.19 -20.56
C VAL B 719 1.05 -11.45 -21.44
N MET B 720 1.94 -11.60 -22.40
CA MET B 720 1.88 -12.77 -23.28
C MET B 720 2.12 -14.11 -22.47
N ASN B 721 2.76 -14.06 -21.31
CA ASN B 721 3.04 -15.27 -20.57
C ASN B 721 2.20 -15.44 -19.28
N LEU B 722 1.14 -14.65 -19.08
CA LEU B 722 0.46 -14.66 -17.79
C LEU B 722 -0.11 -16.03 -17.42
N ASP B 723 -0.57 -16.78 -18.43
CA ASP B 723 -1.18 -18.03 -18.20
C ASP B 723 -0.22 -19.22 -18.36
N ARG B 724 1.09 -18.97 -18.42
CA ARG B 724 2.02 -20.00 -18.82
C ARG B 724 2.49 -20.78 -17.57
N PHE B 725 1.55 -21.37 -16.91
CA PHE B 725 1.81 -22.16 -15.70
C PHE B 725 2.59 -23.47 -16.00
N ASP B 726 2.52 -23.98 -17.24
CA ASP B 726 3.39 -25.08 -17.72
C ASP B 726 4.86 -24.72 -17.67
N LEU B 727 5.29 -23.47 -17.62
CA LEU B 727 6.70 -23.11 -17.56
C LEU B 727 7.06 -22.60 -16.15
N ALA B 728 6.09 -22.52 -15.24
CA ALA B 728 6.21 -21.87 -13.87
C ALA B 728 7.23 -22.55 -12.94
CHA HEM C . 4.53 35.22 -0.46
CHB HEM C . 3.18 34.56 4.11
CHC HEM C . 7.64 33.25 5.30
CHD HEM C . 9.00 33.92 0.74
C1A HEM C . 3.71 34.92 0.61
C2A HEM C . 2.31 35.04 0.66
C3A HEM C . 1.94 34.97 1.93
C4A HEM C . 3.12 34.72 2.70
CMA HEM C . 0.55 35.01 2.57
CAA HEM C . 1.44 35.37 -0.50
CBA HEM C . 1.13 34.15 -1.33
CGA HEM C . 0.37 34.66 -2.61
O1A HEM C . -0.80 35.22 -2.36
O2A HEM C . 0.82 34.61 -3.78
C1B HEM C . 4.29 34.17 4.87
C2B HEM C . 4.25 34.01 6.32
C3B HEM C . 5.49 33.52 6.66
C4B HEM C . 6.27 33.59 5.41
CMB HEM C . 2.98 34.07 7.19
CAB HEM C . 6.12 33.21 7.95
CBB HEM C . 5.64 33.76 9.06
C1C HEM C . 8.40 33.19 4.14
C2C HEM C . 9.71 32.68 4.02
C3C HEM C . 10.12 32.86 2.69
C4C HEM C . 9.00 33.41 2.00
CMC HEM C . 10.46 32.01 5.15
CAC HEM C . 11.42 32.57 2.03
CBC HEM C . 12.66 32.74 2.54
C1D HEM C . 7.94 34.46 0.07
C2D HEM C . 7.99 34.93 -1.32
C3D HEM C . 6.74 35.31 -1.64
C4D HEM C . 5.92 34.99 -0.46
CMD HEM C . 9.17 35.03 -2.22
CAD HEM C . 6.24 35.91 -2.94
CBD HEM C . 5.72 34.98 -4.03
CGD HEM C . 5.47 35.58 -5.39
O1D HEM C . 4.59 35.01 -6.19
O2D HEM C . 6.20 36.53 -5.70
NA HEM C . 4.23 34.85 1.90
NB HEM C . 5.51 34.03 4.43
NC HEM C . 8.08 33.72 2.97
ND HEM C . 6.67 34.60 0.58
FE HEM C . 6.14 34.36 2.43
NA NA D . 11.43 14.57 6.23
P PO4 E . -2.48 51.95 -3.97
O1 PO4 E . -2.14 52.74 -5.23
O2 PO4 E . -3.93 52.15 -3.56
O3 PO4 E . -1.61 52.48 -2.86
O4 PO4 E . -2.39 50.45 -4.07
C1 MPD F . -8.85 28.17 -1.48
C2 MPD F . -7.96 29.39 -1.34
O2 MPD F . -6.64 28.99 -1.64
CM MPD F . -8.24 30.53 -2.35
C3 MPD F . -7.98 29.70 0.15
C4 MPD F . -7.32 31.03 0.43
O4 MPD F . -8.26 31.91 -0.24
C5 MPD F . -7.01 31.32 1.94
C1 MPD G . 14.64 23.30 -23.95
C2 MPD G . 14.57 24.24 -22.73
O2 MPD G . 14.05 23.57 -21.51
CM MPD G . 15.96 24.70 -22.50
C3 MPD G . 13.73 25.48 -22.87
C4 MPD G . 13.58 26.19 -24.24
O4 MPD G . 13.81 27.58 -23.92
C5 MPD G . 14.34 25.77 -25.54
CHA HEM H . -24.34 -24.40 8.57
CHB HEM H . -26.89 -21.47 5.75
CHC HEM H . -24.99 -23.75 1.96
CHD HEM H . -22.47 -26.67 4.76
C1A HEM H . -25.05 -23.31 8.09
C2A HEM H . -25.66 -22.29 8.95
C3A HEM H . -26.37 -21.58 8.18
C4A HEM H . -26.21 -22.06 6.85
CMA HEM H . -27.27 -20.39 8.54
CAA HEM H . -25.59 -22.17 10.41
CBA HEM H . -24.33 -21.51 10.94
CGA HEM H . -24.37 -21.55 12.49
O1A HEM H . -25.33 -20.95 13.11
O2A HEM H . -23.44 -22.25 13.07
C1B HEM H . -26.60 -21.87 4.41
C2B HEM H . -27.26 -21.37 3.22
C3B HEM H . -26.75 -22.00 2.19
C4B HEM H . -25.73 -22.88 2.75
CMB HEM H . -28.23 -20.24 3.30
CAB HEM H . -27.00 -21.81 0.76
CBB HEM H . -28.15 -21.45 0.35
C1C HEM H . -24.00 -24.59 2.40
C2C HEM H . -23.20 -25.37 1.52
C3C HEM H . -22.42 -26.18 2.34
C4C HEM H . -22.89 -25.95 3.66
CMC HEM H . -22.95 -25.28 0.00
CAC HEM H . -21.37 -27.18 2.03
CBC HEM H . -21.28 -27.98 1.02
C1D HEM H . -22.82 -26.30 6.06
C2D HEM H . -22.51 -27.09 7.23
C3D HEM H . -22.99 -26.43 8.34
C4D HEM H . -23.65 -25.29 7.77
CMD HEM H . -21.68 -28.32 7.28
CAD HEM H . -22.88 -26.92 9.73
CBD HEM H . -21.95 -26.19 10.69
CGD HEM H . -21.66 -26.79 12.01
O1D HEM H . -21.02 -26.10 12.88
O2D HEM H . -21.98 -28.03 12.17
NA HEM H . -25.50 -23.20 6.82
NB HEM H . -25.89 -22.94 4.06
NC HEM H . -23.99 -25.11 3.61
ND HEM H . -23.66 -25.32 6.40
FE HEM H . -24.79 -24.19 5.25
NA NA I . -10.12 -15.27 -6.64
P PO4 J . -37.87 -29.89 19.98
O1 PO4 J . -36.71 -28.97 19.71
O2 PO4 J . -38.23 -30.88 18.90
O3 PO4 J . -39.03 -28.95 20.33
O4 PO4 J . -37.31 -30.53 21.23
C1 MPD K . -24.13 -10.60 14.18
C2 MPD K . -24.37 -12.04 14.57
O2 MPD K . -23.14 -12.73 14.81
CM MPD K . -25.09 -12.17 15.90
C3 MPD K . -25.00 -12.75 13.37
C4 MPD K . -26.47 -12.36 13.06
O4 MPD K . -26.85 -12.91 11.74
C5 MPD K . -27.45 -12.85 14.16
#